data_148L
# 
_entry.id   148L 
# 
_audit_conform.dict_name       mmcif_pdbx.dic 
_audit_conform.dict_version    5.381 
_audit_conform.dict_location   http://mmcif.pdb.org/dictionaries/ascii/mmcif_pdbx.dic 
# 
loop_
_database_2.database_id 
_database_2.database_code 
_database_2.pdbx_database_accession 
_database_2.pdbx_DOI 
PDB   148L         pdb_0000148l 10.2210/pdb148l/pdb 
WWPDB D_1000170110 ?            ?                   
# 
_pdbx_database_status.status_code                     REL 
_pdbx_database_status.entry_id                        148L 
_pdbx_database_status.recvd_initial_deposition_date   1993-10-27 
_pdbx_database_status.deposit_site                    ? 
_pdbx_database_status.process_site                    BNL 
_pdbx_database_status.SG_entry                        ? 
_pdbx_database_status.status_code_sf                  REL 
_pdbx_database_status.status_code_mr                  ? 
_pdbx_database_status.status_code_cs                  ? 
_pdbx_database_status.pdb_format_compatible           Y 
_pdbx_database_status.methods_development_category    ? 
_pdbx_database_status.status_code_nmr_data            ? 
# 
loop_
_audit_author.name 
_audit_author.pdbx_ordinal 
'Kuroki, R.'     1 
'Weaver, L.H.'   2 
'Matthews, B.W.' 3 
# 
loop_
_citation.id 
_citation.title 
_citation.journal_abbrev 
_citation.journal_volume 
_citation.page_first 
_citation.page_last 
_citation.year 
_citation.journal_id_ASTM 
_citation.country 
_citation.journal_id_ISSN 
_citation.journal_id_CSD 
_citation.book_publisher 
_citation.pdbx_database_id_PubMed 
_citation.pdbx_database_id_DOI 
primary 'A covalent enzyme-substrate intermediate with saccharide distortion in a mutant T4 lysozyme.' Science     262 2030 2033 
1993 SCIEAS US 0036-8075 0038 ? 8266098 ? 
1       'Structure of Bacteriophage T4 Lysozyme Refined at 1.7 Angstroms Resolution'                   J.Mol.Biol. 193 189  ?    
1987 JMOBAK UK 0022-2836 0070 ? ?       ? 
# 
loop_
_citation_author.citation_id 
_citation_author.name 
_citation_author.ordinal 
_citation_author.identifier_ORCID 
primary 'Kuroki, R.'     1 ? 
primary 'Weaver, L.H.'   2 ? 
primary 'Matthews, B.W.' 3 ? 
1       'Weaver, L.H.'   4 ? 
1       'Matthews, B.W.' 5 ? 
# 
_cell.entry_id           148L 
_cell.length_a           50.900 
_cell.length_b           67.300 
_cell.length_c           49.600 
_cell.angle_alpha        90.00 
_cell.angle_beta         90.00 
_cell.angle_gamma        90.00 
_cell.Z_PDB              4 
_cell.pdbx_unique_axis   ? 
_cell.length_a_esd       ? 
_cell.length_b_esd       ? 
_cell.length_c_esd       ? 
_cell.angle_alpha_esd    ? 
_cell.angle_beta_esd     ? 
_cell.angle_gamma_esd    ? 
# 
_symmetry.entry_id                         148L 
_symmetry.space_group_name_H-M             'P 21 21 2' 
_symmetry.pdbx_full_space_group_name_H-M   ? 
_symmetry.cell_setting                     ? 
_symmetry.Int_Tables_number                18 
_symmetry.space_group_name_Hall            ? 
# 
loop_
_entity.id 
_entity.type 
_entity.src_method 
_entity.pdbx_description 
_entity.formula_weight 
_entity.pdbx_number_of_molecules 
_entity.pdbx_ec 
_entity.pdbx_mutation 
_entity.pdbx_fragment 
_entity.details 
1 polymer     man 'T4 LYSOZYME'                                                                18656.373 1   3.2.1.17 ? ? ? 
2 polymer     nat 'SUBSTRATE CLEAVED FROM CELL WALL OF ESCHERICHIA COLI'                       461.466   1   ?        ? ? ? 
3 branched    man '2-acetamido-2-deoxy-beta-D-glucopyranose-(1-4)-N-acetyl-alpha-muramic acid' 496.463   1   ?        ? ? ? 
4 non-polymer syn BETA-MERCAPTOETHANOL                                                         78.133    1   ?        ? ? ? 
5 water       nat water                                                                        18.015    140 ?        ? ? ? 
# 
loop_
_entity_poly.entity_id 
_entity_poly.type 
_entity_poly.nstd_linkage 
_entity_poly.nstd_monomer 
_entity_poly.pdbx_seq_one_letter_code 
_entity_poly.pdbx_seq_one_letter_code_can 
_entity_poly.pdbx_strand_id 
_entity_poly.pdbx_target_identifier 
1 'polypeptide(L)' no no  
;MNIFEMLRIDEGLRLKIYKDTEGYYEIGIGHLLTKSPSLNAAKSELDKAIGRNTNGVITKDEAEKLFNQDVDAAVRGILR
NAKLKPVYDSLDAVRRAALINMVFQMGETGVAGFTNSLRMLQQKRWDEAAVNLAKSRWYNQTPNRAKRVITTFRTGTWDA
YKNL
;
;MNIFEMLRIDEGLRLKIYKDTEGYYEIGIGHLLTKSPSLNAAKSELDKAIGRNTNGVITKDEAEKLFNQDVDAAVRGILR
NAKLKPVYDSLDAVRRAALINMVFQMGETGVAGFTNSLRMLQQKRWDEAAVNLAKSRWYNQTPNRAKRVITTFRTGTWDA
YKNL
;
E ? 
2 'polypeptide(L)' no yes 'A(FGA)(API)(DAL)' AEKA S ? 
# 
loop_
_entity_poly_seq.entity_id 
_entity_poly_seq.num 
_entity_poly_seq.mon_id 
_entity_poly_seq.hetero 
1 1   MET n 
1 2   ASN n 
1 3   ILE n 
1 4   PHE n 
1 5   GLU n 
1 6   MET n 
1 7   LEU n 
1 8   ARG n 
1 9   ILE n 
1 10  ASP n 
1 11  GLU n 
1 12  GLY n 
1 13  LEU n 
1 14  ARG n 
1 15  LEU n 
1 16  LYS n 
1 17  ILE n 
1 18  TYR n 
1 19  LYS n 
1 20  ASP n 
1 21  THR n 
1 22  GLU n 
1 23  GLY n 
1 24  TYR n 
1 25  TYR n 
1 26  GLU n 
1 27  ILE n 
1 28  GLY n 
1 29  ILE n 
1 30  GLY n 
1 31  HIS n 
1 32  LEU n 
1 33  LEU n 
1 34  THR n 
1 35  LYS n 
1 36  SER n 
1 37  PRO n 
1 38  SER n 
1 39  LEU n 
1 40  ASN n 
1 41  ALA n 
1 42  ALA n 
1 43  LYS n 
1 44  SER n 
1 45  GLU n 
1 46  LEU n 
1 47  ASP n 
1 48  LYS n 
1 49  ALA n 
1 50  ILE n 
1 51  GLY n 
1 52  ARG n 
1 53  ASN n 
1 54  THR n 
1 55  ASN n 
1 56  GLY n 
1 57  VAL n 
1 58  ILE n 
1 59  THR n 
1 60  LYS n 
1 61  ASP n 
1 62  GLU n 
1 63  ALA n 
1 64  GLU n 
1 65  LYS n 
1 66  LEU n 
1 67  PHE n 
1 68  ASN n 
1 69  GLN n 
1 70  ASP n 
1 71  VAL n 
1 72  ASP n 
1 73  ALA n 
1 74  ALA n 
1 75  VAL n 
1 76  ARG n 
1 77  GLY n 
1 78  ILE n 
1 79  LEU n 
1 80  ARG n 
1 81  ASN n 
1 82  ALA n 
1 83  LYS n 
1 84  LEU n 
1 85  LYS n 
1 86  PRO n 
1 87  VAL n 
1 88  TYR n 
1 89  ASP n 
1 90  SER n 
1 91  LEU n 
1 92  ASP n 
1 93  ALA n 
1 94  VAL n 
1 95  ARG n 
1 96  ARG n 
1 97  ALA n 
1 98  ALA n 
1 99  LEU n 
1 100 ILE n 
1 101 ASN n 
1 102 MET n 
1 103 VAL n 
1 104 PHE n 
1 105 GLN n 
1 106 MET n 
1 107 GLY n 
1 108 GLU n 
1 109 THR n 
1 110 GLY n 
1 111 VAL n 
1 112 ALA n 
1 113 GLY n 
1 114 PHE n 
1 115 THR n 
1 116 ASN n 
1 117 SER n 
1 118 LEU n 
1 119 ARG n 
1 120 MET n 
1 121 LEU n 
1 122 GLN n 
1 123 GLN n 
1 124 LYS n 
1 125 ARG n 
1 126 TRP n 
1 127 ASP n 
1 128 GLU n 
1 129 ALA n 
1 130 ALA n 
1 131 VAL n 
1 132 ASN n 
1 133 LEU n 
1 134 ALA n 
1 135 LYS n 
1 136 SER n 
1 137 ARG n 
1 138 TRP n 
1 139 TYR n 
1 140 ASN n 
1 141 GLN n 
1 142 THR n 
1 143 PRO n 
1 144 ASN n 
1 145 ARG n 
1 146 ALA n 
1 147 LYS n 
1 148 ARG n 
1 149 VAL n 
1 150 ILE n 
1 151 THR n 
1 152 THR n 
1 153 PHE n 
1 154 ARG n 
1 155 THR n 
1 156 GLY n 
1 157 THR n 
1 158 TRP n 
1 159 ASP n 
1 160 ALA n 
1 161 TYR n 
1 162 LYS n 
1 163 ASN n 
1 164 LEU n 
2 1   ALA n 
2 2   FGA n 
2 3   API n 
2 4   DAL n 
# 
_entity_src_gen.entity_id                          1 
_entity_src_gen.pdbx_src_id                        1 
_entity_src_gen.pdbx_alt_source_flag               sample 
_entity_src_gen.pdbx_seq_type                      ? 
_entity_src_gen.pdbx_beg_seq_num                   ? 
_entity_src_gen.pdbx_end_seq_num                   ? 
_entity_src_gen.gene_src_common_name               ? 
_entity_src_gen.gene_src_genus                     'T4-like viruses' 
_entity_src_gen.pdbx_gene_src_gene                 ? 
_entity_src_gen.gene_src_species                   'Enterobacteria phage T4 sensu lato' 
_entity_src_gen.gene_src_strain                    ? 
_entity_src_gen.gene_src_tissue                    ? 
_entity_src_gen.gene_src_tissue_fraction           ? 
_entity_src_gen.gene_src_details                   ? 
_entity_src_gen.pdbx_gene_src_fragment             ? 
_entity_src_gen.pdbx_gene_src_scientific_name      'Enterobacteria phage T4' 
_entity_src_gen.pdbx_gene_src_ncbi_taxonomy_id     10665 
_entity_src_gen.pdbx_gene_src_variant              ? 
_entity_src_gen.pdbx_gene_src_cell_line            ? 
_entity_src_gen.pdbx_gene_src_atcc                 ? 
_entity_src_gen.pdbx_gene_src_organ                ? 
_entity_src_gen.pdbx_gene_src_organelle            ? 
_entity_src_gen.pdbx_gene_src_cell                 ? 
_entity_src_gen.pdbx_gene_src_cellular_location    ? 
_entity_src_gen.host_org_common_name               ? 
_entity_src_gen.pdbx_host_org_scientific_name      ? 
_entity_src_gen.pdbx_host_org_ncbi_taxonomy_id     ? 
_entity_src_gen.host_org_genus                     ? 
_entity_src_gen.pdbx_host_org_gene                 ? 
_entity_src_gen.pdbx_host_org_organ                ? 
_entity_src_gen.host_org_species                   ? 
_entity_src_gen.pdbx_host_org_tissue               ? 
_entity_src_gen.pdbx_host_org_tissue_fraction      ? 
_entity_src_gen.pdbx_host_org_strain               ? 
_entity_src_gen.pdbx_host_org_variant              ? 
_entity_src_gen.pdbx_host_org_cell_line            ? 
_entity_src_gen.pdbx_host_org_atcc                 ? 
_entity_src_gen.pdbx_host_org_culture_collection   ? 
_entity_src_gen.pdbx_host_org_cell                 ? 
_entity_src_gen.pdbx_host_org_organelle            ? 
_entity_src_gen.pdbx_host_org_cellular_location    ? 
_entity_src_gen.pdbx_host_org_vector_type          PLASMID 
_entity_src_gen.pdbx_host_org_vector               ? 
_entity_src_gen.host_org_details                   ? 
_entity_src_gen.expression_system_id               ? 
_entity_src_gen.plasmid_name                       M13 
_entity_src_gen.plasmid_details                    ? 
_entity_src_gen.pdbx_description                   ? 
# 
_entity_src_nat.entity_id                  2 
_entity_src_nat.pdbx_src_id                1 
_entity_src_nat.pdbx_alt_source_flag       sample 
_entity_src_nat.pdbx_beg_seq_num           ? 
_entity_src_nat.pdbx_end_seq_num           ? 
_entity_src_nat.common_name                ? 
_entity_src_nat.pdbx_organism_scientific   'ESCHERICHIA COLI' 
_entity_src_nat.pdbx_ncbi_taxonomy_id      562 
_entity_src_nat.genus                      ? 
_entity_src_nat.species                    ? 
_entity_src_nat.strain                     ? 
_entity_src_nat.tissue                     'CELL WALL' 
_entity_src_nat.tissue_fraction            ? 
_entity_src_nat.pdbx_secretion             ? 
_entity_src_nat.pdbx_fragment              ? 
_entity_src_nat.pdbx_variant               ? 
_entity_src_nat.pdbx_cell_line             ? 
_entity_src_nat.pdbx_atcc                  ? 
_entity_src_nat.pdbx_cellular_location     ? 
_entity_src_nat.pdbx_organ                 ? 
_entity_src_nat.pdbx_organelle             ? 
_entity_src_nat.pdbx_cell                  ? 
_entity_src_nat.pdbx_plasmid_name          ? 
_entity_src_nat.pdbx_plasmid_details       ? 
_entity_src_nat.details                    ? 
# 
loop_
_struct_ref.id 
_struct_ref.db_name 
_struct_ref.db_code 
_struct_ref.entity_id 
_struct_ref.pdbx_db_accession 
_struct_ref.pdbx_align_begin 
_struct_ref.pdbx_seq_one_letter_code 
_struct_ref.pdbx_db_isoform 
1 UNP LYCV_BPT4 1 P00720 1 
;MNIFEMLRIDEGLRLKIYKDTEGYYTIGIGHLLTKSPSLNAAKSELDKAIGRNCNGVITKDEAEKLFNQDVDAAVRGILR
NAKLKPVYDSLDAVRRCALINMVFQMGETGVAGFTNSLRMLQQKRWDEAAVNLAKSRWYNQTPNRAKRVITTFRTGTWDA
YKNL
;
? 
2 PDB 148L      2 148L   ? AEKA ? 
# 
loop_
_struct_ref_seq.align_id 
_struct_ref_seq.ref_id 
_struct_ref_seq.pdbx_PDB_id_code 
_struct_ref_seq.pdbx_strand_id 
_struct_ref_seq.seq_align_beg 
_struct_ref_seq.pdbx_seq_align_beg_ins_code 
_struct_ref_seq.seq_align_end 
_struct_ref_seq.pdbx_seq_align_end_ins_code 
_struct_ref_seq.pdbx_db_accession 
_struct_ref_seq.db_align_beg 
_struct_ref_seq.pdbx_db_align_beg_ins_code 
_struct_ref_seq.db_align_end 
_struct_ref_seq.pdbx_db_align_end_ins_code 
_struct_ref_seq.pdbx_auth_seq_align_beg 
_struct_ref_seq.pdbx_auth_seq_align_end 
1 1 148L E 1 ? 164 ? P00720 1   ? 164 ? 1   164 
2 2 148L S 1 ? 4   ? 148L   166 ? 170 ? 166 170 
# 
loop_
_struct_ref_seq_dif.align_id 
_struct_ref_seq_dif.pdbx_pdb_id_code 
_struct_ref_seq_dif.mon_id 
_struct_ref_seq_dif.pdbx_pdb_strand_id 
_struct_ref_seq_dif.seq_num 
_struct_ref_seq_dif.pdbx_pdb_ins_code 
_struct_ref_seq_dif.pdbx_seq_db_name 
_struct_ref_seq_dif.pdbx_seq_db_accession_code 
_struct_ref_seq_dif.db_mon_id 
_struct_ref_seq_dif.pdbx_seq_db_seq_num 
_struct_ref_seq_dif.details 
_struct_ref_seq_dif.pdbx_auth_seq_num 
_struct_ref_seq_dif.pdbx_ordinal 
1 148L GLU E 26 ? UNP P00720 THR 26 conflict 26 1 
1 148L THR E 54 ? UNP P00720 CYS 54 conflict 54 2 
1 148L ALA E 97 ? UNP P00720 CYS 97 conflict 97 3 
# 
loop_
_chem_comp.id 
_chem_comp.type 
_chem_comp.mon_nstd_flag 
_chem_comp.name 
_chem_comp.pdbx_synonyms 
_chem_comp.formula 
_chem_comp.formula_weight 
ALA 'L-peptide linking'                y ALANINE                                  ? 'C3 H7 N O2'     89.093  
API 'L-peptide linking'                n '2,6-DIAMINOPIMELIC ACID'                ? 'C7 H14 N2 O4'   190.197 
ARG 'L-peptide linking'                y ARGININE                                 ? 'C6 H15 N4 O2 1' 175.209 
ASN 'L-peptide linking'                y ASPARAGINE                               ? 'C4 H8 N2 O3'    132.118 
ASP 'L-peptide linking'                y 'ASPARTIC ACID'                          ? 'C4 H7 N O4'     133.103 
BME non-polymer                        . BETA-MERCAPTOETHANOL                     ? 'C2 H6 O S'      78.133  
CYS 'L-peptide linking'                y CYSTEINE                                 ? 'C3 H7 N O2 S'   121.158 
DAL 'D-peptide linking'                . D-ALANINE                                ? 'C3 H7 N O2'     89.093  
FGA 'D-gamma-peptide, C-delta linking' . 'GAMMA-D-GLUTAMIC ACID'                  'D-GLUTAMIC ACID' 'C5 H9 N O4'     147.129 
GLN 'L-peptide linking'                y GLUTAMINE                                ? 'C5 H10 N2 O3'   146.144 
GLU 'L-peptide linking'                y 'GLUTAMIC ACID'                          ? 'C5 H9 N O4'     147.129 
GLY 'peptide linking'                  y GLYCINE                                  ? 'C2 H5 N O2'     75.067  
HIS 'L-peptide linking'                y HISTIDINE                                ? 'C6 H10 N3 O2 1' 156.162 
HOH non-polymer                        . WATER                                    ? 'H2 O'           18.015  
ILE 'L-peptide linking'                y ISOLEUCINE                               ? 'C6 H13 N O2'    131.173 
LEU 'L-peptide linking'                y LEUCINE                                  ? 'C6 H13 N O2'    131.173 
LYS 'L-peptide linking'                y LYSINE                                   ? 'C6 H15 N2 O2 1' 147.195 
MET 'L-peptide linking'                y METHIONINE                               ? 'C5 H11 N O2 S'  149.211 
MUB 'D-saccharide, alpha linking'      . 'N-acetyl-alpha-muramic acid'            'N-acetyl-muramic acid; N-ACETYLMURAMIC ACID' 
'C11 H19 N O8'   293.270 
NAG 'D-saccharide, beta linking'       . 2-acetamido-2-deoxy-beta-D-glucopyranose 
;N-acetyl-beta-D-glucosamine; 2-acetamido-2-deoxy-beta-D-glucose; 2-acetamido-2-deoxy-D-glucose; 2-acetamido-2-deoxy-glucose; N-ACETYL-D-GLUCOSAMINE
;
'C8 H15 N O6'    221.208 
PHE 'L-peptide linking'                y PHENYLALANINE                            ? 'C9 H11 N O2'    165.189 
PRO 'L-peptide linking'                y PROLINE                                  ? 'C5 H9 N O2'     115.130 
SER 'L-peptide linking'                y SERINE                                   ? 'C3 H7 N O3'     105.093 
THR 'L-peptide linking'                y THREONINE                                ? 'C4 H9 N O3'     119.119 
TRP 'L-peptide linking'                y TRYPTOPHAN                               ? 'C11 H12 N2 O2'  204.225 
TYR 'L-peptide linking'                y TYROSINE                                 ? 'C9 H11 N O3'    181.189 
VAL 'L-peptide linking'                y VALINE                                   ? 'C5 H11 N O2'    117.146 
# 
_exptl.entry_id          148L 
_exptl.method            'X-RAY DIFFRACTION' 
_exptl.crystals_number   ? 
# 
_exptl_crystal.id                    1 
_exptl_crystal.density_meas          ? 
_exptl_crystal.density_Matthews      2.17 
_exptl_crystal.density_percent_sol   43.25 
_exptl_crystal.description           ? 
_exptl_crystal.F_000                 ? 
_exptl_crystal.preparation           ? 
# 
_diffrn.id                     1 
_diffrn.ambient_temp           ? 
_diffrn.ambient_temp_details   ? 
_diffrn.crystal_id             1 
# 
_diffrn_radiation.diffrn_id                        1 
_diffrn_radiation.wavelength_id                    1 
_diffrn_radiation.pdbx_monochromatic_or_laue_m_l   ? 
_diffrn_radiation.monochromator                    ? 
_diffrn_radiation.pdbx_diffrn_protocol             ? 
_diffrn_radiation.pdbx_scattering_type             x-ray 
# 
_diffrn_radiation_wavelength.id           1 
_diffrn_radiation_wavelength.wavelength   . 
_diffrn_radiation_wavelength.wt           1.0 
# 
_refine.entry_id                                 148L 
_refine.ls_number_reflns_obs                     11889 
_refine.ls_number_reflns_all                     ? 
_refine.pdbx_ls_sigma_I                          ? 
_refine.pdbx_ls_sigma_F                          0.0 
_refine.pdbx_data_cutoff_high_absF               ? 
_refine.pdbx_data_cutoff_low_absF                ? 
_refine.pdbx_data_cutoff_high_rms_absF           ? 
_refine.ls_d_res_low                             20.0 
_refine.ls_d_res_high                            1.90 
_refine.ls_percent_reflns_obs                    ? 
_refine.ls_R_factor_obs                          0.1680000 
_refine.ls_R_factor_all                          ? 
_refine.ls_R_factor_R_work                       ? 
_refine.ls_R_factor_R_free                       ? 
_refine.ls_R_factor_R_free_error                 ? 
_refine.ls_R_factor_R_free_error_details         ? 
_refine.ls_percent_reflns_R_free                 ? 
_refine.ls_number_reflns_R_free                  ? 
_refine.ls_number_parameters                     ? 
_refine.ls_number_restraints                     ? 
_refine.occupancy_min                            ? 
_refine.occupancy_max                            ? 
_refine.B_iso_mean                               ? 
_refine.aniso_B[1][1]                            ? 
_refine.aniso_B[2][2]                            ? 
_refine.aniso_B[3][3]                            ? 
_refine.aniso_B[1][2]                            ? 
_refine.aniso_B[1][3]                            ? 
_refine.aniso_B[2][3]                            ? 
_refine.solvent_model_details                    ? 
_refine.solvent_model_param_ksol                 ? 
_refine.solvent_model_param_bsol                 ? 
_refine.pdbx_ls_cross_valid_method               ? 
_refine.details                                  
;RESIDUES 162 - 164 IN WILD-TYPE AND ALL MUTANT LYSOZYMES
ARE EXTREMELY MOBILE.  THUS THE COORDINATES FOR THESE
RESIDUES ARE VERY UNRELIABLE.  THIS ENTRY DOES NOT INCLUDE
RESIDUES 163 AND 164.

MUTANT SPACE GROUP, P 21 21 2, IS NONISOMORPHOUS TO WILD
TYPE.  STARTING COORDINATES WERE BASED ON THE WILD-TYPE
MODEL.
;
_refine.pdbx_starting_model                      ? 
_refine.pdbx_method_to_determine_struct          ? 
_refine.pdbx_isotropic_thermal_model             ? 
_refine.pdbx_stereochemistry_target_values       ? 
_refine.pdbx_stereochem_target_val_spec_case     ? 
_refine.pdbx_R_Free_selection_details            ? 
_refine.pdbx_overall_ESU_R_Free                  ? 
_refine.overall_SU_ML                            ? 
_refine.overall_SU_B                             ? 
_refine.ls_redundancy_reflns_obs                 ? 
_refine.pdbx_overall_phase_error                 ? 
_refine.B_iso_min                                ? 
_refine.B_iso_max                                ? 
_refine.correlation_coeff_Fo_to_Fc               ? 
_refine.correlation_coeff_Fo_to_Fc_free          ? 
_refine.pdbx_solvent_vdw_probe_radii             ? 
_refine.pdbx_solvent_ion_probe_radii             ? 
_refine.pdbx_solvent_shrinkage_radii             ? 
_refine.overall_SU_R_Cruickshank_DPI             ? 
_refine.overall_SU_R_free                        ? 
_refine.ls_wR_factor_R_free                      ? 
_refine.ls_wR_factor_R_work                      ? 
_refine.overall_FOM_free_R_set                   ? 
_refine.overall_FOM_work_R_set                   ? 
_refine.pdbx_refine_id                           'X-RAY DIFFRACTION' 
_refine.pdbx_overall_ESU_R                       ? 
_refine.pdbx_diffrn_id                           1 
_refine.pdbx_TLS_residual_ADP_flag               ? 
_refine.pdbx_overall_SU_R_free_Cruickshank_DPI   ? 
_refine.pdbx_overall_SU_R_Blow_DPI               ? 
_refine.pdbx_overall_SU_R_free_Blow_DPI          ? 
# 
_refine_hist.pdbx_refine_id                   'X-RAY DIFFRACTION' 
_refine_hist.cycle_id                         LAST 
_refine_hist.pdbx_number_atoms_protein        1327 
_refine_hist.pdbx_number_atoms_nucleic_acid   0 
_refine_hist.pdbx_number_atoms_ligand         36 
_refine_hist.number_atoms_solvent             140 
_refine_hist.number_atoms_total               1503 
_refine_hist.d_res_high                       1.90 
_refine_hist.d_res_low                        20.0 
# 
loop_
_refine_ls_restr.type 
_refine_ls_restr.dev_ideal 
_refine_ls_restr.dev_ideal_target 
_refine_ls_restr.weight 
_refine_ls_restr.number 
_refine_ls_restr.pdbx_refine_id 
_refine_ls_restr.pdbx_restraint_function 
t_bond_d           0.014 ? ? ? 'X-RAY DIFFRACTION' ? 
t_angle_deg        2.7   ? ? ? 'X-RAY DIFFRACTION' ? 
t_dihedral_angle_d ?     ? ? ? 'X-RAY DIFFRACTION' ? 
t_incorr_chiral_ct ?     ? ? ? 'X-RAY DIFFRACTION' ? 
t_pseud_angle      ?     ? ? ? 'X-RAY DIFFRACTION' ? 
t_trig_c_planes    ?     ? ? ? 'X-RAY DIFFRACTION' ? 
t_gen_planes       ?     ? ? ? 'X-RAY DIFFRACTION' ? 
t_it               ?     ? ? ? 'X-RAY DIFFRACTION' ? 
t_nbd              ?     ? ? ? 'X-RAY DIFFRACTION' ? 
# 
_struct.entry_id                  148L 
_struct.title                     'A COVALENT ENZYME-SUBSTRATE INTERMEDIATE WITH SACCHARIDE DISTORTION IN A MUTANT T4 LYSOZYME' 
_struct.pdbx_model_details        ? 
_struct.pdbx_CASP_flag            ? 
_struct.pdbx_model_type_details   ? 
# 
_struct_keywords.entry_id        148L 
_struct_keywords.pdbx_keywords   'HYDROLASE/HYDROLASE SUBSTRATE' 
_struct_keywords.text            'O-GLYCOSYL, HYDROLASE-HYDROLASE SUBSTRATE complex' 
# 
loop_
_struct_asym.id 
_struct_asym.pdbx_blank_PDB_chainid_flag 
_struct_asym.pdbx_modified 
_struct_asym.entity_id 
_struct_asym.details 
A N N 1 ? 
B N N 2 ? 
C N N 3 ? 
D N N 4 ? 
E N N 5 ? 
F N N 5 ? 
# 
_struct_biol.id        1 
_struct_biol.details   ? 
# 
loop_
_struct_conf.conf_type_id 
_struct_conf.id 
_struct_conf.pdbx_PDB_helix_id 
_struct_conf.beg_label_comp_id 
_struct_conf.beg_label_asym_id 
_struct_conf.beg_label_seq_id 
_struct_conf.pdbx_beg_PDB_ins_code 
_struct_conf.end_label_comp_id 
_struct_conf.end_label_asym_id 
_struct_conf.end_label_seq_id 
_struct_conf.pdbx_end_PDB_ins_code 
_struct_conf.beg_auth_comp_id 
_struct_conf.beg_auth_asym_id 
_struct_conf.beg_auth_seq_id 
_struct_conf.end_auth_comp_id 
_struct_conf.end_auth_asym_id 
_struct_conf.end_auth_seq_id 
_struct_conf.pdbx_PDB_helix_class 
_struct_conf.details 
_struct_conf.pdbx_PDB_helix_length 
HELX_P HELX_P1  H1  ILE A 3   ? GLU A 11  ? ILE E 3   GLU E 11  1 ? 9  
HELX_P HELX_P2  H2  LEU A 39  ? ILE A 50  ? LEU E 39  ILE E 50  1 ? 12 
HELX_P HELX_P3  H3  LYS A 60  ? ARG A 80  ? LYS E 60  ARG E 80  1 ? 21 
HELX_P HELX_P4  H4  ALA A 82  ? SER A 90  ? ALA E 82  SER E 90  1 ? 9  
HELX_P HELX_P5  H5  ALA A 93  ? MET A 106 ? ALA E 93  MET E 106 1 ? 14 
HELX_P HELX_P6  H6  GLU A 108 ? GLY A 113 ? GLU E 108 GLY E 113 1 ? 6  
HELX_P HELX_P7  H7  THR A 115 ? GLN A 123 ? THR E 115 GLN E 123 1 ? 9  
HELX_P HELX_P8  H8  TRP A 126 ? ALA A 134 ? TRP E 126 ALA E 134 1 ? 9  
HELX_P HELX_P9  H9  ARG A 137 ? GLN A 141 ? ARG E 137 GLN E 141 1 ? 5  
HELX_P HELX_P10 H10 PRO A 143 ? THR A 155 ? PRO E 143 THR E 155 1 ? 13 
# 
_struct_conf_type.id          HELX_P 
_struct_conf_type.criteria    ? 
_struct_conf_type.reference   ? 
# 
loop_
_struct_conn.id 
_struct_conn.conn_type_id 
_struct_conn.pdbx_leaving_atom_flag 
_struct_conn.pdbx_PDB_id 
_struct_conn.ptnr1_label_asym_id 
_struct_conn.ptnr1_label_comp_id 
_struct_conn.ptnr1_label_seq_id 
_struct_conn.ptnr1_label_atom_id 
_struct_conn.pdbx_ptnr1_label_alt_id 
_struct_conn.pdbx_ptnr1_PDB_ins_code 
_struct_conn.pdbx_ptnr1_standard_comp_id 
_struct_conn.ptnr1_symmetry 
_struct_conn.ptnr2_label_asym_id 
_struct_conn.ptnr2_label_comp_id 
_struct_conn.ptnr2_label_seq_id 
_struct_conn.ptnr2_label_atom_id 
_struct_conn.pdbx_ptnr2_label_alt_id 
_struct_conn.pdbx_ptnr2_PDB_ins_code 
_struct_conn.ptnr1_auth_asym_id 
_struct_conn.ptnr1_auth_comp_id 
_struct_conn.ptnr1_auth_seq_id 
_struct_conn.ptnr2_auth_asym_id 
_struct_conn.ptnr2_auth_comp_id 
_struct_conn.ptnr2_auth_seq_id 
_struct_conn.ptnr2_symmetry 
_struct_conn.pdbx_ptnr3_label_atom_id 
_struct_conn.pdbx_ptnr3_label_seq_id 
_struct_conn.pdbx_ptnr3_label_comp_id 
_struct_conn.pdbx_ptnr3_label_asym_id 
_struct_conn.pdbx_ptnr3_label_alt_id 
_struct_conn.pdbx_ptnr3_PDB_ins_code 
_struct_conn.details 
_struct_conn.pdbx_dist_value 
_struct_conn.pdbx_value_order 
_struct_conn.pdbx_role 
covale1 covale one  ? A GLU 26 OE2 ? ? ? 1_555 C MUB . C1  ? ? E GLU 26  A MUB 1   1_555 ? ? ? ? ? ? ? 1.509 ? ? 
covale2 covale both ? B ALA 1  C   ? ? ? 1_555 B FGA 2 N   ? ? S ALA 166 S FGA 167 1_555 ? ? ? ? ? ? ? 1.343 ? ? 
covale3 covale one  ? B ALA 1  N   ? ? ? 1_555 C MUB . C10 ? ? S ALA 166 A MUB 1   1_555 ? ? ? ? ? ? ? 1.351 ? ? 
covale4 covale both ? B FGA 2  CD  ? ? ? 1_555 B API 3 N   ? ? S FGA 167 S API 169 1_555 ? ? ? ? ? ? ? 1.300 ? ? 
covale5 covale both ? B API 3  C   ? ? ? 1_555 B DAL 4 N   ? ? S API 169 S DAL 170 1_555 ? ? ? ? ? ? ? 1.310 ? ? 
covale6 covale both ? C MUB .  O4  ? ? ? 1_555 C NAG . C1  ? ? A MUB 1   A NAG 2   1_555 ? ? ? ? ? ? ? 1.394 ? ? 
# 
_struct_conn_type.id          covale 
_struct_conn_type.criteria    ? 
_struct_conn_type.reference   ? 
# 
_struct_sheet.id               A 
_struct_sheet.type             ? 
_struct_sheet.number_strands   3 
_struct_sheet.details          ? 
# 
loop_
_struct_sheet_order.sheet_id 
_struct_sheet_order.range_id_1 
_struct_sheet_order.range_id_2 
_struct_sheet_order.offset 
_struct_sheet_order.sense 
A 1 2 ? anti-parallel 
A 2 3 ? anti-parallel 
# 
loop_
_struct_sheet_range.sheet_id 
_struct_sheet_range.id 
_struct_sheet_range.beg_label_comp_id 
_struct_sheet_range.beg_label_asym_id 
_struct_sheet_range.beg_label_seq_id 
_struct_sheet_range.pdbx_beg_PDB_ins_code 
_struct_sheet_range.end_label_comp_id 
_struct_sheet_range.end_label_asym_id 
_struct_sheet_range.end_label_seq_id 
_struct_sheet_range.pdbx_end_PDB_ins_code 
_struct_sheet_range.beg_auth_comp_id 
_struct_sheet_range.beg_auth_asym_id 
_struct_sheet_range.beg_auth_seq_id 
_struct_sheet_range.end_auth_comp_id 
_struct_sheet_range.end_auth_asym_id 
_struct_sheet_range.end_auth_seq_id 
A 1 ARG A 14 ? LYS A 19 ? ARG E 14 LYS E 19 
A 2 TYR A 25 ? GLY A 28 ? TYR E 25 GLY E 28 
A 3 HIS A 31 ? THR A 34 ? HIS E 31 THR E 34 
# 
loop_
_pdbx_struct_sheet_hbond.sheet_id 
_pdbx_struct_sheet_hbond.range_id_1 
_pdbx_struct_sheet_hbond.range_id_2 
_pdbx_struct_sheet_hbond.range_1_label_atom_id 
_pdbx_struct_sheet_hbond.range_1_label_comp_id 
_pdbx_struct_sheet_hbond.range_1_label_asym_id 
_pdbx_struct_sheet_hbond.range_1_label_seq_id 
_pdbx_struct_sheet_hbond.range_1_PDB_ins_code 
_pdbx_struct_sheet_hbond.range_1_auth_atom_id 
_pdbx_struct_sheet_hbond.range_1_auth_comp_id 
_pdbx_struct_sheet_hbond.range_1_auth_asym_id 
_pdbx_struct_sheet_hbond.range_1_auth_seq_id 
_pdbx_struct_sheet_hbond.range_2_label_atom_id 
_pdbx_struct_sheet_hbond.range_2_label_comp_id 
_pdbx_struct_sheet_hbond.range_2_label_asym_id 
_pdbx_struct_sheet_hbond.range_2_label_seq_id 
_pdbx_struct_sheet_hbond.range_2_PDB_ins_code 
_pdbx_struct_sheet_hbond.range_2_auth_atom_id 
_pdbx_struct_sheet_hbond.range_2_auth_comp_id 
_pdbx_struct_sheet_hbond.range_2_auth_asym_id 
_pdbx_struct_sheet_hbond.range_2_auth_seq_id 
A 1 2 O TYR A 18 ? O TYR E 18 N GLU A 26 ? N GLU E 26 
A 2 3 O ILE A 27 ? O ILE E 27 N HIS A 31 ? N HIS E 31 
# 
_atom_sites.entry_id                    148L 
_atom_sites.fract_transf_matrix[1][1]   0.01782871 
_atom_sites.fract_transf_matrix[1][2]   0.00637678 
_atom_sites.fract_transf_matrix[1][3]   -0.00523823 
_atom_sites.fract_transf_matrix[2][1]   0.00389771 
_atom_sites.fract_transf_matrix[2][2]   -0.01387347 
_atom_sites.fract_transf_matrix[2][3]   -0.00362279 
_atom_sites.fract_transf_matrix[3][1]   -0.00661449 
_atom_sites.fract_transf_matrix[3][2]   0.00305071 
_atom_sites.fract_transf_matrix[3][3]   -0.01879914 
_atom_sites.fract_transf_vector[1]      0.160689 
_atom_sites.fract_transf_vector[2]      0.673555 
_atom_sites.fract_transf_vector[3]      0.700831 
# 
_atom_sites_footnote.id     1 
_atom_sites_footnote.text   
;RESIDUES 162 - 164 IN WILD-TYPE AND ALL MUTANT LYSOZYMES ARE EXTREMELY MOBILE.  THUS THE COORDINATES FOR THESE RESIDUES ARE VERY UNRELIABLE.  THIS ENTRY DOES NOT INCLUDE RESIDUES 163 AND 164.
;
# 
loop_
_atom_type.symbol 
C 
N 
O 
S 
# 
loop_
_atom_site.group_PDB 
_atom_site.id 
_atom_site.type_symbol 
_atom_site.label_atom_id 
_atom_site.label_alt_id 
_atom_site.label_comp_id 
_atom_site.label_asym_id 
_atom_site.label_entity_id 
_atom_site.label_seq_id 
_atom_site.pdbx_PDB_ins_code 
_atom_site.Cartn_x 
_atom_site.Cartn_y 
_atom_site.Cartn_z 
_atom_site.occupancy 
_atom_site.B_iso_or_equiv 
_atom_site.pdbx_formal_charge 
_atom_site.auth_seq_id 
_atom_site.auth_comp_id 
_atom_site.auth_asym_id 
_atom_site.auth_atom_id 
_atom_site.pdbx_PDB_model_num 
ATOM   1    N N   . MET A 1 1   ? -6.394  16.228  -0.248  1.00 41.09 ? 1   MET E N   1 
ATOM   2    C CA  . MET A 1 1   ? -5.353  15.255  0.073   1.00 41.86 ? 1   MET E CA  1 
ATOM   3    C C   . MET A 1 1   ? -5.567  14.372  1.303   1.00 20.43 ? 1   MET E C   1 
ATOM   4    O O   . MET A 1 1   ? -5.643  14.759  2.474   1.00 22.92 ? 1   MET E O   1 
ATOM   5    C CB  . MET A 1 1   ? -3.926  15.770  -0.010  1.00 58.33 ? 1   MET E CB  1 
ATOM   6    C CG  . MET A 1 1   ? -2.994  14.601  -0.204  1.00 37.04 ? 1   MET E CG  1 
ATOM   7    S SD  . MET A 1 1   ? -2.729  14.247  -1.942  1.00 48.15 ? 1   MET E SD  1 
ATOM   8    C CE  . MET A 1 1   ? -2.409  15.875  -2.729  1.00 21.12 ? 1   MET E CE  1 
ATOM   9    N N   . ASN A 1 2   ? -5.644  13.106  0.973   1.00 21.39 ? 2   ASN E N   1 
ATOM   10   C CA  . ASN A 1 2   ? -5.887  12.068  1.923   1.00 15.43 ? 2   ASN E CA  1 
ATOM   11   C C   . ASN A 1 2   ? -5.412  10.755  1.313   1.00 11.71 ? 2   ASN E C   1 
ATOM   12   O O   . ASN A 1 2   ? -4.999  10.696  0.136   1.00 9.28  ? 2   ASN E O   1 
ATOM   13   C CB  . ASN A 1 2   ? -7.406  12.061  2.259   1.00 10.59 ? 2   ASN E CB  1 
ATOM   14   C CG  . ASN A 1 2   ? -8.228  11.838  1.016   1.00 17.17 ? 2   ASN E CG  1 
ATOM   15   O OD1 . ASN A 1 2   ? -7.975  10.902  0.252   1.00 20.35 ? 2   ASN E OD1 1 
ATOM   16   N ND2 . ASN A 1 2   ? -9.102  12.759  0.706   1.00 13.86 ? 2   ASN E ND2 1 
ATOM   17   N N   . ILE A 1 3   ? -5.533  9.704   2.133   1.00 14.08 ? 3   ILE E N   1 
ATOM   18   C CA  . ILE A 1 3   ? -5.141  8.358   1.718   1.00 10.83 ? 3   ILE E CA  1 
ATOM   19   C C   . ILE A 1 3   ? -5.661  7.920   0.353   1.00 9.59  ? 3   ILE E C   1 
ATOM   20   O O   . ILE A 1 3   ? -4.908  7.342   -0.406  1.00 11.37 ? 3   ILE E O   1 
ATOM   21   C CB  . ILE A 1 3   ? -5.370  7.330   2.822   1.00 13.23 ? 3   ILE E CB  1 
ATOM   22   C CG1 . ILE A 1 3   ? -4.816  6.000   2.317   1.00 11.53 ? 3   ILE E CG1 1 
ATOM   23   C CG2 . ILE A 1 3   ? -6.877  7.187   3.084   1.00 12.95 ? 3   ILE E CG2 1 
ATOM   24   C CD1 . ILE A 1 3   ? -3.298  6.010   2.306   1.00 11.29 ? 3   ILE E CD1 1 
ATOM   25   N N   . PHE A 1 4   ? -6.954  8.179   0.061   1.00 11.91 ? 4   PHE E N   1 
ATOM   26   C CA  . PHE A 1 4   ? -7.621  7.889   -1.200  1.00 7.14  ? 4   PHE E CA  1 
ATOM   27   C C   . PHE A 1 4   ? -6.928  8.569   -2.370  1.00 9.18  ? 4   PHE E C   1 
ATOM   28   O O   . PHE A 1 4   ? -6.609  7.947   -3.378  1.00 12.86 ? 4   PHE E O   1 
ATOM   29   C CB  . PHE A 1 4   ? -9.138  8.210   -1.110  1.00 13.56 ? 4   PHE E CB  1 
ATOM   30   C CG  . PHE A 1 4   ? -9.927  7.321   -0.172  1.00 13.95 ? 4   PHE E CG  1 
ATOM   31   C CD1 . PHE A 1 4   ? -10.247 6.002   -0.524  1.00 11.65 ? 4   PHE E CD1 1 
ATOM   32   C CD2 . PHE A 1 4   ? -10.320 7.766   1.093   1.00 13.28 ? 4   PHE E CD2 1 
ATOM   33   C CE1 . PHE A 1 4   ? -10.962 5.119   0.286   1.00 11.96 ? 4   PHE E CE1 1 
ATOM   34   C CE2 . PHE A 1 4   ? -11.053 6.907   1.919   1.00 13.80 ? 4   PHE E CE2 1 
ATOM   35   C CZ  . PHE A 1 4   ? -11.375 5.605   1.528   1.00 14.04 ? 4   PHE E CZ  1 
ATOM   36   N N   . GLU A 1 5   ? -6.615  9.855   -2.232  1.00 15.01 ? 5   GLU E N   1 
ATOM   37   C CA  . GLU A 1 5   ? -5.918  10.606  -3.263  1.00 10.34 ? 5   GLU E CA  1 
ATOM   38   C C   . GLU A 1 5   ? -4.446  10.186  -3.344  1.00 11.99 ? 5   GLU E C   1 
ATOM   39   O O   . GLU A 1 5   ? -3.866  10.045  -4.405  1.00 8.94  ? 5   GLU E O   1 
ATOM   40   C CB  . GLU A 1 5   ? -6.014  12.128  -2.986  1.00 12.85 ? 5   GLU E CB  1 
ATOM   41   C CG  . GLU A 1 5   ? -7.478  12.606  -3.028  1.00 21.84 ? 5   GLU E CG  1 
ATOM   42   C CD  . GLU A 1 5   ? -7.897  12.858  -4.446  1.00 36.84 ? 5   GLU E CD  1 
ATOM   43   O OE1 . GLU A 1 5   ? -7.298  13.933  -4.914  1.00 36.94 ? 5   GLU E OE1 1 
ATOM   44   O OE2 . GLU A 1 5   ? -8.696  12.173  -5.071  1.00 31.93 ? 5   GLU E OE2 1 
ATOM   45   N N   . MET A 1 6   ? -3.808  9.980   -2.213  1.00 4.89  ? 6   MET E N   1 
ATOM   46   C CA  . MET A 1 6   ? -2.415  9.603   -2.226  1.00 3.91  ? 6   MET E CA  1 
ATOM   47   C C   . MET A 1 6   ? -2.225  8.285   -2.991  1.00 11.21 ? 6   MET E C   1 
ATOM   48   O O   . MET A 1 6   ? -1.330  8.185   -3.834  1.00 11.37 ? 6   MET E O   1 
ATOM   49   C CB  . MET A 1 6   ? -2.075  9.367   -0.748  1.00 4.36  ? 6   MET E CB  1 
ATOM   50   C CG  . MET A 1 6   ? -0.618  9.139   -0.423  1.00 6.96  ? 6   MET E CG  1 
ATOM   51   S SD  . MET A 1 6   ? -0.455  8.512   1.241   1.00 8.24  ? 6   MET E SD  1 
ATOM   52   C CE  . MET A 1 6   ? 1.287   8.853   1.602   1.00 10.88 ? 6   MET E CE  1 
ATOM   53   N N   . LEU A 1 7   ? -3.063  7.271   -2.686  1.00 12.09 ? 7   LEU E N   1 
ATOM   54   C CA  . LEU A 1 7   ? -2.987  5.944   -3.278  1.00 17.55 ? 7   LEU E CA  1 
ATOM   55   C C   . LEU A 1 7   ? -3.224  5.919   -4.790  1.00 15.26 ? 7   LEU E C   1 
ATOM   56   O O   . LEU A 1 7   ? -2.605  5.159   -5.541  1.00 16.80 ? 7   LEU E O   1 
ATOM   57   C CB  . LEU A 1 7   ? -3.838  4.942   -2.482  1.00 4.67  ? 7   LEU E CB  1 
ATOM   58   C CG  . LEU A 1 7   ? -3.149  4.496   -1.230  1.00 7.62  ? 7   LEU E CG  1 
ATOM   59   C CD1 . LEU A 1 7   ? -4.046  3.549   -0.404  1.00 7.75  ? 7   LEU E CD1 1 
ATOM   60   C CD2 . LEU A 1 7   ? -1.890  3.755   -1.642  1.00 8.86  ? 7   LEU E CD2 1 
ATOM   61   N N   A ARG A 1 8   ? -4.130  6.812   -5.223  0.50 13.23 ? 8   ARG E N   1 
ATOM   62   N N   B ARG A 1 8   ? -4.116  6.816   -5.205  0.50 13.61 ? 8   ARG E N   1 
ATOM   63   C CA  A ARG A 1 8   ? -4.500  6.989   -6.612  0.50 17.43 ? 8   ARG E CA  1 
ATOM   64   C CA  B ARG A 1 8   ? -4.464  6.970   -6.589  0.50 18.13 ? 8   ARG E CA  1 
ATOM   65   C C   A ARG A 1 8   ? -3.278  7.459   -7.342  0.50 17.73 ? 8   ARG E C   1 
ATOM   66   C C   B ARG A 1 8   ? -3.261  7.449   -7.335  0.50 18.26 ? 8   ARG E C   1 
ATOM   67   O O   A ARG A 1 8   ? -3.011  7.027   -8.455  0.50 17.12 ? 8   ARG E O   1 
ATOM   68   O O   B ARG A 1 8   ? -2.991  7.009   -8.445  0.50 17.48 ? 8   ARG E O   1 
ATOM   69   C CB  A ARG A 1 8   ? -5.617  8.001   -6.817  0.50 10.52 ? 8   ARG E CB  1 
ATOM   70   C CB  B ARG A 1 8   ? -5.649  7.880   -6.803  0.50 11.18 ? 8   ARG E CB  1 
ATOM   71   C CG  A ARG A 1 8   ? -7.017  7.410   -6.703  0.50 13.11 ? 8   ARG E CG  1 
ATOM   72   C CG  B ARG A 1 8   ? -6.604  7.207   -7.761  0.50 29.45 ? 8   ARG E CG  1 
ATOM   73   C CD  A ARG A 1 8   ? -8.138  8.402   -6.976  0.50 13.08 ? 8   ARG E CD  1 
ATOM   74   C CD  B ARG A 1 8   ? -5.835  6.510   -8.874  0.50 34.27 ? 8   ARG E CD  1 
ATOM   75   N NE  A ARG A 1 8   ? -9.301  8.142   -6.137  0.50 10.86 ? 8   ARG E NE  1 
ATOM   76   N NE  B ARG A 1 8   ? -6.281  6.874   -10.218 0.50 14.11 ? 8   ARG E NE  1 
ATOM   77   C CZ  A ARG A 1 8   ? -10.329 7.397   -6.509  0.50 20.03 ? 8   ARG E CZ  1 
ATOM   78   C CZ  B ARG A 1 8   ? -5.523  7.489   -11.135 0.50 36.80 ? 8   ARG E CZ  1 
ATOM   79   N NH1 A ARG A 1 8   ? -10.387 6.834   -7.712  0.50 5.15  ? 8   ARG E NH1 1 
ATOM   80   N NH1 B ARG A 1 8   ? -4.267  7.830   -10.831 0.50 30.39 ? 8   ARG E NH1 1 
ATOM   81   N NH2 A ARG A 1 8   ? -11.322 7.224   -5.633  0.50 28.15 ? 8   ARG E NH2 1 
ATOM   82   N NH2 B ARG A 1 8   ? -5.980  7.791   -12.350 0.50 10.66 ? 8   ARG E NH2 1 
ATOM   83   N N   . ILE A 1 9   ? -2.513  8.336   -6.705  1.00 15.28 ? 9   ILE E N   1 
ATOM   84   C CA  . ILE A 1 9   ? -1.306  8.812   -7.345  1.00 11.28 ? 9   ILE E CA  1 
ATOM   85   C C   . ILE A 1 9   ? -0.319  7.637   -7.413  1.00 21.78 ? 9   ILE E C   1 
ATOM   86   O O   . ILE A 1 9   ? 0.196   7.266   -8.453  1.00 16.25 ? 9   ILE E O   1 
ATOM   87   C CB  . ILE A 1 9   ? -0.764  10.047  -6.600  1.00 19.89 ? 9   ILE E CB  1 
ATOM   88   C CG1 . ILE A 1 9   ? -1.671  11.217  -6.935  1.00 18.73 ? 9   ILE E CG1 1 
ATOM   89   C CG2 . ILE A 1 9   ? 0.659   10.415  -6.951  1.00 9.48  ? 9   ILE E CG2 1 
ATOM   90   C CD1 . ILE A 1 9   ? -1.554  12.387  -6.006  1.00 17.42 ? 9   ILE E CD1 1 
ATOM   91   N N   . ASP A 1 10  ? -0.052  7.024   -6.257  1.00 18.23 ? 10  ASP E N   1 
ATOM   92   C CA  . ASP A 1 10  ? 0.878   5.914   -6.196  1.00 7.06  ? 10  ASP E CA  1 
ATOM   93   C C   . ASP A 1 10  ? 0.475   4.731   -7.079  1.00 19.86 ? 10  ASP E C   1 
ATOM   94   O O   . ASP A 1 10  ? 1.295   4.170   -7.783  1.00 20.10 ? 10  ASP E O   1 
ATOM   95   C CB  . ASP A 1 10  ? 1.022   5.466   -4.736  1.00 13.03 ? 10  ASP E CB  1 
ATOM   96   C CG  . ASP A 1 10  ? 1.877   6.474   -4.084  1.00 8.86  ? 10  ASP E CG  1 
ATOM   97   O OD1 . ASP A 1 10  ? 2.608   7.176   -4.725  1.00 10.48 ? 10  ASP E OD1 1 
ATOM   98   O OD2 . ASP A 1 10  ? 1.706   6.545   -2.785  1.00 9.33  ? 10  ASP E OD2 1 
ATOM   99   N N   . GLU A 1 11  ? -0.778  4.285   -7.077  1.00 12.24 ? 11  GLU E N   1 
ATOM   100  C CA  . GLU A 1 11  ? -1.066  3.122   -7.921  1.00 14.65 ? 11  GLU E CA  1 
ATOM   101  C C   . GLU A 1 11  ? -1.530  3.298   -9.372  1.00 17.79 ? 11  GLU E C   1 
ATOM   102  O O   . GLU A 1 11  ? -1.416  2.389   -10.181 1.00 15.01 ? 11  GLU E O   1 
ATOM   103  C CB  . GLU A 1 11  ? -2.093  2.192   -7.240  1.00 14.36 ? 11  GLU E CB  1 
ATOM   104  C CG  . GLU A 1 11  ? -1.794  1.811   -5.782  1.00 12.87 ? 11  GLU E CG  1 
ATOM   105  C CD  . GLU A 1 11  ? -0.626  0.891   -5.621  1.00 21.79 ? 11  GLU E CD  1 
ATOM   106  O OE1 . GLU A 1 11  ? -0.170  0.387   -6.753  1.00 20.27 ? 11  GLU E OE1 1 
ATOM   107  O OE2 . GLU A 1 11  ? -0.159  0.672   -4.541  1.00 15.04 ? 11  GLU E OE2 1 
ATOM   108  N N   . GLY A 1 12  ? -2.146  4.406   -9.748  1.00 11.22 ? 12  GLY E N   1 
ATOM   109  C CA  . GLY A 1 12  ? -2.672  4.509   -11.080 1.00 16.92 ? 12  GLY E CA  1 
ATOM   110  C C   . GLY A 1 12  ? -4.004  3.741   -11.142 1.00 17.61 ? 12  GLY E C   1 
ATOM   111  O O   . GLY A 1 12  ? -4.487  3.251   -10.148 1.00 18.68 ? 12  GLY E O   1 
ATOM   112  N N   . LEU A 1 13  ? -4.583  3.600   -12.329 1.00 16.75 ? 13  LEU E N   1 
ATOM   113  C CA  . LEU A 1 13  ? -5.836  2.910   -12.559 1.00 16.74 ? 13  LEU E CA  1 
ATOM   114  C C   . LEU A 1 13  ? -5.748  2.250   -13.909 1.00 22.06 ? 13  LEU E C   1 
ATOM   115  O O   . LEU A 1 13  ? -5.532  2.932   -14.926 1.00 26.59 ? 13  LEU E O   1 
ATOM   116  C CB  . LEU A 1 13  ? -7.012  3.920   -12.499 1.00 19.08 ? 13  LEU E CB  1 
ATOM   117  C CG  . LEU A 1 13  ? -8.406  3.342   -12.685 1.00 18.97 ? 13  LEU E CG  1 
ATOM   118  C CD1 . LEU A 1 13  ? -8.867  2.567   -11.472 1.00 19.39 ? 13  LEU E CD1 1 
ATOM   119  C CD2 . LEU A 1 13  ? -9.355  4.497   -12.928 1.00 25.49 ? 13  LEU E CD2 1 
ATOM   120  N N   . ARG A 1 14  ? -5.883  0.924   -13.892 1.00 16.12 ? 14  ARG E N   1 
ATOM   121  C CA  . ARG A 1 14  ? -5.830  0.022   -15.041 1.00 17.44 ? 14  ARG E CA  1 
ATOM   122  C C   . ARG A 1 14  ? -7.003  -0.902  -14.966 1.00 15.67 ? 14  ARG E C   1 
ATOM   123  O O   . ARG A 1 14  ? -7.230  -1.522  -13.924 1.00 15.10 ? 14  ARG E O   1 
ATOM   124  C CB  . ARG A 1 14  ? -4.466  -0.659  -15.241 1.00 17.60 ? 14  ARG E CB  1 
ATOM   125  C CG  . ARG A 1 14  ? -3.466  0.467   -15.535 1.00 23.08 ? 14  ARG E CG  1 
ATOM   126  C CD  . ARG A 1 14  ? -2.007  0.091   -15.723 1.00 25.33 ? 14  ARG E CD  1 
ATOM   127  N NE  . ARG A 1 14  ? -1.323  0.253   -14.444 1.00 32.76 ? 14  ARG E NE  1 
ATOM   128  C CZ  . ARG A 1 14  ? -0.050  0.008   -14.218 1.00 44.82 ? 14  ARG E CZ  1 
ATOM   129  N NH1 . ARG A 1 14  ? 0.775   -0.420  -15.176 1.00 25.46 ? 14  ARG E NH1 1 
ATOM   130  N NH2 . ARG A 1 14  ? 0.381   0.208   -12.978 1.00 40.18 ? 14  ARG E NH2 1 
ATOM   131  N N   . LEU A 1 15  ? -7.799  -0.917  -16.066 1.00 17.56 ? 15  LEU E N   1 
ATOM   132  C CA  . LEU A 1 15  ? -9.037  -1.692  -16.172 1.00 16.12 ? 15  LEU E CA  1 
ATOM   133  C C   . LEU A 1 15  ? -8.851  -3.109  -16.672 1.00 19.74 ? 15  LEU E C   1 
ATOM   134  O O   . LEU A 1 15  ? -9.740  -3.949  -16.693 1.00 20.60 ? 15  LEU E O   1 
ATOM   135  C CB  . LEU A 1 15  ? -10.214 -0.909  -16.810 1.00 17.89 ? 15  LEU E CB  1 
ATOM   136  C CG  . LEU A 1 15  ? -10.588 0.388   -16.044 1.00 17.44 ? 15  LEU E CG  1 
ATOM   137  C CD1 . LEU A 1 15  ? -11.687 1.121   -16.811 1.00 29.01 ? 15  LEU E CD1 1 
ATOM   138  C CD2 . LEU A 1 15  ? -11.130 0.104   -14.641 1.00 13.50 ? 15  LEU E CD2 1 
ATOM   139  N N   . LYS A 1 16  ? -7.619  -3.357  -17.055 1.00 25.86 ? 16  LYS E N   1 
ATOM   140  C CA  . LYS A 1 16  ? -7.128  -4.629  -17.559 1.00 17.01 ? 16  LYS E CA  1 
ATOM   141  C C   . LYS A 1 16  ? -6.037  -5.141  -16.615 1.00 21.05 ? 16  LYS E C   1 
ATOM   142  O O   . LYS A 1 16  ? -5.239  -4.340  -16.157 1.00 18.86 ? 16  LYS E O   1 
ATOM   143  C CB  . LYS A 1 16  ? -6.406  -4.311  -18.847 1.00 21.70 ? 16  LYS E CB  1 
ATOM   144  C CG  . LYS A 1 16  ? -6.707  -5.179  -20.057 1.00 39.94 ? 16  LYS E CG  1 
ATOM   145  C CD  . LYS A 1 16  ? -6.178  -4.541  -21.356 1.00 49.57 ? 16  LYS E CD  1 
ATOM   146  C CE  . LYS A 1 16  ? -6.876  -3.258  -21.832 1.00 40.78 ? 16  LYS E CE  1 
ATOM   147  N NZ  . LYS A 1 16  ? -8.240  -3.439  -22.378 1.00 40.20 ? 16  LYS E NZ  1 
ATOM   148  N N   . ILE A 1 17  ? -6.029  -6.450  -16.366 1.00 24.62 ? 17  ILE E N   1 
ATOM   149  C CA  . ILE A 1 17  ? -5.027  -7.125  -15.578 1.00 14.69 ? 17  ILE E CA  1 
ATOM   150  C C   . ILE A 1 17  ? -3.650  -6.706  -16.074 1.00 17.88 ? 17  ILE E C   1 
ATOM   151  O O   . ILE A 1 17  ? -3.380  -6.611  -17.281 1.00 20.56 ? 17  ILE E O   1 
ATOM   152  C CB  . ILE A 1 17  ? -5.153  -8.656  -15.585 1.00 15.29 ? 17  ILE E CB  1 
ATOM   153  C CG1 . ILE A 1 17  ? -6.456  -9.093  -14.913 1.00 22.94 ? 17  ILE E CG1 1 
ATOM   154  C CG2 . ILE A 1 17  ? -3.983  -9.199  -14.757 1.00 22.21 ? 17  ILE E CG2 1 
ATOM   155  C CD1 . ILE A 1 17  ? -6.747  -10.602 -14.927 1.00 22.01 ? 17  ILE E CD1 1 
ATOM   156  N N   . TYR A 1 18  ? -2.771  -6.400  -15.106 1.00 14.55 ? 18  TYR E N   1 
ATOM   157  C CA  . TYR A 1 18  ? -1.438  -5.970  -15.364 1.00 17.89 ? 18  TYR E CA  1 
ATOM   158  C C   . TYR A 1 18  ? -0.488  -6.571  -14.328 1.00 9.98  ? 18  TYR E C   1 
ATOM   159  O O   . TYR A 1 18  ? -0.893  -7.064  -13.272 1.00 14.99 ? 18  TYR E O   1 
ATOM   160  C CB  . TYR A 1 18  ? -1.374  -4.430  -15.458 1.00 16.03 ? 18  TYR E CB  1 
ATOM   161  C CG  . TYR A 1 18  ? -1.592  -3.714  -14.125 1.00 13.98 ? 18  TYR E CG  1 
ATOM   162  C CD1 . TYR A 1 18  ? -2.905  -3.457  -13.722 1.00 16.41 ? 18  TYR E CD1 1 
ATOM   163  C CD2 . TYR A 1 18  ? -0.560  -3.311  -13.273 1.00 21.35 ? 18  TYR E CD2 1 
ATOM   164  C CE1 . TYR A 1 18  ? -3.182  -2.807  -12.509 1.00 16.83 ? 18  TYR E CE1 1 
ATOM   165  C CE2 . TYR A 1 18  ? -0.810  -2.662  -12.060 1.00 21.88 ? 18  TYR E CE2 1 
ATOM   166  C CZ  . TYR A 1 18  ? -2.127  -2.406  -11.693 1.00 14.66 ? 18  TYR E CZ  1 
ATOM   167  O OH  . TYR A 1 18  ? -2.464  -1.794  -10.494 1.00 19.88 ? 18  TYR E OH  1 
ATOM   168  N N   . LYS A 1 19  ? 0.780   -6.498  -14.707 1.00 14.92 ? 19  LYS E N   1 
ATOM   169  C CA  . LYS A 1 19  ? 1.966   -6.928  -13.980 1.00 21.90 ? 19  LYS E CA  1 
ATOM   170  C C   . LYS A 1 19  ? 2.656   -5.749  -13.280 1.00 25.84 ? 19  LYS E C   1 
ATOM   171  O O   . LYS A 1 19  ? 2.898   -4.667  -13.865 1.00 21.46 ? 19  LYS E O   1 
ATOM   172  C CB  . LYS A 1 19  ? 3.004   -7.455  -14.968 1.00 15.90 ? 19  LYS E CB  1 
ATOM   173  C CG  . LYS A 1 19  ? 3.146   -8.968  -15.009 1.00 32.39 ? 19  LYS E CG  1 
ATOM   174  C CD  . LYS A 1 19  ? 4.442   -9.421  -15.667 1.00 26.80 ? 19  LYS E CD  1 
ATOM   175  C CE  . LYS A 1 19  ? 4.647   -10.919 -15.547 1.00 37.21 ? 19  LYS E CE  1 
ATOM   176  N NZ  . LYS A 1 19  ? 3.421   -11.539 -15.035 1.00 34.74 ? 19  LYS E NZ  1 
ATOM   177  N N   . ASP A 1 20  ? 2.998   -5.950  -12.021 1.00 20.32 ? 20  ASP E N   1 
ATOM   178  C CA  . ASP A 1 20  ? 3.694   -4.915  -11.274 1.00 15.70 ? 20  ASP E CA  1 
ATOM   179  C C   . ASP A 1 20  ? 5.183   -4.967  -11.556 1.00 19.43 ? 20  ASP E C   1 
ATOM   180  O O   . ASP A 1 20  ? 5.609   -5.732  -12.405 1.00 19.11 ? 20  ASP E O   1 
ATOM   181  C CB  . ASP A 1 20  ? 3.414   -4.943  -9.777  1.00 16.77 ? 20  ASP E CB  1 
ATOM   182  C CG  . ASP A 1 20  ? 3.694   -6.261  -9.111  1.00 11.00 ? 20  ASP E CG  1 
ATOM   183  O OD1 . ASP A 1 20  ? 4.666   -6.930  -9.673  1.00 11.25 ? 20  ASP E OD1 1 
ATOM   184  O OD2 . ASP A 1 20  ? 3.148   -6.563  -8.087  1.00 13.27 ? 20  ASP E OD2 1 
ATOM   185  N N   . THR A 1 21  ? 5.994   -4.167  -10.862 1.00 16.50 ? 21  THR E N   1 
ATOM   186  C CA  . THR A 1 21  ? 7.417   -4.214  -11.143 1.00 12.27 ? 21  THR E CA  1 
ATOM   187  C C   . THR A 1 21  ? 8.070   -5.498  -10.690 1.00 18.64 ? 21  THR E C   1 
ATOM   188  O O   . THR A 1 21  ? 9.210   -5.699  -11.073 1.00 20.37 ? 21  THR E O   1 
ATOM   189  C CB  . THR A 1 21  ? 8.231   -2.965  -10.721 1.00 9.81  ? 21  THR E CB  1 
ATOM   190  O OG1 . THR A 1 21  ? 7.834   -2.706  -9.398  1.00 17.78 ? 21  THR E OG1 1 
ATOM   191  C CG2 . THR A 1 21  ? 7.815   -1.748  -11.581 1.00 15.04 ? 21  THR E CG2 1 
ATOM   192  N N   . GLU A 1 22  ? 7.359   -6.357  -9.930  1.00 19.02 ? 22  GLU E N   1 
ATOM   193  C CA  . GLU A 1 22  ? 7.888   -7.637  -9.402  1.00 7.47  ? 22  GLU E CA  1 
ATOM   194  C C   . GLU A 1 22  ? 7.399   -8.821  -10.224 1.00 18.71 ? 22  GLU E C   1 
ATOM   195  O O   . GLU A 1 22  ? 7.733   -9.961  -9.957  1.00 17.10 ? 22  GLU E O   1 
ATOM   196  C CB  . GLU A 1 22  ? 7.460   -7.848  -7.928  1.00 11.20 ? 22  GLU E CB  1 
ATOM   197  C CG  . GLU A 1 22  ? 8.177   -6.856  -6.976  1.00 9.35  ? 22  GLU E CG  1 
ATOM   198  C CD  . GLU A 1 22  ? 9.617   -7.266  -6.810  1.00 16.73 ? 22  GLU E CD  1 
ATOM   199  O OE1 . GLU A 1 22  ? 9.942   -8.384  -6.502  1.00 22.92 ? 22  GLU E OE1 1 
ATOM   200  O OE2 . GLU A 1 22  ? 10.505  -6.352  -7.081  1.00 20.38 ? 22  GLU E OE2 1 
ATOM   201  N N   . GLY A 1 23  ? 6.555   -8.543  -11.212 1.00 15.68 ? 23  GLY E N   1 
ATOM   202  C CA  . GLY A 1 23  ? 6.008   -9.576  -12.069 1.00 7.12  ? 23  GLY E CA  1 
ATOM   203  C C   . GLY A 1 23  ? 4.664   -10.095 -11.571 1.00 12.85 ? 23  GLY E C   1 
ATOM   204  O O   . GLY A 1 23  ? 4.118   -11.050 -12.134 1.00 14.48 ? 23  GLY E O   1 
ATOM   205  N N   . TYR A 1 24  ? 4.102   -9.491  -10.509 1.00 13.45 ? 24  TYR E N   1 
ATOM   206  C CA  . TYR A 1 24  ? 2.834   -9.999  -10.005 1.00 9.90  ? 24  TYR E CA  1 
ATOM   207  C C   . TYR A 1 24  ? 1.710   -9.334  -10.715 1.00 12.86 ? 24  TYR E C   1 
ATOM   208  O O   . TYR A 1 24  ? 1.894   -8.244  -11.245 1.00 14.04 ? 24  TYR E O   1 
ATOM   209  C CB  . TYR A 1 24  ? 2.627   -9.798  -8.505  1.00 11.73 ? 24  TYR E CB  1 
ATOM   210  C CG  . TYR A 1 24  ? 3.818   -10.317 -7.762  1.00 12.48 ? 24  TYR E CG  1 
ATOM   211  C CD1 . TYR A 1 24  ? 4.396   -11.547 -8.097  1.00 18.33 ? 24  TYR E CD1 1 
ATOM   212  C CD2 . TYR A 1 24  ? 4.412   -9.566  -6.749  1.00 16.55 ? 24  TYR E CD2 1 
ATOM   213  C CE1 . TYR A 1 24  ? 5.531   -12.040 -7.450  1.00 20.21 ? 24  TYR E CE1 1 
ATOM   214  C CE2 . TYR A 1 24  ? 5.508   -10.069 -6.054  1.00 13.40 ? 24  TYR E CE2 1 
ATOM   215  C CZ  . TYR A 1 24  ? 6.067   -11.304 -6.392  1.00 17.95 ? 24  TYR E CZ  1 
ATOM   216  O OH  . TYR A 1 24  ? 7.171   -11.794 -5.708  1.00 20.53 ? 24  TYR E OH  1 
ATOM   217  N N   . TYR A 1 25  ? 0.588   -10.003 -10.678 1.00 15.75 ? 25  TYR E N   1 
ATOM   218  C CA  . TYR A 1 25  ? -0.564  -9.518  -11.396 1.00 14.13 ? 25  TYR E CA  1 
ATOM   219  C C   . TYR A 1 25  ? -1.487  -8.715  -10.534 1.00 9.90  ? 25  TYR E C   1 
ATOM   220  O O   . TYR A 1 25  ? -1.957  -9.261  -9.551  1.00 12.47 ? 25  TYR E O   1 
ATOM   221  C CB  . TYR A 1 25  ? -1.379  -10.735 -11.829 1.00 14.51 ? 25  TYR E CB  1 
ATOM   222  C CG  . TYR A 1 25  ? -0.761  -11.444 -13.019 1.00 16.40 ? 25  TYR E CG  1 
ATOM   223  C CD1 . TYR A 1 25  ? -0.650  -10.786 -14.243 1.00 18.82 ? 25  TYR E CD1 1 
ATOM   224  C CD2 . TYR A 1 25  ? -0.282  -12.738 -12.886 1.00 7.98  ? 25  TYR E CD2 1 
ATOM   225  C CE1 . TYR A 1 25  ? -0.093  -11.429 -15.348 1.00 18.32 ? 25  TYR E CE1 1 
ATOM   226  C CE2 . TYR A 1 25  ? 0.291   -13.390 -13.975 1.00 20.54 ? 25  TYR E CE2 1 
ATOM   227  C CZ  . TYR A 1 25  ? 0.339   -12.751 -15.214 1.00 11.85 ? 25  TYR E CZ  1 
ATOM   228  O OH  . TYR A 1 25  ? 0.907   -13.408 -16.289 1.00 25.18 ? 25  TYR E OH  1 
ATOM   229  N N   . GLU A 1 26  ? -1.777  -7.489  -10.972 1.00 9.15  ? 26  GLU E N   1 
ATOM   230  C CA  . GLU A 1 26  ? -2.690  -6.628  -10.268 1.00 7.88  ? 26  GLU E CA  1 
ATOM   231  C C   . GLU A 1 26  ? -3.772  -6.065  -11.224 1.00 13.17 ? 26  GLU E C   1 
ATOM   232  O O   . GLU A 1 26  ? -3.712  -6.239  -12.424 1.00 15.41 ? 26  GLU E O   1 
ATOM   233  C CB  . GLU A 1 26  ? -1.871  -5.481  -9.613  1.00 13.70 ? 26  GLU E CB  1 
ATOM   234  C CG  . GLU A 1 26  ? -0.644  -5.861  -8.733  1.00 8.84  ? 26  GLU E CG  1 
ATOM   235  C CD  . GLU A 1 26  ? -0.072  -4.610  -8.082  1.00 7.16  ? 26  GLU E CD  1 
ATOM   236  O OE1 . GLU A 1 26  ? -0.373  -3.517  -8.724  1.00 12.32 ? 26  GLU E OE1 1 
ATOM   237  O OE2 . GLU A 1 26  ? 0.547   -4.575  -7.042  1.00 11.03 ? 26  GLU E OE2 1 
ATOM   238  N N   . ILE A 1 27  ? -4.806  -5.388  -10.715 1.00 11.03 ? 27  ILE E N   1 
ATOM   239  C CA  . ILE A 1 27  ? -5.821  -4.806  -11.577 1.00 13.90 ? 27  ILE E CA  1 
ATOM   240  C C   . ILE A 1 27  ? -6.349  -3.603  -10.853 1.00 18.23 ? 27  ILE E C   1 
ATOM   241  O O   . ILE A 1 27  ? -6.019  -3.466  -9.668  1.00 15.82 ? 27  ILE E O   1 
ATOM   242  C CB  . ILE A 1 27  ? -6.915  -5.735  -12.052 1.00 13.19 ? 27  ILE E CB  1 
ATOM   243  C CG1 . ILE A 1 27  ? -7.603  -5.159  -13.301 1.00 15.89 ? 27  ILE E CG1 1 
ATOM   244  C CG2 . ILE A 1 27  ? -7.902  -6.077  -10.938 1.00 7.66  ? 27  ILE E CG2 1 
ATOM   245  C CD1 . ILE A 1 27  ? -8.783  -6.050  -13.674 1.00 9.44  ? 27  ILE E CD1 1 
ATOM   246  N N   . GLY A 1 28  ? -7.080  -2.759  -11.559 1.00 14.37 ? 28  GLY E N   1 
ATOM   247  C CA  . GLY A 1 28  ? -7.654  -1.550  -10.987 1.00 10.43 ? 28  GLY E CA  1 
ATOM   248  C C   . GLY A 1 28  ? -6.648  -0.609  -10.328 1.00 12.46 ? 28  GLY E C   1 
ATOM   249  O O   . GLY A 1 28  ? -5.632  -0.153  -10.893 1.00 14.78 ? 28  GLY E O   1 
ATOM   250  N N   . ILE A 1 29  ? -6.910  -0.303  -9.065  1.00 11.22 ? 29  ILE E N   1 
ATOM   251  C CA  . ILE A 1 29  ? -6.020  0.554   -8.326  1.00 9.51  ? 29  ILE E CA  1 
ATOM   252  C C   . ILE A 1 29  ? -5.191  -0.240  -7.335  1.00 13.04 ? 29  ILE E C   1 
ATOM   253  O O   . ILE A 1 29  ? -5.511  -0.272  -6.144  1.00 11.44 ? 29  ILE E O   1 
ATOM   254  C CB  . ILE A 1 29  ? -6.763  1.658   -7.577  1.00 11.26 ? 29  ILE E CB  1 
ATOM   255  C CG1 . ILE A 1 29  ? -7.564  2.493   -8.595  1.00 18.75 ? 29  ILE E CG1 1 
ATOM   256  C CG2 . ILE A 1 29  ? -5.737  2.563   -6.867  1.00 6.16  ? 29  ILE E CG2 1 
ATOM   257  C CD1 . ILE A 1 29  ? -8.826  3.087   -7.997  1.00 16.35 ? 29  ILE E CD1 1 
ATOM   258  N N   . GLY A 1 30  ? -4.143  -0.893  -7.840  1.00 12.52 ? 30  GLY E N   1 
ATOM   259  C CA  . GLY A 1 30  ? -3.264  -1.705  -6.994  1.00 8.87  ? 30  GLY E CA  1 
ATOM   260  C C   . GLY A 1 30  ? -3.959  -2.909  -6.382  1.00 11.87 ? 30  GLY E C   1 
ATOM   261  O O   . GLY A 1 30  ? -3.548  -3.368  -5.310  1.00 11.53 ? 30  GLY E O   1 
ATOM   262  N N   . HIS A 1 31  ? -5.008  -3.475  -6.999  1.00 3.15  ? 31  HIS E N   1 
ATOM   263  C CA  . HIS A 1 31  ? -5.599  -4.621  -6.323  1.00 6.74  ? 31  HIS E CA  1 
ATOM   264  C C   . HIS A 1 31  ? -4.822  -5.856  -6.716  1.00 11.35 ? 31  HIS E C   1 
ATOM   265  O O   . HIS A 1 31  ? -4.840  -6.193  -7.911  1.00 8.65  ? 31  HIS E O   1 
ATOM   266  C CB  . HIS A 1 31  ? -7.060  -4.862  -6.723  1.00 6.94  ? 31  HIS E CB  1 
ATOM   267  C CG  . HIS A 1 31  ? -7.642  -6.097  -6.109  1.00 11.14 ? 31  HIS E CG  1 
ATOM   268  N ND1 . HIS A 1 31  ? -8.130  -6.075  -4.798  1.00 7.09  ? 31  HIS E ND1 1 
ATOM   269  C CD2 . HIS A 1 31  ? -7.810  -7.351  -6.600  1.00 8.33  ? 31  HIS E CD2 1 
ATOM   270  C CE1 . HIS A 1 31  ? -8.595  -7.294  -4.515  1.00 8.37  ? 31  HIS E CE1 1 
ATOM   271  N NE2 . HIS A 1 31  ? -8.395  -8.102  -5.565  1.00 8.77  ? 31  HIS E NE2 1 
ATOM   272  N N   . LEU A 1 32  ? -4.162  -6.502  -5.750  1.00 10.76 ? 32  LEU E N   1 
ATOM   273  C CA  . LEU A 1 32  ? -3.372  -7.719  -5.990  1.00 10.67 ? 32  LEU E CA  1 
ATOM   274  C C   . LEU A 1 32  ? -4.250  -8.914  -6.321  1.00 12.54 ? 32  LEU E C   1 
ATOM   275  O O   . LEU A 1 32  ? -5.156  -9.231  -5.567  1.00 14.96 ? 32  LEU E O   1 
ATOM   276  C CB  . LEU A 1 32  ? -2.467  -8.135  -4.783  1.00 9.87  ? 32  LEU E CB  1 
ATOM   277  C CG  . LEU A 1 32  ? -1.556  -9.363  -5.003  1.00 4.07  ? 32  LEU E CG  1 
ATOM   278  C CD1 . LEU A 1 32  ? -0.650  -9.163  -6.198  1.00 5.30  ? 32  LEU E CD1 1 
ATOM   279  C CD2 . LEU A 1 32  ? -0.706  -9.581  -3.733  1.00 7.71  ? 32  LEU E CD2 1 
ATOM   280  N N   . LEU A 1 33  ? -3.964  -9.569  -7.442  1.00 10.11 ? 33  LEU E N   1 
ATOM   281  C CA  . LEU A 1 33  ? -4.710  -10.750 -7.832  1.00 12.98 ? 33  LEU E CA  1 
ATOM   282  C C   . LEU A 1 33  ? -4.036  -12.041 -7.432  1.00 8.10  ? 33  LEU E C   1 
ATOM   283  O O   . LEU A 1 33  ? -4.671  -12.925 -6.847  1.00 15.70 ? 33  LEU E O   1 
ATOM   284  C CB  . LEU A 1 33  ? -5.139  -10.802 -9.320  1.00 10.10 ? 33  LEU E CB  1 
ATOM   285  C CG  . LEU A 1 33  ? -5.995  -9.618  -9.721  1.00 11.45 ? 33  LEU E CG  1 
ATOM   286  C CD1 . LEU A 1 33  ? -6.132  -9.624  -11.243 1.00 6.66  ? 33  LEU E CD1 1 
ATOM   287  C CD2 . LEU A 1 33  ? -7.377  -9.740  -9.049  1.00 16.47 ? 33  LEU E CD2 1 
ATOM   288  N N   . THR A 1 34  ? -2.791  -12.187 -7.841  1.00 15.15 ? 34  THR E N   1 
ATOM   289  C CA  . THR A 1 34  ? -2.076  -13.413 -7.547  1.00 18.08 ? 34  THR E CA  1 
ATOM   290  C C   . THR A 1 34  ? -0.571  -13.209 -7.766  1.00 19.21 ? 34  THR E C   1 
ATOM   291  O O   . THR A 1 34  ? -0.170  -12.401 -8.591  1.00 18.65 ? 34  THR E O   1 
ATOM   292  C CB  . THR A 1 34  ? -2.544  -14.566 -8.473  1.00 11.72 ? 34  THR E CB  1 
ATOM   293  O OG1 . THR A 1 34  ? -1.815  -15.726 -8.060  1.00 19.69 ? 34  THR E OG1 1 
ATOM   294  C CG2 . THR A 1 34  ? -2.167  -14.157 -9.910  1.00 9.66  ? 34  THR E CG2 1 
ATOM   295  N N   . LYS A 1 35  ? 0.269   -13.960 -7.054  1.00 21.81 ? 35  LYS E N   1 
ATOM   296  C CA  . LYS A 1 35  ? 1.712   -13.814 -7.235  1.00 23.26 ? 35  LYS E CA  1 
ATOM   297  C C   . LYS A 1 35  ? 2.206   -14.948 -8.174  1.00 29.92 ? 35  LYS E C   1 
ATOM   298  O O   . LYS A 1 35  ? 3.321   -15.001 -8.669  1.00 28.66 ? 35  LYS E O   1 
ATOM   299  C CB  . LYS A 1 35  ? 2.449   -13.751 -5.881  1.00 27.18 ? 35  LYS E CB  1 
ATOM   300  C CG  . LYS A 1 35  ? 2.176   -12.524 -5.013  1.00 20.31 ? 35  LYS E CG  1 
ATOM   301  C CD  . LYS A 1 35  ? 3.409   -11.981 -4.282  1.00 22.12 ? 35  LYS E CD  1 
ATOM   302  C CE  . LYS A 1 35  ? 3.372   -12.157 -2.776  1.00 35.16 ? 35  LYS E CE  1 
ATOM   303  N NZ  . LYS A 1 35  ? 4.669   -11.912 -2.112  1.00 38.09 ? 35  LYS E NZ  1 
ATOM   304  N N   . SER A 1 36  ? 1.308   -15.884 -8.440  1.00 23.02 ? 36  SER E N   1 
ATOM   305  C CA  . SER A 1 36  ? 1.587   -16.990 -9.342  1.00 25.74 ? 36  SER E CA  1 
ATOM   306  C C   . SER A 1 36  ? 1.772   -16.458 -10.771 1.00 21.05 ? 36  SER E C   1 
ATOM   307  O O   . SER A 1 36  ? 1.118   -15.511 -11.220 1.00 31.02 ? 36  SER E O   1 
ATOM   308  C CB  . SER A 1 36  ? 0.511   -18.070 -9.227  1.00 35.08 ? 36  SER E CB  1 
ATOM   309  O OG  . SER A 1 36  ? -0.133  -18.180 -10.485 1.00 41.85 ? 36  SER E OG  1 
ATOM   310  N N   . PRO A 1 37  ? 2.701   -17.017 -11.534 1.00 22.81 ? 37  PRO E N   1 
ATOM   311  C CA  . PRO A 1 37  ? 2.971   -16.515 -12.887 1.00 23.02 ? 37  PRO E CA  1 
ATOM   312  C C   . PRO A 1 37  ? 1.895   -16.714 -13.976 1.00 17.38 ? 37  PRO E C   1 
ATOM   313  O O   . PRO A 1 37  ? 1.905   -16.107 -15.082 1.00 22.39 ? 37  PRO E O   1 
ATOM   314  C CB  . PRO A 1 37  ? 4.302   -17.134 -13.287 1.00 22.37 ? 37  PRO E CB  1 
ATOM   315  C CG  . PRO A 1 37  ? 4.481   -18.338 -12.378 1.00 19.30 ? 37  PRO E CG  1 
ATOM   316  C CD  . PRO A 1 37  ? 3.564   -18.168 -11.175 1.00 14.84 ? 37  PRO E CD  1 
ATOM   317  N N   . SER A 1 38  ? 0.929   -17.545 -13.673 1.00 20.10 ? 38  SER E N   1 
ATOM   318  C CA  . SER A 1 38  ? -0.103  -17.769 -14.665 1.00 22.05 ? 38  SER E CA  1 
ATOM   319  C C   . SER A 1 38  ? -1.192  -16.710 -14.784 1.00 24.24 ? 38  SER E C   1 
ATOM   320  O O   . SER A 1 38  ? -1.956  -16.488 -13.859 1.00 33.20 ? 38  SER E O   1 
ATOM   321  C CB  . SER A 1 38  ? -0.846  -19.052 -14.355 1.00 35.43 ? 38  SER E CB  1 
ATOM   322  O OG  . SER A 1 38  ? -2.041  -19.084 -15.132 1.00 24.61 ? 38  SER E OG  1 
ATOM   323  N N   . LEU A 1 39  ? -1.326  -16.107 -15.939 1.00 23.25 ? 39  LEU E N   1 
ATOM   324  C CA  . LEU A 1 39  ? -2.370  -15.142 -16.195 1.00 26.92 ? 39  LEU E CA  1 
ATOM   325  C C   . LEU A 1 39  ? -3.762  -15.767 -15.972 1.00 27.63 ? 39  LEU E C   1 
ATOM   326  O O   . LEU A 1 39  ? -4.724  -15.110 -15.591 1.00 23.39 ? 39  LEU E O   1 
ATOM   327  C CB  . LEU A 1 39  ? -2.131  -14.638 -17.629 1.00 25.31 ? 39  LEU E CB  1 
ATOM   328  C CG  . LEU A 1 39  ? -3.214  -13.713 -18.136 1.00 29.31 ? 39  LEU E CG  1 
ATOM   329  C CD1 . LEU A 1 39  ? -3.319  -12.532 -17.181 1.00 20.41 ? 39  LEU E CD1 1 
ATOM   330  C CD2 . LEU A 1 39  ? -2.824  -13.266 -19.534 1.00 20.71 ? 39  LEU E CD2 1 
ATOM   331  N N   . ASN A 1 40  ? -3.910  -17.081 -16.158 1.00 28.08 ? 40  ASN E N   1 
ATOM   332  C CA  . ASN A 1 40  ? -5.208  -17.680 -15.915 1.00 17.47 ? 40  ASN E CA  1 
ATOM   333  C C   . ASN A 1 40  ? -5.591  -17.755 -14.454 1.00 25.49 ? 40  ASN E C   1 
ATOM   334  O O   . ASN A 1 40  ? -6.765  -17.623 -14.123 1.00 23.90 ? 40  ASN E O   1 
ATOM   335  C CB  . ASN A 1 40  ? -5.414  -19.027 -16.568 1.00 27.36 ? 40  ASN E CB  1 
ATOM   336  C CG  . ASN A 1 40  ? -5.459  -19.001 -18.069 1.00 43.25 ? 40  ASN E CG  1 
ATOM   337  O OD1 . ASN A 1 40  ? -5.837  -18.015 -18.726 1.00 35.70 ? 40  ASN E OD1 1 
ATOM   338  N ND2 . ASN A 1 40  ? -5.091  -20.140 -18.619 1.00 44.43 ? 40  ASN E ND2 1 
ATOM   339  N N   . ALA A 1 41  ? -4.636  -17.970 -13.547 1.00 25.38 ? 41  ALA E N   1 
ATOM   340  C CA  . ALA A 1 41  ? -5.027  -18.010 -12.136 1.00 27.34 ? 41  ALA E CA  1 
ATOM   341  C C   . ALA A 1 41  ? -5.478  -16.608 -11.719 1.00 13.41 ? 41  ALA E C   1 
ATOM   342  O O   . ALA A 1 41  ? -6.330  -16.436 -10.855 1.00 14.79 ? 41  ALA E O   1 
ATOM   343  C CB  . ALA A 1 41  ? -3.868  -18.397 -11.257 1.00 23.81 ? 41  ALA E CB  1 
ATOM   344  N N   . ALA A 1 42  ? -4.849  -15.630 -12.379 1.00 19.57 ? 42  ALA E N   1 
ATOM   345  C CA  . ALA A 1 42  ? -5.174  -14.239 -12.134 1.00 24.79 ? 42  ALA E CA  1 
ATOM   346  C C   . ALA A 1 42  ? -6.614  -13.992 -12.579 1.00 21.69 ? 42  ALA E C   1 
ATOM   347  O O   . ALA A 1 42  ? -7.390  -13.389 -11.845 1.00 20.93 ? 42  ALA E O   1 
ATOM   348  C CB  . ALA A 1 42  ? -4.201  -13.328 -12.869 1.00 20.22 ? 42  ALA E CB  1 
ATOM   349  N N   . LYS A 1 43  ? -6.978  -14.428 -13.810 1.00 25.55 ? 43  LYS E N   1 
ATOM   350  C CA  . LYS A 1 43  ? -8.351  -14.250 -14.294 1.00 15.88 ? 43  LYS E CA  1 
ATOM   351  C C   . LYS A 1 43  ? -9.293  -14.921 -13.317 1.00 18.39 ? 43  LYS E C   1 
ATOM   352  O O   . LYS A 1 43  ? -10.348 -14.426 -12.964 1.00 18.22 ? 43  LYS E O   1 
ATOM   353  C CB  . LYS A 1 43  ? -8.587  -14.956 -15.594 1.00 15.92 ? 43  LYS E CB  1 
ATOM   354  C CG  . LYS A 1 43  ? -7.705  -14.385 -16.670 1.00 26.07 ? 43  LYS E CG  1 
ATOM   355  C CD  . LYS A 1 43  ? -8.392  -14.566 -17.998 1.00 30.75 ? 43  LYS E CD  1 
ATOM   356  C CE  . LYS A 1 43  ? -7.740  -13.720 -19.067 1.00 34.67 ? 43  LYS E CE  1 
ATOM   357  N NZ  . LYS A 1 43  ? -8.071  -14.209 -20.413 1.00 31.58 ? 43  LYS E NZ  1 
ATOM   358  N N   . SER A 1 44  ? -8.898  -16.088 -12.839 1.00 19.70 ? 44  SER E N   1 
ATOM   359  C CA  . SER A 1 44  ? -9.740  -16.765 -11.878 1.00 23.31 ? 44  SER E CA  1 
ATOM   360  C C   . SER A 1 44  ? -9.950  -15.997 -10.588 1.00 32.83 ? 44  SER E C   1 
ATOM   361  O O   . SER A 1 44  ? -11.070 -15.947 -10.089 1.00 29.69 ? 44  SER E O   1 
ATOM   362  C CB  . SER A 1 44  ? -9.267  -18.176 -11.633 1.00 30.71 ? 44  SER E CB  1 
ATOM   363  O OG  . SER A 1 44  ? -10.413 -19.007 -11.657 1.00 39.74 ? 44  SER E OG  1 
ATOM   364  N N   . GLU A 1 45  ? -8.873  -15.411 -10.038 1.00 30.74 ? 45  GLU E N   1 
ATOM   365  C CA  . GLU A 1 45  ? -8.984  -14.640 -8.797  1.00 28.05 ? 45  GLU E CA  1 
ATOM   366  C C   . GLU A 1 45  ? -9.917  -13.495 -9.060  1.00 17.35 ? 45  GLU E C   1 
ATOM   367  O O   . GLU A 1 45  ? -10.695 -13.065 -8.204  1.00 23.37 ? 45  GLU E O   1 
ATOM   368  C CB  . GLU A 1 45  ? -7.665  -13.990 -8.295  1.00 24.43 ? 45  GLU E CB  1 
ATOM   369  C CG  . GLU A 1 45  ? -6.687  -15.064 -7.804  1.00 20.73 ? 45  GLU E CG  1 
ATOM   370  C CD  . GLU A 1 45  ? -7.433  -16.103 -7.024  1.00 35.23 ? 45  GLU E CD  1 
ATOM   371  O OE1 . GLU A 1 45  ? -8.035  -15.876 -5.991  1.00 30.08 ? 45  GLU E OE1 1 
ATOM   372  O OE2 . GLU A 1 45  ? -7.455  -17.259 -7.611  1.00 40.29 ? 45  GLU E OE2 1 
ATOM   373  N N   . LEU A 1 46  ? -9.762  -12.967 -10.251 1.00 23.88 ? 46  LEU E N   1 
ATOM   374  C CA  . LEU A 1 46  ? -10.566 -11.837 -10.650 1.00 19.20 ? 46  LEU E CA  1 
ATOM   375  C C   . LEU A 1 46  ? -12.076 -12.151 -10.636 1.00 23.87 ? 46  LEU E C   1 
ATOM   376  O O   . LEU A 1 46  ? -12.845 -11.522 -9.926  1.00 23.96 ? 46  LEU E O   1 
ATOM   377  C CB  . LEU A 1 46  ? -9.993  -11.253 -11.965 1.00 21.62 ? 46  LEU E CB  1 
ATOM   378  C CG  . LEU A 1 46  ? -10.720 -9.996  -12.457 1.00 14.80 ? 46  LEU E CG  1 
ATOM   379  C CD1 . LEU A 1 46  ? -10.687 -8.894  -11.398 1.00 16.67 ? 46  LEU E CD1 1 
ATOM   380  C CD2 . LEU A 1 46  ? -10.093 -9.478  -13.739 1.00 18.65 ? 46  LEU E CD2 1 
ATOM   381  N N   . ASP A 1 47  ? -12.525 -13.153 -11.385 1.00 31.73 ? 47  ASP E N   1 
ATOM   382  C CA  . ASP A 1 47  ? -13.945 -13.479 -11.409 1.00 27.08 ? 47  ASP E CA  1 
ATOM   383  C C   . ASP A 1 47  ? -14.472 -13.846 -10.079 1.00 22.21 ? 47  ASP E C   1 
ATOM   384  O O   . ASP A 1 47  ? -15.663 -13.858 -9.869  1.00 28.26 ? 47  ASP E O   1 
ATOM   385  C CB  . ASP A 1 47  ? -14.279 -14.696 -12.222 1.00 16.50 ? 47  ASP E CB  1 
ATOM   386  C CG  . ASP A 1 47  ? -13.864 -14.500 -13.636 1.00 25.57 ? 47  ASP E CG  1 
ATOM   387  O OD1 . ASP A 1 47  ? -13.608 -13.418 -14.140 1.00 19.21 ? 47  ASP E OD1 1 
ATOM   388  O OD2 . ASP A 1 47  ? -13.721 -15.649 -14.235 1.00 25.55 ? 47  ASP E OD2 1 
ATOM   389  N N   . LYS A 1 48  ? -13.611 -14.184 -9.173  1.00 24.92 ? 48  LYS E N   1 
ATOM   390  C CA  . LYS A 1 48  ? -14.175 -14.522 -7.892  1.00 15.30 ? 48  LYS E CA  1 
ATOM   391  C C   . LYS A 1 48  ? -14.388 -13.231 -7.112  1.00 29.42 ? 48  LYS E C   1 
ATOM   392  O O   . LYS A 1 48  ? -15.335 -13.091 -6.373  1.00 36.81 ? 48  LYS E O   1 
ATOM   393  C CB  . LYS A 1 48  ? -13.298 -15.484 -7.121  1.00 33.69 ? 48  LYS E CB  1 
ATOM   394  C CG  . LYS A 1 48  ? -13.458 -16.911 -7.608  1.00 37.80 ? 48  LYS E CG  1 
ATOM   395  C CD  . LYS A 1 48  ? -12.422 -17.827 -6.994  1.00 34.76 ? 48  LYS E CD  1 
ATOM   396  C CE  . LYS A 1 48  ? -11.039 -17.177 -6.940  1.00 47.97 ? 48  LYS E CE  1 
ATOM   397  N NZ  . LYS A 1 48  ? -9.962  -18.065 -6.444  1.00 38.30 ? 48  LYS E NZ  1 
ATOM   398  N N   . ALA A 1 49  ? -13.517 -12.254 -7.292  1.00 26.30 ? 49  ALA E N   1 
ATOM   399  C CA  . ALA A 1 49  ? -13.674 -11.001 -6.594  1.00 24.22 ? 49  ALA E CA  1 
ATOM   400  C C   . ALA A 1 49  ? -14.900 -10.240 -7.060  1.00 32.51 ? 49  ALA E C   1 
ATOM   401  O O   . ALA A 1 49  ? -15.641 -9.675  -6.252  1.00 38.82 ? 49  ALA E O   1 
ATOM   402  C CB  . ALA A 1 49  ? -12.466 -10.098 -6.803  1.00 28.14 ? 49  ALA E CB  1 
ATOM   403  N N   . ILE A 1 50  ? -15.064 -10.210 -8.371  1.00 29.19 ? 50  ILE E N   1 
ATOM   404  C CA  . ILE A 1 50  ? -16.137 -9.503  -9.037  1.00 18.70 ? 50  ILE E CA  1 
ATOM   405  C C   . ILE A 1 50  ? -17.451 -10.238 -8.943  1.00 25.25 ? 50  ILE E C   1 
ATOM   406  O O   . ILE A 1 50  ? -18.493 -9.682  -8.629  1.00 35.48 ? 50  ILE E O   1 
ATOM   407  C CB  . ILE A 1 50  ? -15.782 -9.329  -10.511 1.00 33.62 ? 50  ILE E CB  1 
ATOM   408  C CG1 . ILE A 1 50  ? -14.616 -8.355  -10.631 1.00 24.03 ? 50  ILE E CG1 1 
ATOM   409  C CG2 . ILE A 1 50  ? -16.978 -8.858  -11.325 1.00 25.86 ? 50  ILE E CG2 1 
ATOM   410  C CD1 . ILE A 1 50  ? -14.623 -7.317  -9.523  1.00 26.52 ? 50  ILE E CD1 1 
ATOM   411  N N   . GLY A 1 51  ? -17.428 -11.509 -9.249  1.00 25.26 ? 51  GLY E N   1 
ATOM   412  C CA  . GLY A 1 51  ? -18.646 -12.278 -9.178  1.00 29.09 ? 51  GLY E CA  1 
ATOM   413  C C   . GLY A 1 51  ? -19.218 -12.455 -10.547 1.00 40.95 ? 51  GLY E C   1 
ATOM   414  O O   . GLY A 1 51  ? -20.407 -12.680 -10.719 1.00 39.23 ? 51  GLY E O   1 
ATOM   415  N N   . ARG A 1 52  ? -18.325 -12.360 -11.505 1.00 31.87 ? 52  ARG E N   1 
ATOM   416  C CA  . ARG A 1 52  ? -18.715 -12.509 -12.867 1.00 34.60 ? 52  ARG E CA  1 
ATOM   417  C C   . ARG A 1 52  ? -17.573 -12.973 -13.753 1.00 31.29 ? 52  ARG E C   1 
ATOM   418  O O   . ARG A 1 52  ? -16.399 -13.079 -13.375 1.00 25.93 ? 52  ARG E O   1 
ATOM   419  C CB  . ARG A 1 52  ? -19.370 -11.209 -13.330 1.00 19.71 ? 52  ARG E CB  1 
ATOM   420  C CG  . ARG A 1 52  ? -18.451 -10.171 -13.949 1.00 26.44 ? 52  ARG E CG  1 
ATOM   421  C CD  . ARG A 1 52  ? -19.157 -8.824  -14.139 1.00 21.88 ? 52  ARG E CD  1 
ATOM   422  N NE  . ARG A 1 52  ? -18.268 -7.703  -14.453 1.00 20.57 ? 52  ARG E NE  1 
ATOM   423  C CZ  . ARG A 1 52  ? -17.582 -7.611  -15.578 1.00 19.52 ? 52  ARG E CZ  1 
ATOM   424  N NH1 . ARG A 1 52  ? -17.739 -8.572  -16.491 1.00 20.34 ? 52  ARG E NH1 1 
ATOM   425  N NH2 . ARG A 1 52  ? -16.763 -6.559  -15.792 1.00 20.22 ? 52  ARG E NH2 1 
ATOM   426  N N   . ASN A 1 53  ? -17.930 -13.240 -14.984 1.00 25.59 ? 53  ASN E N   1 
ATOM   427  C CA  . ASN A 1 53  ? -16.954 -13.668 -15.947 1.00 34.28 ? 53  ASN E CA  1 
ATOM   428  C C   . ASN A 1 53  ? -16.399 -12.361 -16.459 1.00 27.26 ? 53  ASN E C   1 
ATOM   429  O O   . ASN A 1 53  ? -17.157 -11.593 -17.046 1.00 34.07 ? 53  ASN E O   1 
ATOM   430  C CB  . ASN A 1 53  ? -17.669 -14.452 -17.065 1.00 42.41 ? 53  ASN E CB  1 
ATOM   431  C CG  . ASN A 1 53  ? -16.928 -15.631 -17.674 1.00 41.36 ? 53  ASN E CG  1 
ATOM   432  O OD1 . ASN A 1 53  ? -15.706 -15.571 -17.895 1.00 36.02 ? 53  ASN E OD1 1 
ATOM   433  N ND2 . ASN A 1 53  ? -17.708 -16.677 -18.010 1.00 32.38 ? 53  ASN E ND2 1 
ATOM   434  N N   . THR A 1 54  ? -15.108 -12.086 -16.246 1.00 21.31 ? 54  THR E N   1 
ATOM   435  C CA  . THR A 1 54  ? -14.545 -10.799 -16.643 1.00 21.88 ? 54  THR E CA  1 
ATOM   436  C C   . THR A 1 54  ? -13.586 -10.825 -17.794 1.00 22.27 ? 54  THR E C   1 
ATOM   437  O O   . THR A 1 54  ? -13.337 -9.780  -18.408 1.00 29.44 ? 54  THR E O   1 
ATOM   438  C CB  . THR A 1 54  ? -13.775 -10.126 -15.455 1.00 19.20 ? 54  THR E CB  1 
ATOM   439  O OG1 . THR A 1 54  ? -12.636 -10.887 -15.123 1.00 18.75 ? 54  THR E OG1 1 
ATOM   440  C CG2 . THR A 1 54  ? -14.623 -10.043 -14.187 1.00 19.08 ? 54  THR E CG2 1 
ATOM   441  N N   . ASN A 1 55  ? -13.016 -11.993 -18.025 1.00 30.50 ? 55  ASN E N   1 
ATOM   442  C CA  . ASN A 1 55  ? -12.027 -12.135 -19.072 1.00 20.32 ? 55  ASN E CA  1 
ATOM   443  C C   . ASN A 1 55  ? -10.844 -11.199 -18.848 1.00 24.33 ? 55  ASN E C   1 
ATOM   444  O O   . ASN A 1 55  ? -10.137 -10.810 -19.781 1.00 26.24 ? 55  ASN E O   1 
ATOM   445  C CB  . ASN A 1 55  ? -12.532 -12.147 -20.539 1.00 33.09 ? 55  ASN E CB  1 
ATOM   446  C CG  . ASN A 1 55  ? -11.772 -13.207 -21.299 1.00 44.26 ? 55  ASN E CG  1 
ATOM   447  O OD1 . ASN A 1 55  ? -12.070 -14.406 -21.167 1.00 40.50 ? 55  ASN E OD1 1 
ATOM   448  N ND2 . ASN A 1 55  ? -10.710 -12.777 -21.968 1.00 39.01 ? 55  ASN E ND2 1 
ATOM   449  N N   . GLY A 1 56  ? -10.661 -10.837 -17.580 1.00 23.81 ? 56  GLY E N   1 
ATOM   450  C CA  . GLY A 1 56  ? -9.585  -9.967  -17.190 1.00 21.56 ? 56  GLY E CA  1 
ATOM   451  C C   . GLY A 1 56  ? -9.840  -8.500  -17.469 1.00 17.97 ? 56  GLY E C   1 
ATOM   452  O O   . GLY A 1 56  ? -8.880  -7.767  -17.632 1.00 17.04 ? 56  GLY E O   1 
ATOM   453  N N   . VAL A 1 57  ? -11.099 -8.071  -17.505 1.00 16.83 ? 57  VAL E N   1 
ATOM   454  C CA  . VAL A 1 57  ? -11.406 -6.658  -17.746 1.00 14.46 ? 57  VAL E CA  1 
ATOM   455  C C   . VAL A 1 57  ? -12.552 -6.238  -16.831 1.00 15.27 ? 57  VAL E C   1 
ATOM   456  O O   . VAL A 1 57  ? -13.529 -6.977  -16.666 1.00 24.71 ? 57  VAL E O   1 
ATOM   457  C CB  . VAL A 1 57  ? -11.732 -6.261  -19.188 1.00 18.14 ? 57  VAL E CB  1 
ATOM   458  C CG1 . VAL A 1 57  ? -11.761 -4.732  -19.243 1.00 21.08 ? 57  VAL E CG1 1 
ATOM   459  C CG2 . VAL A 1 57  ? -10.648 -6.707  -20.157 1.00 20.65 ? 57  VAL E CG2 1 
ATOM   460  N N   . ILE A 1 58  ? -12.429 -5.079  -16.178 1.00 18.26 ? 58  ILE E N   1 
ATOM   461  C CA  . ILE A 1 58  ? -13.506 -4.637  -15.297 1.00 16.46 ? 58  ILE E CA  1 
ATOM   462  C C   . ILE A 1 58  ? -13.935 -3.228  -15.602 1.00 14.09 ? 58  ILE E C   1 
ATOM   463  O O   . ILE A 1 58  ? -13.214 -2.486  -16.284 1.00 19.46 ? 58  ILE E O   1 
ATOM   464  C CB  . ILE A 1 58  ? -13.155 -4.738  -13.815 1.00 16.45 ? 58  ILE E CB  1 
ATOM   465  C CG1 . ILE A 1 58  ? -11.823 -3.980  -13.586 1.00 15.98 ? 58  ILE E CG1 1 
ATOM   466  C CG2 . ILE A 1 58  ? -13.021 -6.243  -13.563 1.00 16.68 ? 58  ILE E CG2 1 
ATOM   467  C CD1 . ILE A 1 58  ? -11.505 -3.593  -12.139 1.00 11.03 ? 58  ILE E CD1 1 
ATOM   468  N N   . THR A 1 59  ? -15.103 -2.905  -15.049 1.00 10.64 ? 59  THR E N   1 
ATOM   469  C CA  . THR A 1 59  ? -15.669 -1.570  -15.196 1.00 20.30 ? 59  THR E CA  1 
ATOM   470  C C   . THR A 1 59  ? -14.939 -0.619  -14.247 1.00 13.60 ? 59  THR E C   1 
ATOM   471  O O   . THR A 1 59  ? -14.271 -1.002  -13.325 1.00 14.05 ? 59  THR E O   1 
ATOM   472  C CB  . THR A 1 59  ? -17.175 -1.531  -14.855 1.00 14.85 ? 59  THR E CB  1 
ATOM   473  O OG1 . THR A 1 59  ? -17.388 -1.940  -13.521 1.00 17.69 ? 59  THR E OG1 1 
ATOM   474  C CG2 . THR A 1 59  ? -17.997 -2.466  -15.737 1.00 16.01 ? 59  THR E CG2 1 
ATOM   475  N N   . LYS A 1 60  ? -15.042 0.652   -14.476 1.00 14.18 ? 60  LYS E N   1 
ATOM   476  C CA  . LYS A 1 60  ? -14.363 1.551   -13.598 1.00 25.11 ? 60  LYS E CA  1 
ATOM   477  C C   . LYS A 1 60  ? -15.053 1.487   -12.258 1.00 20.67 ? 60  LYS E C   1 
ATOM   478  O O   . LYS A 1 60  ? -14.508 1.579   -11.169 1.00 25.62 ? 60  LYS E O   1 
ATOM   479  C CB  . LYS A 1 60  ? -14.475 2.915   -14.227 1.00 23.37 ? 60  LYS E CB  1 
ATOM   480  C CG  . LYS A 1 60  ? -14.188 4.005   -13.227 1.00 37.52 ? 60  LYS E CG  1 
ATOM   481  C CD  . LYS A 1 60  ? -13.555 5.240   -13.862 1.00 27.92 ? 60  LYS E CD  1 
ATOM   482  C CE  . LYS A 1 60  ? -13.760 6.448   -12.957 1.00 53.09 ? 60  LYS E CE  1 
ATOM   483  N NZ  . LYS A 1 60  ? -12.649 7.420   -12.949 1.00 45.87 ? 60  LYS E NZ  1 
ATOM   484  N N   . ASP A 1 61  ? -16.327 1.279   -12.338 1.00 25.37 ? 61  ASP E N   1 
ATOM   485  C CA  . ASP A 1 61  ? -17.058 1.223   -11.112 1.00 19.75 ? 61  ASP E CA  1 
ATOM   486  C C   . ASP A 1 61  ? -16.663 0.035   -10.272 1.00 23.15 ? 61  ASP E C   1 
ATOM   487  O O   . ASP A 1 61  ? -16.720 0.059   -9.034  1.00 21.01 ? 61  ASP E O   1 
ATOM   488  C CB  . ASP A 1 61  ? -18.558 1.123   -11.388 1.00 35.53 ? 61  ASP E CB  1 
ATOM   489  C CG  . ASP A 1 61  ? -19.200 2.477   -11.421 1.00 52.85 ? 61  ASP E CG  1 
ATOM   490  O OD1 . ASP A 1 61  ? -18.606 3.512   -11.185 1.00 41.40 ? 61  ASP E OD1 1 
ATOM   491  O OD2 . ASP A 1 61  ? -20.464 2.414   -11.760 1.00 52.99 ? 61  ASP E OD2 1 
ATOM   492  N N   . GLU A 1 62  ? -16.344 -1.044  -10.958 1.00 18.28 ? 62  GLU E N   1 
ATOM   493  C CA  . GLU A 1 62  ? -15.947 -2.196  -10.224 1.00 20.87 ? 62  GLU E CA  1 
ATOM   494  C C   . GLU A 1 62  ? -14.609 -1.908  -9.612  1.00 14.73 ? 62  GLU E C   1 
ATOM   495  O O   . GLU A 1 62  ? -14.428 -2.436  -8.529  1.00 14.04 ? 62  GLU E O   1 
ATOM   496  C CB  . GLU A 1 62  ? -15.792 -3.383  -11.140 1.00 12.59 ? 62  GLU E CB  1 
ATOM   497  C CG  . GLU A 1 62  ? -17.194 -3.937  -11.431 1.00 15.34 ? 62  GLU E CG  1 
ATOM   498  C CD  . GLU A 1 62  ? -17.105 -4.750  -12.660 1.00 22.34 ? 62  GLU E CD  1 
ATOM   499  O OE1 . GLU A 1 62  ? -16.182 -4.522  -13.440 1.00 20.05 ? 62  GLU E OE1 1 
ATOM   500  O OE2 . GLU A 1 62  ? -18.040 -5.689  -12.717 1.00 12.88 ? 62  GLU E OE2 1 
ATOM   501  N N   . ALA A 1 63  ? -13.726 -1.145  -10.309 1.00 13.28 ? 63  ALA E N   1 
ATOM   502  C CA  . ALA A 1 63  ? -12.425 -0.775  -9.807  1.00 13.58 ? 63  ALA E CA  1 
ATOM   503  C C   . ALA A 1 63  ? -12.520 0.023   -8.496  1.00 14.80 ? 63  ALA E C   1 
ATOM   504  O O   . ALA A 1 63  ? -11.824 -0.238  -7.504  1.00 13.42 ? 63  ALA E O   1 
ATOM   505  C CB  . ALA A 1 63  ? -11.586 0.013   -10.791 1.00 10.30 ? 63  ALA E CB  1 
ATOM   506  N N   . GLU A 1 64  ? -13.413 0.993   -8.515  1.00 16.06 ? 64  GLU E N   1 
ATOM   507  C CA  . GLU A 1 64  ? -13.648 1.884   -7.380  1.00 12.21 ? 64  GLU E CA  1 
ATOM   508  C C   . GLU A 1 64  ? -14.053 1.112   -6.165  1.00 19.57 ? 64  GLU E C   1 
ATOM   509  O O   . GLU A 1 64  ? -13.665 1.333   -5.029  1.00 17.10 ? 64  GLU E O   1 
ATOM   510  C CB  . GLU A 1 64  ? -14.744 2.897   -7.722  1.00 18.79 ? 64  GLU E CB  1 
ATOM   511  C CG  . GLU A 1 64  ? -14.273 3.975   -8.729  1.00 42.75 ? 64  GLU E CG  1 
ATOM   512  C CD  . GLU A 1 64  ? -13.070 4.755   -8.286  1.00 52.66 ? 64  GLU E CD  1 
ATOM   513  O OE1 . GLU A 1 64  ? -12.910 4.721   -6.974  1.00 41.93 ? 64  GLU E OE1 1 
ATOM   514  O OE2 . GLU A 1 64  ? -12.347 5.366   -9.065  1.00 38.54 ? 64  GLU E OE2 1 
ATOM   515  N N   . LYS A 1 65  ? -14.893 0.179   -6.461  1.00 13.82 ? 65  LYS E N   1 
ATOM   516  C CA  . LYS A 1 65  ? -15.398 -0.690  -5.432  1.00 17.95 ? 65  LYS E CA  1 
ATOM   517  C C   . LYS A 1 65  ? -14.303 -1.476  -4.726  1.00 15.52 ? 65  LYS E C   1 
ATOM   518  O O   . LYS A 1 65  ? -14.266 -1.647  -3.509  1.00 15.70 ? 65  LYS E O   1 
ATOM   519  C CB  . LYS A 1 65  ? -16.338 -1.711  -6.075  1.00 19.77 ? 65  LYS E CB  1 
ATOM   520  C CG  . LYS A 1 65  ? -17.258 -2.377  -5.058  1.00 22.43 ? 65  LYS E CG  1 
ATOM   521  C CD  . LYS A 1 65  ? -17.420 -1.498  -3.806  1.00 37.27 ? 65  LYS E CD  1 
ATOM   522  C CE  . LYS A 1 65  ? -17.513 -2.210  -2.446  1.00 38.68 ? 65  LYS E CE  1 
ATOM   523  N NZ  . LYS A 1 65  ? -16.626 -1.610  -1.432  1.00 42.81 ? 65  LYS E NZ  1 
ATOM   524  N N   . LEU A 1 66  ? -13.454 -2.058  -5.569  1.00 16.82 ? 66  LEU E N   1 
ATOM   525  C CA  . LEU A 1 66  ? -12.412 -2.868  -5.044  1.00 14.66 ? 66  LEU E CA  1 
ATOM   526  C C   . LEU A 1 66  ? -11.527 -1.973  -4.187  1.00 6.79  ? 66  LEU E C   1 
ATOM   527  O O   . LEU A 1 66  ? -11.084 -2.336  -3.086  1.00 13.91 ? 66  LEU E O   1 
ATOM   528  C CB  . LEU A 1 66  ? -11.653 -3.500  -6.243  1.00 12.95 ? 66  LEU E CB  1 
ATOM   529  C CG  . LEU A 1 66  ? -12.283 -4.786  -6.747  1.00 12.31 ? 66  LEU E CG  1 
ATOM   530  C CD1 . LEU A 1 66  ? -11.727 -5.276  -8.094  1.00 16.93 ? 66  LEU E CD1 1 
ATOM   531  C CD2 . LEU A 1 66  ? -12.203 -5.904  -5.726  1.00 16.42 ? 66  LEU E CD2 1 
ATOM   532  N N   . PHE A 1 67  ? -11.202 -0.811  -4.756  1.00 10.41 ? 67  PHE E N   1 
ATOM   533  C CA  . PHE A 1 67  ? -10.352 0.091   -4.056  1.00 8.88  ? 67  PHE E CA  1 
ATOM   534  C C   . PHE A 1 67  ? -10.842 0.404   -2.652  1.00 11.90 ? 67  PHE E C   1 
ATOM   535  O O   . PHE A 1 67  ? -10.081 0.412   -1.707  1.00 9.33  ? 67  PHE E O   1 
ATOM   536  C CB  . PHE A 1 67  ? -10.246 1.336   -4.919  1.00 8.80  ? 67  PHE E CB  1 
ATOM   537  C CG  . PHE A 1 67  ? -9.344  2.363   -4.372  1.00 11.87 ? 67  PHE E CG  1 
ATOM   538  C CD1 . PHE A 1 67  ? -8.012  2.094   -4.051  1.00 13.34 ? 67  PHE E CD1 1 
ATOM   539  C CD2 . PHE A 1 67  ? -9.798  3.683   -4.246  1.00 14.19 ? 67  PHE E CD2 1 
ATOM   540  C CE1 . PHE A 1 67  ? -7.129  3.066   -3.586  1.00 13.62 ? 67  PHE E CE1 1 
ATOM   541  C CE2 . PHE A 1 67  ? -8.914  4.664   -3.799  1.00 12.16 ? 67  PHE E CE2 1 
ATOM   542  C CZ  . PHE A 1 67  ? -7.605  4.363   -3.435  1.00 15.37 ? 67  PHE E CZ  1 
ATOM   543  N N   . ASN A 1 68  ? -12.132 0.722   -2.526  1.00 15.02 ? 68  ASN E N   1 
ATOM   544  C CA  . ASN A 1 68  ? -12.763 1.012   -1.231  1.00 13.33 ? 68  ASN E CA  1 
ATOM   545  C C   . ASN A 1 68  ? -12.582 -0.151  -0.262  1.00 11.06 ? 68  ASN E C   1 
ATOM   546  O O   . ASN A 1 68  ? -12.151 -0.008  0.913   1.00 11.19 ? 68  ASN E O   1 
ATOM   547  C CB  . ASN A 1 68  ? -14.286 1.274   -1.355  1.00 14.83 ? 68  ASN E CB  1 
ATOM   548  C CG  . ASN A 1 68  ? -14.624 2.675   -1.732  1.00 17.75 ? 68  ASN E CG  1 
ATOM   549  O OD1 . ASN A 1 68  ? -13.743 3.541   -1.752  1.00 17.17 ? 68  ASN E OD1 1 
ATOM   550  N ND2 . ASN A 1 68  ? -15.880 2.874   -2.130  1.00 22.50 ? 68  ASN E ND2 1 
ATOM   551  N N   . GLN A 1 69  ? -12.927 -1.351  -0.770  1.00 14.11 ? 69  GLN E N   1 
ATOM   552  C CA  . GLN A 1 69  ? -12.754 -2.487  0.117   1.00 9.12  ? 69  GLN E CA  1 
ATOM   553  C C   . GLN A 1 69  ? -11.306 -2.680  0.566   1.00 9.29  ? 69  GLN E C   1 
ATOM   554  O O   . GLN A 1 69  ? -11.002 -3.074  1.714   1.00 7.38  ? 69  GLN E O   1 
ATOM   555  C CB  . GLN A 1 69  ? -13.221 -3.752  -0.591  1.00 13.94 ? 69  GLN E CB  1 
ATOM   556  C CG  . GLN A 1 69  ? -14.652 -3.550  -1.078  1.00 22.04 ? 69  GLN E CG  1 
ATOM   557  C CD  . GLN A 1 69  ? -15.219 -4.806  -1.688  1.00 27.45 ? 69  GLN E CD  1 
ATOM   558  O OE1 . GLN A 1 69  ? -16.432 -5.092  -1.617  1.00 39.79 ? 69  GLN E OE1 1 
ATOM   559  N NE2 . GLN A 1 69  ? -14.334 -5.569  -2.285  1.00 26.75 ? 69  GLN E NE2 1 
ATOM   560  N N   . ASP A 1 70  ? -10.388 -2.361  -0.361  1.00 11.23 ? 70  ASP E N   1 
ATOM   561  C CA  . ASP A 1 70  ? -8.972  -2.513  -0.059  1.00 9.51  ? 70  ASP E CA  1 
ATOM   562  C C   . ASP A 1 70  ? -8.457  -1.504  0.951   1.00 4.37  ? 70  ASP E C   1 
ATOM   563  O O   . ASP A 1 70  ? -7.650  -1.838  1.834   1.00 7.09  ? 70  ASP E O   1 
ATOM   564  C CB  . ASP A 1 70  ? -8.080  -2.520  -1.295  1.00 6.73  ? 70  ASP E CB  1 
ATOM   565  C CG  . ASP A 1 70  ? -8.369  -3.742  -2.109  1.00 6.28  ? 70  ASP E CG  1 
ATOM   566  O OD1 . ASP A 1 70  ? -8.761  -4.754  -1.607  1.00 7.10  ? 70  ASP E OD1 1 
ATOM   567  O OD2 . ASP A 1 70  ? -7.978  -3.657  -3.359  1.00 4.63  ? 70  ASP E OD2 1 
ATOM   568  N N   . VAL A 1 71  ? -8.937  -0.280  0.846   1.00 8.03  ? 71  VAL E N   1 
ATOM   569  C CA  . VAL A 1 71  ? -8.501  0.744   1.777   1.00 4.23  ? 71  VAL E CA  1 
ATOM   570  C C   . VAL A 1 71  ? -9.122  0.389   3.098   1.00 10.05 ? 71  VAL E C   1 
ATOM   571  O O   . VAL A 1 71  ? -8.487  0.443   4.174   1.00 5.39  ? 71  VAL E O   1 
ATOM   572  C CB  . VAL A 1 71  ? -8.935  2.135   1.340   1.00 8.12  ? 71  VAL E CB  1 
ATOM   573  C CG1 . VAL A 1 71  ? -8.699  3.150   2.467   1.00 8.50  ? 71  VAL E CG1 1 
ATOM   574  C CG2 . VAL A 1 71  ? -8.212  2.558   0.049   1.00 5.69  ? 71  VAL E CG2 1 
ATOM   575  N N   . ASP A 1 72  ? -10.380 -0.023  3.024   1.00 4.42  ? 72  ASP E N   1 
ATOM   576  C CA  . ASP A 1 72  ? -11.052 -0.443  4.278   1.00 4.79  ? 72  ASP E CA  1 
ATOM   577  C C   . ASP A 1 72  ? -10.309 -1.620  4.925   1.00 3.99  ? 72  ASP E C   1 
ATOM   578  O O   . ASP A 1 72  ? -10.084 -1.623  6.123   1.00 3.18  ? 72  ASP E O   1 
ATOM   579  C CB  . ASP A 1 72  ? -12.515 -0.814  4.134   1.00 3.32  ? 72  ASP E CB  1 
ATOM   580  C CG  . ASP A 1 72  ? -13.202 -1.330  5.368   1.00 11.02 ? 72  ASP E CG  1 
ATOM   581  O OD1 . ASP A 1 72  ? -13.701 -0.638  6.235   1.00 14.02 ? 72  ASP E OD1 1 
ATOM   582  O OD2 . ASP A 1 72  ? -13.318 -2.615  5.402   1.00 11.95 ? 72  ASP E OD2 1 
ATOM   583  N N   . ALA A 1 73  ? -9.865  -2.613  4.174   1.00 3.55  ? 73  ALA E N   1 
ATOM   584  C CA  . ALA A 1 73  ? -9.117  -3.721  4.804   1.00 6.73  ? 73  ALA E CA  1 
ATOM   585  C C   . ALA A 1 73  ? -7.730  -3.336  5.404   1.00 5.73  ? 73  ALA E C   1 
ATOM   586  O O   . ALA A 1 73  ? -7.270  -3.867  6.513   1.00 6.53  ? 73  ALA E O   1 
ATOM   587  C CB  . ALA A 1 73  ? -8.982  -4.848  3.755   1.00 6.53  ? 73  ALA E CB  1 
ATOM   588  N N   . ALA A 1 74  ? -7.057  -2.385  4.728   1.00 2.86  ? 74  ALA E N   1 
ATOM   589  C CA  . ALA A 1 74  ? -5.742  -1.859  5.166   1.00 6.86  ? 74  ALA E CA  1 
ATOM   590  C C   . ALA A 1 74  ? -5.912  -1.187  6.558   1.00 6.37  ? 74  ALA E C   1 
ATOM   591  O O   . ALA A 1 74  ? -5.178  -1.389  7.512   1.00 6.37  ? 74  ALA E O   1 
ATOM   592  C CB  . ALA A 1 74  ? -5.211  -0.864  4.112   1.00 2.25  ? 74  ALA E CB  1 
ATOM   593  N N   . VAL A 1 75  ? -6.999  -0.384  6.743   1.00 6.47  ? 75  VAL E N   1 
ATOM   594  C CA  . VAL A 1 75  ? -7.314  0.246   7.998   1.00 6.93  ? 75  VAL E CA  1 
ATOM   595  C C   . VAL A 1 75  ? -7.670  -0.790  9.073   1.00 6.59  ? 75  VAL E C   1 
ATOM   596  O O   . VAL A 1 75  ? -7.245  -0.671  10.211  1.00 3.73  ? 75  VAL E O   1 
ATOM   597  C CB  . VAL A 1 75  ? -8.448  1.229   7.789   1.00 7.67  ? 75  VAL E CB  1 
ATOM   598  C CG1 . VAL A 1 75  ? -8.764  1.727   9.190   1.00 5.29  ? 75  VAL E CG1 1 
ATOM   599  C CG2 . VAL A 1 75  ? -7.987  2.385   6.895   1.00 6.96  ? 75  VAL E CG2 1 
ATOM   600  N N   . ARG A 1 76  ? -8.472  -1.788  8.720   1.00 7.21  ? 76  ARG E N   1 
ATOM   601  C CA  . ARG A 1 76  ? -8.827  -2.833  9.663   1.00 6.86  ? 76  ARG E CA  1 
ATOM   602  C C   . ARG A 1 76  ? -7.588  -3.569  10.162  1.00 8.94  ? 76  ARG E C   1 
ATOM   603  O O   . ARG A 1 76  ? -7.381  -3.817  11.360  1.00 8.18  ? 76  ARG E O   1 
ATOM   604  C CB  . ARG A 1 76  ? -9.859  -3.750  9.062   1.00 13.73 ? 76  ARG E CB  1 
ATOM   605  C CG  . ARG A 1 76  ? -11.238 -3.075  9.073   1.00 14.65 ? 76  ARG E CG  1 
ATOM   606  C CD  . ARG A 1 76  ? -12.349 -4.080  9.350   1.00 28.79 ? 76  ARG E CD  1 
ATOM   607  N NE  . ARG A 1 76  ? -13.078 -4.679  8.236   1.00 32.24 ? 76  ARG E NE  1 
ATOM   608  C CZ  . ARG A 1 76  ? -12.720 -5.346  7.136   1.00 50.76 ? 76  ARG E CZ  1 
ATOM   609  N NH1 . ARG A 1 76  ? -11.482 -5.618  6.711   1.00 36.39 ? 76  ARG E NH1 1 
ATOM   610  N NH2 . ARG A 1 76  ? -13.731 -5.762  6.386   1.00 43.94 ? 76  ARG E NH2 1 
ATOM   611  N N   . GLY A 1 77  ? -6.710  -3.865  9.244   1.00 5.05  ? 77  GLY E N   1 
ATOM   612  C CA  . GLY A 1 77  ? -5.418  -4.477  9.513   1.00 8.38  ? 77  GLY E CA  1 
ATOM   613  C C   . GLY A 1 77  ? -4.565  -3.658  10.523  1.00 8.78  ? 77  GLY E C   1 
ATOM   614  O O   . GLY A 1 77  ? -4.036  -4.177  11.517  1.00 5.34  ? 77  GLY E O   1 
ATOM   615  N N   . ILE A 1 78  ? -4.482  -2.335  10.361  1.00 1.00  ? 78  ILE E N   1 
ATOM   616  C CA  . ILE A 1 78  ? -3.765  -1.525  11.303  1.00 1.00  ? 78  ILE E CA  1 
ATOM   617  C C   . ILE A 1 78  ? -4.430  -1.612  12.691  1.00 1.76  ? 78  ILE E C   1 
ATOM   618  O O   . ILE A 1 78  ? -3.748  -1.759  13.687  1.00 1.35  ? 78  ILE E O   1 
ATOM   619  C CB  . ILE A 1 78  ? -3.676  -0.029  10.886  1.00 3.75  ? 78  ILE E CB  1 
ATOM   620  C CG1 . ILE A 1 78  ? -2.576  0.202   9.823   1.00 6.58  ? 78  ILE E CG1 1 
ATOM   621  C CG2 . ILE A 1 78  ? -3.232  0.743   12.132  1.00 3.57  ? 78  ILE E CG2 1 
ATOM   622  C CD1 . ILE A 1 78  ? -2.792  1.351   8.803   1.00 4.54  ? 78  ILE E CD1 1 
ATOM   623  N N   . LEU A 1 79  ? -5.761  -1.536  12.758  1.00 1.00  ? 79  LEU E N   1 
ATOM   624  C CA  . LEU A 1 79  ? -6.523  -1.492  13.985  1.00 5.27  ? 79  LEU E CA  1 
ATOM   625  C C   . LEU A 1 79  ? -6.498  -2.721  14.840  1.00 7.17  ? 79  LEU E C   1 
ATOM   626  O O   . LEU A 1 79  ? -6.509  -2.618  16.045  1.00 7.13  ? 79  LEU E O   1 
ATOM   627  C CB  . LEU A 1 79  ? -7.935  -0.892  13.819  1.00 9.03  ? 79  LEU E CB  1 
ATOM   628  C CG  . LEU A 1 79  ? -7.961  0.549   13.236  1.00 7.40  ? 79  LEU E CG  1 
ATOM   629  C CD1 . LEU A 1 79  ? -9.367  1.045   13.118  1.00 3.91  ? 79  LEU E CD1 1 
ATOM   630  C CD2 . LEU A 1 79  ? -7.242  1.503   14.157  1.00 6.94  ? 79  LEU E CD2 1 
ATOM   631  N N   . ARG A 1 80  ? -6.388  -3.873  14.217  1.00 3.17  ? 80  ARG E N   1 
ATOM   632  C CA  . ARG A 1 80  ? -6.354  -5.142  14.966  1.00 8.03  ? 80  ARG E CA  1 
ATOM   633  C C   . ARG A 1 80  ? -4.955  -5.623  15.301  1.00 9.23  ? 80  ARG E C   1 
ATOM   634  O O   . ARG A 1 80  ? -4.835  -6.571  16.062  1.00 9.04  ? 80  ARG E O   1 
ATOM   635  C CB  . ARG A 1 80  ? -7.170  -6.277  14.316  1.00 5.91  ? 80  ARG E CB  1 
ATOM   636  C CG  . ARG A 1 80  ? -6.689  -6.520  12.896  1.00 3.35  ? 80  ARG E CG  1 
ATOM   637  C CD  . ARG A 1 80  ? -7.325  -7.684  12.146  1.00 6.10  ? 80  ARG E CD  1 
ATOM   638  N NE  . ARG A 1 80  ? -6.763  -7.817  10.795  1.00 8.36  ? 80  ARG E NE  1 
ATOM   639  C CZ  . ARG A 1 80  ? -7.552  -7.968  9.739   1.00 8.87  ? 80  ARG E CZ  1 
ATOM   640  N NH1 . ARG A 1 80  ? -8.850  -8.038  9.972   1.00 7.45  ? 80  ARG E NH1 1 
ATOM   641  N NH2 . ARG A 1 80  ? -7.135  -8.070  8.502   1.00 3.90  ? 80  ARG E NH2 1 
ATOM   642  N N   . ASN A 1 81  ? -3.932  -4.999  14.722  1.00 7.40  ? 81  ASN E N   1 
ATOM   643  C CA  . ASN A 1 81  ? -2.563  -5.396  14.909  1.00 9.61  ? 81  ASN E CA  1 
ATOM   644  C C   . ASN A 1 81  ? -1.919  -4.703  16.109  1.00 4.00  ? 81  ASN E C   1 
ATOM   645  O O   . ASN A 1 81  ? -1.895  -3.491  16.279  1.00 7.59  ? 81  ASN E O   1 
ATOM   646  C CB  . ASN A 1 81  ? -1.768  -5.279  13.597  1.00 12.03 ? 81  ASN E CB  1 
ATOM   647  C CG  . ASN A 1 81  ? -0.353  -5.895  13.631  1.00 4.11  ? 81  ASN E CG  1 
ATOM   648  O OD1 . ASN A 1 81  ? 0.529   -5.346  14.259  1.00 9.88  ? 81  ASN E OD1 1 
ATOM   649  N ND2 . ASN A 1 81  ? -0.089  -7.059  13.049  1.00 5.41  ? 81  ASN E ND2 1 
ATOM   650  N N   . ALA A 1 82  ? -1.469  -5.522  17.043  1.00 6.36  ? 82  ALA E N   1 
ATOM   651  C CA  . ALA A 1 82  ? -0.881  -5.048  18.312  1.00 11.49 ? 82  ALA E CA  1 
ATOM   652  C C   . ALA A 1 82  ? 0.368   -4.201  18.181  1.00 10.29 ? 82  ALA E C   1 
ATOM   653  O O   . ALA A 1 82  ? 0.667   -3.463  19.103  1.00 7.88  ? 82  ALA E O   1 
ATOM   654  C CB  . ALA A 1 82  ? -0.649  -6.216  19.276  1.00 8.48  ? 82  ALA E CB  1 
ATOM   655  N N   . LYS A 1 83  ? 1.105   -4.353  17.070  1.00 5.99  ? 83  LYS E N   1 
ATOM   656  C CA  . LYS A 1 83  ? 2.279   -3.586  16.838  1.00 8.34  ? 83  LYS E CA  1 
ATOM   657  C C   . LYS A 1 83  ? 1.984   -2.300  16.096  1.00 6.11  ? 83  LYS E C   1 
ATOM   658  O O   . LYS A 1 83  ? 2.637   -1.318  16.317  1.00 8.12  ? 83  LYS E O   1 
ATOM   659  C CB  . LYS A 1 83  ? 3.289   -4.298  15.967  1.00 8.66  ? 83  LYS E CB  1 
ATOM   660  C CG  . LYS A 1 83  ? 4.000   -5.387  16.689  1.00 18.69 ? 83  LYS E CG  1 
ATOM   661  C CD  . LYS A 1 83  ? 4.224   -6.540  15.743  1.00 25.23 ? 83  LYS E CD  1 
ATOM   662  C CE  . LYS A 1 83  ? 2.984   -7.416  15.634  1.00 35.33 ? 83  LYS E CE  1 
ATOM   663  N NZ  . LYS A 1 83  ? 3.255   -8.697  14.977  1.00 29.06 ? 83  LYS E NZ  1 
ATOM   664  N N   . LEU A 1 84  ? 1.039   -2.297  15.183  1.00 3.08  ? 84  LEU E N   1 
ATOM   665  C CA  . LEU A 1 84  ? 0.788   -1.106  14.419  1.00 2.83  ? 84  LEU E CA  1 
ATOM   666  C C   . LEU A 1 84  ? -0.157  -0.128  15.038  1.00 8.07  ? 84  LEU E C   1 
ATOM   667  O O   . LEU A 1 84  ? -0.030  1.095   14.904  1.00 4.18  ? 84  LEU E O   1 
ATOM   668  C CB  . LEU A 1 84  ? 0.149   -1.625  13.119  1.00 3.19  ? 84  LEU E CB  1 
ATOM   669  C CG  . LEU A 1 84  ? 1.052   -2.510  12.273  1.00 7.62  ? 84  LEU E CG  1 
ATOM   670  C CD1 . LEU A 1 84  ? 0.292   -2.841  11.000  1.00 5.31  ? 84  LEU E CD1 1 
ATOM   671  C CD2 . LEU A 1 84  ? 2.273   -1.733  11.822  1.00 6.12  ? 84  LEU E CD2 1 
ATOM   672  N N   . LYS A 1 85  ? -1.166  -0.690  15.669  1.00 11.63 ? 85  LYS E N   1 
ATOM   673  C CA  . LYS A 1 85  ? -2.141  0.161   16.298  1.00 11.52 ? 85  LYS E CA  1 
ATOM   674  C C   . LYS A 1 85  ? -1.599  1.262   17.230  1.00 14.63 ? 85  LYS E C   1 
ATOM   675  O O   . LYS A 1 85  ? -2.020  2.413   17.059  1.00 10.79 ? 85  LYS E O   1 
ATOM   676  C CB  . LYS A 1 85  ? -3.364  -0.524  16.890  1.00 12.19 ? 85  LYS E CB  1 
ATOM   677  C CG  . LYS A 1 85  ? -4.375  0.592   17.147  1.00 8.55  ? 85  LYS E CG  1 
ATOM   678  C CD  . LYS A 1 85  ? -5.507  0.254   18.038  1.00 11.15 ? 85  LYS E CD  1 
ATOM   679  C CE  . LYS A 1 85  ? -6.454  1.453   18.031  1.00 16.15 ? 85  LYS E CE  1 
ATOM   680  N NZ  . LYS A 1 85  ? -6.811  1.842   19.388  1.00 15.11 ? 85  LYS E NZ  1 
ATOM   681  N N   . PRO A 1 86  ? -0.727  0.951   18.243  1.00 12.35 ? 86  PRO E N   1 
ATOM   682  C CA  . PRO A 1 86  ? -0.260  2.020   19.127  1.00 7.82  ? 86  PRO E CA  1 
ATOM   683  C C   . PRO A 1 86  ? 0.493   3.092   18.342  1.00 13.01 ? 86  PRO E C   1 
ATOM   684  O O   . PRO A 1 86  ? 0.542   4.238   18.676  1.00 7.08  ? 86  PRO E O   1 
ATOM   685  C CB  . PRO A 1 86  ? 0.679   1.349   20.132  1.00 16.72 ? 86  PRO E CB  1 
ATOM   686  C CG  . PRO A 1 86  ? 0.527   -0.162  19.998  1.00 15.89 ? 86  PRO E CG  1 
ATOM   687  C CD  . PRO A 1 86  ? -0.349  -0.397  18.780  1.00 5.83  ? 86  PRO E CD  1 
ATOM   688  N N   . VAL A 1 87  ? 1.049   2.738   17.172  1.00 9.91  ? 87  VAL E N   1 
ATOM   689  C CA  . VAL A 1 87  ? 1.809   3.651   16.390  1.00 6.74  ? 87  VAL E CA  1 
ATOM   690  C C   . VAL A 1 87  ? 0.899   4.592   15.676  1.00 14.06 ? 87  VAL E C   1 
ATOM   691  O O   . VAL A 1 87  ? 1.028   5.829   15.722  1.00 5.84  ? 87  VAL E O   1 
ATOM   692  C CB  . VAL A 1 87  ? 2.795   2.964   15.409  1.00 6.82  ? 87  VAL E CB  1 
ATOM   693  C CG1 . VAL A 1 87  ? 3.488   3.905   14.463  1.00 4.34  ? 87  VAL E CG1 1 
ATOM   694  C CG2 . VAL A 1 87  ? 3.841   2.092   16.091  1.00 8.00  ? 87  VAL E CG2 1 
ATOM   695  N N   . TYR A 1 88  ? -0.026  3.957   15.023  1.00 7.70  ? 88  TYR E N   1 
ATOM   696  C CA  . TYR A 1 88  ? -0.981  4.694   14.274  1.00 6.11  ? 88  TYR E CA  1 
ATOM   697  C C   . TYR A 1 88  ? -1.699  5.723   15.147  1.00 7.17  ? 88  TYR E C   1 
ATOM   698  O O   . TYR A 1 88  ? -1.842  6.903   14.804  1.00 9.30  ? 88  TYR E O   1 
ATOM   699  C CB  . TYR A 1 88  ? -1.978  3.671   13.725  1.00 6.50  ? 88  TYR E CB  1 
ATOM   700  C CG  . TYR A 1 88  ? -3.001  4.267   12.778  1.00 3.35  ? 88  TYR E CG  1 
ATOM   701  C CD1 . TYR A 1 88  ? -2.689  4.677   11.490  1.00 8.64  ? 88  TYR E CD1 1 
ATOM   702  C CD2 . TYR A 1 88  ? -4.316  4.434   13.230  1.00 5.73  ? 88  TYR E CD2 1 
ATOM   703  C CE1 . TYR A 1 88  ? -3.689  5.169   10.670  1.00 3.91  ? 88  TYR E CE1 1 
ATOM   704  C CE2 . TYR A 1 88  ? -5.318  4.973   12.444  1.00 5.20  ? 88  TYR E CE2 1 
ATOM   705  C CZ  . TYR A 1 88  ? -4.991  5.329   11.126  1.00 4.38  ? 88  TYR E CZ  1 
ATOM   706  O OH  . TYR A 1 88  ? -6.000  5.825   10.334  1.00 7.58  ? 88  TYR E OH  1 
ATOM   707  N N   . ASP A 1 89  ? -2.162  5.262   16.285  1.00 8.89  ? 89  ASP E N   1 
ATOM   708  C CA  . ASP A 1 89  ? -2.888  6.135   17.195  1.00 10.94 ? 89  ASP E CA  1 
ATOM   709  C C   . ASP A 1 89  ? -2.081  7.400   17.524  1.00 16.88 ? 89  ASP E C   1 
ATOM   710  O O   . ASP A 1 89  ? -2.618  8.518   17.652  1.00 12.55 ? 89  ASP E O   1 
ATOM   711  C CB  . ASP A 1 89  ? -3.312  5.416   18.500  1.00 10.70 ? 89  ASP E CB  1 
ATOM   712  C CG  . ASP A 1 89  ? -4.416  4.381   18.530  1.00 20.37 ? 89  ASP E CG  1 
ATOM   713  O OD1 . ASP A 1 89  ? -5.162  4.351   17.458  1.00 17.75 ? 89  ASP E OD1 1 
ATOM   714  O OD2 . ASP A 1 89  ? -4.619  3.651   19.503  1.00 18.45 ? 89  ASP E OD2 1 
ATOM   715  N N   . SER A 1 90  ? -0.792  7.219   17.657  1.00 8.02  ? 90  SER E N   1 
ATOM   716  C CA  . SER A 1 90  ? 0.099   8.326   17.982  1.00 14.82 ? 90  SER E CA  1 
ATOM   717  C C   . SER A 1 90  ? 0.402   9.327   16.873  1.00 13.59 ? 90  SER E C   1 
ATOM   718  O O   . SER A 1 90  ? 0.989   10.407  17.121  1.00 11.10 ? 90  SER E O   1 
ATOM   719  C CB  . SER A 1 90  ? 1.434   7.841   18.550  1.00 6.98  ? 90  SER E CB  1 
ATOM   720  O OG  . SER A 1 90  ? 2.304   7.430   17.499  1.00 13.19 ? 90  SER E OG  1 
ATOM   721  N N   . LEU A 1 91  ? 0.066   8.997   15.607  1.00 13.33 ? 91  LEU E N   1 
ATOM   722  C CA  . LEU A 1 91  ? 0.386   9.887   14.510  1.00 5.77  ? 91  LEU E CA  1 
ATOM   723  C C   . LEU A 1 91  ? -0.643  10.974  14.153  1.00 13.04 ? 91  LEU E C   1 
ATOM   724  O O   . LEU A 1 91  ? -1.833  10.819  14.347  1.00 7.12  ? 91  LEU E O   1 
ATOM   725  C CB  . LEU A 1 91  ? 0.663   9.020   13.256  1.00 10.10 ? 91  LEU E CB  1 
ATOM   726  C CG  . LEU A 1 91  ? 1.794   8.016   13.507  1.00 6.93  ? 91  LEU E CG  1 
ATOM   727  C CD1 . LEU A 1 91  ? 1.791   7.152   12.249  1.00 14.66 ? 91  LEU E CD1 1 
ATOM   728  C CD2 . LEU A 1 91  ? 3.148   8.727   13.529  1.00 10.85 ? 91  LEU E CD2 1 
ATOM   729  N N   . ASP A 1 92  ? -0.186  12.082  13.543  1.00 8.61  ? 92  ASP E N   1 
ATOM   730  C CA  . ASP A 1 92  ? -1.096  13.139  13.093  1.00 8.02  ? 92  ASP E CA  1 
ATOM   731  C C   . ASP A 1 92  ? -1.799  12.580  11.852  1.00 10.56 ? 92  ASP E C   1 
ATOM   732  O O   . ASP A 1 92  ? -1.497  11.472  11.371  1.00 13.31 ? 92  ASP E O   1 
ATOM   733  C CB  . ASP A 1 92  ? -0.276  14.380  12.696  1.00 7.51  ? 92  ASP E CB  1 
ATOM   734  C CG  . ASP A 1 92  ? 0.804   14.036  11.680  1.00 9.03  ? 92  ASP E CG  1 
ATOM   735  O OD1 . ASP A 1 92  ? 1.913   13.612  12.257  1.00 11.63 ? 92  ASP E OD1 1 
ATOM   736  O OD2 . ASP A 1 92  ? 0.662   14.028  10.468  1.00 11.39 ? 92  ASP E OD2 1 
ATOM   737  N N   . ALA A 1 93  ? -2.655  13.385  11.260  1.00 10.33 ? 93  ALA E N   1 
ATOM   738  C CA  . ALA A 1 93  ? -3.412  12.955  10.107  1.00 11.09 ? 93  ALA E CA  1 
ATOM   739  C C   . ALA A 1 93  ? -2.617  12.668  8.883   1.00 13.17 ? 93  ALA E C   1 
ATOM   740  O O   . ALA A 1 93  ? -3.096  11.800  8.147   1.00 14.37 ? 93  ALA E O   1 
ATOM   741  C CB  . ALA A 1 93  ? -4.609  13.825  9.745   1.00 13.37 ? 93  ALA E CB  1 
ATOM   742  N N   . VAL A 1 94  ? -1.492  13.405  8.661   1.00 10.99 ? 94  VAL E N   1 
ATOM   743  C CA  . VAL A 1 94  ? -0.748  13.156  7.429   1.00 8.88  ? 94  VAL E CA  1 
ATOM   744  C C   . VAL A 1 94  ? 0.043   11.846  7.537   1.00 9.70  ? 94  VAL E C   1 
ATOM   745  O O   . VAL A 1 94  ? 0.088   11.069  6.611   1.00 8.95  ? 94  VAL E O   1 
ATOM   746  C CB  . VAL A 1 94  ? 0.140   14.345  6.979   1.00 11.65 ? 94  VAL E CB  1 
ATOM   747  C CG1 . VAL A 1 94  ? 0.793   14.174  5.608   1.00 5.62  ? 94  VAL E CG1 1 
ATOM   748  C CG2 . VAL A 1 94  ? -0.706  15.638  6.971   1.00 7.36  ? 94  VAL E CG2 1 
ATOM   749  N N   . ARG A 1 95  ? 0.693   11.634  8.661   1.00 3.14  ? 95  ARG E N   1 
ATOM   750  C CA  . ARG A 1 95  ? 1.484   10.456  8.855   1.00 4.40  ? 95  ARG E CA  1 
ATOM   751  C C   . ARG A 1 95  ? 0.665   9.207   8.900   1.00 11.66 ? 95  ARG E C   1 
ATOM   752  O O   . ARG A 1 95  ? 1.167   8.131   8.528   1.00 7.51  ? 95  ARG E O   1 
ATOM   753  C CB  . ARG A 1 95  ? 2.602   10.560  9.911   1.00 6.11  ? 95  ARG E CB  1 
ATOM   754  C CG  . ARG A 1 95  ? 3.487   11.792  9.683   1.00 7.64  ? 95  ARG E CG  1 
ATOM   755  C CD  . ARG A 1 95  ? 4.468   11.961  10.826  1.00 8.83  ? 95  ARG E CD  1 
ATOM   756  N NE  . ARG A 1 95  ? 5.608   12.864  10.644  1.00 14.13 ? 95  ARG E NE  1 
ATOM   757  C CZ  . ARG A 1 95  ? 5.710   14.142  11.005  1.00 16.72 ? 95  ARG E CZ  1 
ATOM   758  N NH1 . ARG A 1 95  ? 4.710   14.798  11.554  1.00 12.85 ? 95  ARG E NH1 1 
ATOM   759  N NH2 . ARG A 1 95  ? 6.850   14.780  10.794  1.00 13.55 ? 95  ARG E NH2 1 
ATOM   760  N N   . ARG A 1 96  ? -0.598  9.371   9.305   1.00 7.07  ? 96  ARG E N   1 
ATOM   761  C CA  . ARG A 1 96  ? -1.497  8.217   9.345   1.00 8.42  ? 96  ARG E CA  1 
ATOM   762  C C   . ARG A 1 96  ? -1.689  7.654   7.943   1.00 6.66  ? 96  ARG E C   1 
ATOM   763  O O   . ARG A 1 96  ? -1.762  6.472   7.673   1.00 5.82  ? 96  ARG E O   1 
ATOM   764  C CB  . ARG A 1 96  ? -2.846  8.608   9.955   1.00 9.14  ? 96  ARG E CB  1 
ATOM   765  C CG  . ARG A 1 96  ? -2.943  8.484   11.496  1.00 6.38  ? 96  ARG E CG  1 
ATOM   766  C CD  . ARG A 1 96  ? -4.247  9.113   12.034  1.00 7.04  ? 96  ARG E CD  1 
ATOM   767  N NE  . ARG A 1 96  ? -4.117  9.244   13.487  1.00 4.54  ? 96  ARG E NE  1 
ATOM   768  C CZ  . ARG A 1 96  ? -4.965  8.782   14.410  1.00 6.08  ? 96  ARG E CZ  1 
ATOM   769  N NH1 . ARG A 1 96  ? -6.066  8.143   14.070  1.00 7.63  ? 96  ARG E NH1 1 
ATOM   770  N NH2 . ARG A 1 96  ? -4.639  8.925   15.719  1.00 8.84  ? 96  ARG E NH2 1 
ATOM   771  N N   . ALA A 1 97  ? -1.877  8.556   6.992   1.00 5.37  ? 97  ALA E N   1 
ATOM   772  C CA  . ALA A 1 97  ? -2.068  8.140   5.631   1.00 1.00  ? 97  ALA E CA  1 
ATOM   773  C C   . ALA A 1 97  ? -0.796  7.424   5.140   1.00 7.42  ? 97  ALA E C   1 
ATOM   774  O O   . ALA A 1 97  ? -0.885  6.380   4.510   1.00 9.76  ? 97  ALA E O   1 
ATOM   775  C CB  . ALA A 1 97  ? -2.369  9.404   4.864   1.00 3.99  ? 97  ALA E CB  1 
ATOM   776  N N   . ALA A 1 98  ? 0.402   7.897   5.504   1.00 5.05  ? 98  ALA E N   1 
ATOM   777  C CA  . ALA A 1 98  ? 1.683   7.303   5.101   1.00 4.54  ? 98  ALA E CA  1 
ATOM   778  C C   . ALA A 1 98  ? 1.726   5.828   5.615   1.00 5.04  ? 98  ALA E C   1 
ATOM   779  O O   . ALA A 1 98  ? 2.100   4.906   4.930   1.00 7.96  ? 98  ALA E O   1 
ATOM   780  C CB  . ALA A 1 98  ? 2.866   8.145   5.524   1.00 2.80  ? 98  ALA E CB  1 
ATOM   781  N N   . LEU A 1 99  ? 1.208   5.578   6.786   1.00 4.97  ? 99  LEU E N   1 
ATOM   782  C CA  . LEU A 1 99  ? 1.201   4.182   7.285   1.00 9.48  ? 99  LEU E CA  1 
ATOM   783  C C   . LEU A 1 99  ? 0.115   3.312   6.603   1.00 6.63  ? 99  LEU E C   1 
ATOM   784  O O   . LEU A 1 99  ? 0.309   2.098   6.315   1.00 2.60  ? 99  LEU E O   1 
ATOM   785  C CB  . LEU A 1 99  ? 1.070   4.210   8.829   1.00 11.29 ? 99  LEU E CB  1 
ATOM   786  C CG  . LEU A 1 99  ? 1.325   2.878   9.510   1.00 7.82  ? 99  LEU E CG  1 
ATOM   787  C CD1 . LEU A 1 99  ? 2.748   2.483   9.308   1.00 10.20 ? 99  LEU E CD1 1 
ATOM   788  C CD2 . LEU A 1 99  ? 1.146   2.853   11.015  1.00 8.42  ? 99  LEU E CD2 1 
ATOM   789  N N   . ILE A 1 100 ? -1.059  3.920   6.332   1.00 3.19  ? 100 ILE E N   1 
ATOM   790  C CA  . ILE A 1 100 ? -2.065  3.108   5.716   1.00 1.00  ? 100 ILE E CA  1 
ATOM   791  C C   . ILE A 1 100 ? -1.497  2.776   4.348   1.00 5.69  ? 100 ILE E C   1 
ATOM   792  O O   . ILE A 1 100 ? -1.746  1.741   3.798   1.00 10.23 ? 100 ILE E O   1 
ATOM   793  C CB  . ILE A 1 100 ? -3.377  3.912   5.549   1.00 4.71  ? 100 ILE E CB  1 
ATOM   794  C CG1 . ILE A 1 100 ? -3.985  4.312   6.901   1.00 5.59  ? 100 ILE E CG1 1 
ATOM   795  C CG2 . ILE A 1 100 ? -4.375  3.076   4.726   1.00 3.36  ? 100 ILE E CG2 1 
ATOM   796  C CD1 . ILE A 1 100 ? -5.215  5.222   6.749   1.00 2.70  ? 100 ILE E CD1 1 
ATOM   797  N N   . ASN A 1 101 ? -0.723  3.652   3.779   1.00 5.60  ? 101 ASN E N   1 
ATOM   798  C CA  . ASN A 1 101 ? -0.180  3.431   2.443   1.00 5.97  ? 101 ASN E CA  1 
ATOM   799  C C   . ASN A 1 101 ? 0.796   2.255   2.443   1.00 4.59  ? 101 ASN E C   1 
ATOM   800  O O   . ASN A 1 101 ? 0.807   1.465   1.550   1.00 2.98  ? 101 ASN E O   1 
ATOM   801  C CB  . ASN A 1 101 ? 0.549   4.689   1.898   1.00 1.36  ? 101 ASN E CB  1 
ATOM   802  C CG  . ASN A 1 101 ? 0.973   4.599   0.464   1.00 9.51  ? 101 ASN E CG  1 
ATOM   803  O OD1 . ASN A 1 101 ? 1.661   3.659   0.037   1.00 9.80  ? 101 ASN E OD1 1 
ATOM   804  N ND2 . ASN A 1 101 ? 0.593   5.616   -0.301  1.00 10.94 ? 101 ASN E ND2 1 
ATOM   805  N N   . MET A 1 102 ? 1.650   2.151   3.447   1.00 6.13  ? 102 MET E N   1 
ATOM   806  C CA  . MET A 1 102 ? 2.570   1.029   3.470   1.00 2.67  ? 102 MET E CA  1 
ATOM   807  C C   . MET A 1 102 ? 1.780   -0.253  3.670   1.00 9.18  ? 102 MET E C   1 
ATOM   808  O O   . MET A 1 102 ? 2.024   -1.333  3.132   1.00 4.60  ? 102 MET E O   1 
ATOM   809  C CB  . MET A 1 102 ? 3.440   1.184   4.712   1.00 1.31  ? 102 MET E CB  1 
ATOM   810  C CG  . MET A 1 102 ? 4.459   2.262   4.484   1.00 11.07 ? 102 MET E CG  1 
ATOM   811  S SD  . MET A 1 102 ? 5.587   2.365   5.902   1.00 10.74 ? 102 MET E SD  1 
ATOM   812  C CE  . MET A 1 102 ? 6.490   0.860   5.510   1.00 6.50  ? 102 MET E CE  1 
ATOM   813  N N   . VAL A 1 103 ? 0.817   -0.179  4.539   1.00 7.87  ? 103 VAL E N   1 
ATOM   814  C CA  . VAL A 1 103 ? 0.000   -1.371  4.767   1.00 6.61  ? 103 VAL E CA  1 
ATOM   815  C C   . VAL A 1 103 ? -0.737  -1.872  3.557   1.00 6.01  ? 103 VAL E C   1 
ATOM   816  O O   . VAL A 1 103 ? -0.848  -3.078  3.411   1.00 8.92  ? 103 VAL E O   1 
ATOM   817  C CB  . VAL A 1 103 ? -0.934  -1.323  5.952   1.00 1.50  ? 103 VAL E CB  1 
ATOM   818  C CG1 . VAL A 1 103 ? -1.853  -2.549  6.080   1.00 5.08  ? 103 VAL E CG1 1 
ATOM   819  C CG2 . VAL A 1 103 ? -0.188  -0.989  7.240   1.00 4.01  ? 103 VAL E CG2 1 
ATOM   820  N N   . PHE A 1 104 ? -1.305  -0.978  2.724   1.00 5.81  ? 104 PHE E N   1 
ATOM   821  C CA  . PHE A 1 104 ? -2.015  -1.379  1.515   1.00 6.30  ? 104 PHE E CA  1 
ATOM   822  C C   . PHE A 1 104 ? -1.039  -2.119  0.551   1.00 6.08  ? 104 PHE E C   1 
ATOM   823  O O   . PHE A 1 104 ? -1.406  -3.049  -0.183  1.00 6.32  ? 104 PHE E O   1 
ATOM   824  C CB  . PHE A 1 104 ? -2.538  -0.060  0.857   1.00 4.08  ? 104 PHE E CB  1 
ATOM   825  C CG  . PHE A 1 104 ? -3.366  -0.078  -0.441  1.00 3.86  ? 104 PHE E CG  1 
ATOM   826  C CD1 . PHE A 1 104 ? -2.814  -0.033  -1.723  1.00 6.51  ? 104 PHE E CD1 1 
ATOM   827  C CD2 . PHE A 1 104 ? -4.761  -0.104  -0.358  1.00 7.52  ? 104 PHE E CD2 1 
ATOM   828  C CE1 . PHE A 1 104 ? -3.633  -0.033  -2.871  1.00 4.33  ? 104 PHE E CE1 1 
ATOM   829  C CE2 . PHE A 1 104 ? -5.581  -0.094  -1.482  1.00 5.55  ? 104 PHE E CE2 1 
ATOM   830  C CZ  . PHE A 1 104 ? -5.019  -0.087  -2.749  1.00 1.05  ? 104 PHE E CZ  1 
ATOM   831  N N   . GLN A 1 105 ? 0.231   -1.685  0.520   1.00 2.22  ? 105 GLN E N   1 
ATOM   832  C CA  . GLN A 1 105 ? 1.259   -2.191  -0.348  1.00 3.40  ? 105 GLN E CA  1 
ATOM   833  C C   . GLN A 1 105 ? 1.957   -3.446  0.129   1.00 8.03  ? 105 GLN E C   1 
ATOM   834  O O   . GLN A 1 105 ? 2.479   -4.198  -0.687  1.00 6.12  ? 105 GLN E O   1 
ATOM   835  C CB  . GLN A 1 105 ? 2.384   -1.182  -0.641  1.00 2.46  ? 105 GLN E CB  1 
ATOM   836  C CG  . GLN A 1 105 ? 3.162   -1.474  -1.959  1.00 2.43  ? 105 GLN E CG  1 
ATOM   837  C CD  . GLN A 1 105 ? 4.393   -0.628  -2.172  1.00 2.53  ? 105 GLN E CD  1 
ATOM   838  O OE1 . GLN A 1 105 ? 4.646   0.352   -1.459  1.00 6.28  ? 105 GLN E OE1 1 
ATOM   839  N NE2 . GLN A 1 105 ? 5.147   -0.971  -3.199  1.00 8.81  ? 105 GLN E NE2 1 
ATOM   840  N N   . MET A 1 106 ? 2.018   -3.633  1.444   1.00 4.47  ? 106 MET E N   1 
ATOM   841  C CA  . MET A 1 106 ? 2.746   -4.782  2.027   1.00 3.48  ? 106 MET E CA  1 
ATOM   842  C C   . MET A 1 106 ? 1.974   -5.654  2.954   1.00 5.22  ? 106 MET E C   1 
ATOM   843  O O   . MET A 1 106 ? 2.474   -6.697  3.338   1.00 8.05  ? 106 MET E O   1 
ATOM   844  C CB  . MET A 1 106 ? 4.038   -4.311  2.758   1.00 7.17  ? 106 MET E CB  1 
ATOM   845  C CG  . MET A 1 106 ? 5.036   -3.696  1.754   1.00 1.44  ? 106 MET E CG  1 
ATOM   846  S SD  . MET A 1 106 ? 6.507   -2.996  2.565   1.00 11.10 ? 106 MET E SD  1 
ATOM   847  C CE  . MET A 1 106 ? 5.786   -1.338  2.760   1.00 9.57  ? 106 MET E CE  1 
ATOM   848  N N   . GLY A 1 107 ? 0.786   -5.259  3.352   1.00 4.81  ? 107 GLY E N   1 
ATOM   849  C CA  . GLY A 1 107 ? 0.015   -6.069  4.324   1.00 4.21  ? 107 GLY E CA  1 
ATOM   850  C C   . GLY A 1 107 ? 0.362   -5.767  5.782   1.00 4.81  ? 107 GLY E C   1 
ATOM   851  O O   . GLY A 1 107 ? 1.441   -5.237  6.080   1.00 4.09  ? 107 GLY E O   1 
ATOM   852  N N   . GLU A 1 108 ? -0.538  -6.085  6.751   1.00 7.67  ? 108 GLU E N   1 
ATOM   853  C CA  . GLU A 1 108 ? -0.328  -5.828  8.189   1.00 5.88  ? 108 GLU E CA  1 
ATOM   854  C C   . GLU A 1 108 ? 0.904   -6.513  8.748   1.00 6.01  ? 108 GLU E C   1 
ATOM   855  O O   . GLU A 1 108 ? 1.736   -5.954  9.482   1.00 10.34 ? 108 GLU E O   1 
ATOM   856  C CB  . GLU A 1 108 ? -1.579  -6.130  9.061   1.00 5.22  ? 108 GLU E CB  1 
ATOM   857  C CG  . GLU A 1 108 ? -2.215  -7.501  8.776   1.00 10.40 ? 108 GLU E CG  1 
ATOM   858  C CD  . GLU A 1 108 ? -3.667  -7.680  9.197   1.00 6.74  ? 108 GLU E CD  1 
ATOM   859  O OE1 . GLU A 1 108 ? -3.998  -8.038  10.310  1.00 10.31 ? 108 GLU E OE1 1 
ATOM   860  O OE2 . GLU A 1 108 ? -4.546  -7.490  8.230   1.00 10.25 ? 108 GLU E OE2 1 
ATOM   861  N N   . THR A 1 109 ? 1.023   -7.791  8.381   1.00 14.39 ? 109 THR E N   1 
ATOM   862  C CA  . THR A 1 109 ? 2.175   -8.494  8.867   1.00 9.53  ? 109 THR E CA  1 
ATOM   863  C C   . THR A 1 109 ? 3.450   -7.974  8.174   1.00 10.96 ? 109 THR E C   1 
ATOM   864  O O   . THR A 1 109 ? 4.492   -7.884  8.802   1.00 11.83 ? 109 THR E O   1 
ATOM   865  C CB  . THR A 1 109 ? 1.960   -10.002 8.742   1.00 14.80 ? 109 THR E CB  1 
ATOM   866  O OG1 . THR A 1 109 ? 2.155   -10.411 7.384   1.00 23.28 ? 109 THR E OG1 1 
ATOM   867  C CG2 . THR A 1 109 ? 0.497   -10.229 9.122   1.00 17.60 ? 109 THR E CG2 1 
ATOM   868  N N   . GLY A 1 110 ? 3.416   -7.567  6.912   1.00 9.53  ? 110 GLY E N   1 
ATOM   869  C CA  . GLY A 1 110 ? 4.659   -7.063  6.335   1.00 7.98  ? 110 GLY E CA  1 
ATOM   870  C C   . GLY A 1 110 ? 5.075   -5.743  6.923   1.00 9.60  ? 110 GLY E C   1 
ATOM   871  O O   . GLY A 1 110 ? 6.232   -5.448  7.022   1.00 7.78  ? 110 GLY E O   1 
ATOM   872  N N   . VAL A 1 111 ? 4.143   -4.875  7.279   1.00 2.85  ? 111 VAL E N   1 
ATOM   873  C CA  . VAL A 1 111 ? 4.563   -3.618  7.838   1.00 2.93  ? 111 VAL E CA  1 
ATOM   874  C C   . VAL A 1 111 ? 4.930   -3.824  9.292   1.00 2.25  ? 111 VAL E C   1 
ATOM   875  O O   . VAL A 1 111 ? 5.822   -3.118  9.810   1.00 8.51  ? 111 VAL E O   1 
ATOM   876  C CB  . VAL A 1 111 ? 3.413   -2.605  7.738   1.00 1.00  ? 111 VAL E CB  1 
ATOM   877  C CG1 . VAL A 1 111 ? 3.924   -1.370  8.452   1.00 1.60  ? 111 VAL E CG1 1 
ATOM   878  C CG2 . VAL A 1 111 ? 3.147   -2.318  6.267   1.00 1.25  ? 111 VAL E CG2 1 
ATOM   879  N N   . ALA A 1 112 ? 4.196   -4.762  9.975   1.00 4.12  ? 112 ALA E N   1 
ATOM   880  C CA  . ALA A 1 112 ? 4.438   -5.073  11.400  1.00 3.23  ? 112 ALA E CA  1 
ATOM   881  C C   . ALA A 1 112 ? 5.916   -5.521  11.604  1.00 9.77  ? 112 ALA E C   1 
ATOM   882  O O   . ALA A 1 112 ? 6.503   -5.437  12.688  1.00 12.19 ? 112 ALA E O   1 
ATOM   883  C CB  . ALA A 1 112 ? 3.469   -6.174  11.860  1.00 2.27  ? 112 ALA E CB  1 
ATOM   884  N N   . GLY A 1 113 ? 6.542   -6.005  10.524  1.00 8.10  ? 113 GLY E N   1 
ATOM   885  C CA  . GLY A 1 113 ? 7.912   -6.434  10.515  1.00 5.28  ? 113 GLY E CA  1 
ATOM   886  C C   . GLY A 1 113 ? 8.895   -5.291  10.502  1.00 6.24  ? 113 GLY E C   1 
ATOM   887  O O   . GLY A 1 113 ? 10.038  -5.553  10.716  1.00 5.07  ? 113 GLY E O   1 
ATOM   888  N N   . PHE A 1 114 ? 8.525   -4.036  10.271  1.00 4.45  ? 114 PHE E N   1 
ATOM   889  C CA  . PHE A 1 114 ? 9.540   -2.981  10.248  1.00 7.14  ? 114 PHE E CA  1 
ATOM   890  C C   . PHE A 1 114 ? 9.839   -2.516  11.653  1.00 6.29  ? 114 PHE E C   1 
ATOM   891  O O   . PHE A 1 114 ? 9.694   -1.349  11.996  1.00 6.34  ? 114 PHE E O   1 
ATOM   892  C CB  . PHE A 1 114 ? 9.049   -1.755  9.431   1.00 2.14  ? 114 PHE E CB  1 
ATOM   893  C CG  . PHE A 1 114 ? 9.132   -1.885  7.914   1.00 7.64  ? 114 PHE E CG  1 
ATOM   894  C CD1 . PHE A 1 114 ? 8.371   -2.803  7.194   1.00 5.20  ? 114 PHE E CD1 1 
ATOM   895  C CD2 . PHE A 1 114 ? 9.962   -1.030  7.173   1.00 4.30  ? 114 PHE E CD2 1 
ATOM   896  C CE1 . PHE A 1 114 ? 8.472   -2.880  5.815   1.00 7.76  ? 114 PHE E CE1 1 
ATOM   897  C CE2 . PHE A 1 114 ? 10.047  -1.055  5.779   1.00 5.48  ? 114 PHE E CE2 1 
ATOM   898  C CZ  . PHE A 1 114 ? 9.307   -2.023  5.093   1.00 3.79  ? 114 PHE E CZ  1 
ATOM   899  N N   . THR A 1 115 ? 10.233  -3.450  12.470  1.00 9.21  ? 115 THR E N   1 
ATOM   900  C CA  . THR A 1 115 ? 10.515  -3.189  13.860  1.00 6.40  ? 115 THR E CA  1 
ATOM   901  C C   . THR A 1 115 ? 11.263  -1.926  14.238  1.00 9.64  ? 115 THR E C   1 
ATOM   902  O O   . THR A 1 115 ? 10.930  -1.258  15.208  1.00 7.96  ? 115 THR E O   1 
ATOM   903  C CB  . THR A 1 115 ? 11.344  -4.394  14.297  1.00 20.50 ? 115 THR E CB  1 
ATOM   904  O OG1 . THR A 1 115 ? 10.471  -5.488  14.436  1.00 18.39 ? 115 THR E OG1 1 
ATOM   905  C CG2 . THR A 1 115 ? 11.994  -4.132  15.629  1.00 15.66 ? 115 THR E CG2 1 
ATOM   906  N N   . ASN A 1 116 ? 12.360  -1.603  13.567  1.00 7.66  ? 116 ASN E N   1 
ATOM   907  C CA  . ASN A 1 116 ? 13.109  -0.426  13.988  1.00 9.80  ? 116 ASN E CA  1 
ATOM   908  C C   . ASN A 1 116 ? 12.496  0.907   13.619  1.00 10.26 ? 116 ASN E C   1 
ATOM   909  O O   . ASN A 1 116 ? 12.605  1.914   14.347  1.00 16.61 ? 116 ASN E O   1 
ATOM   910  C CB  . ASN A 1 116 ? 14.548  -0.545  13.456  1.00 14.43 ? 116 ASN E CB  1 
ATOM   911  C CG  . ASN A 1 116 ? 15.284  -1.761  14.016  1.00 28.01 ? 116 ASN E CG  1 
ATOM   912  O OD1 . ASN A 1 116 ? 15.199  -2.040  15.215  1.00 16.81 ? 116 ASN E OD1 1 
ATOM   913  N ND2 . ASN A 1 116 ? 16.003  -2.502  13.162  1.00 24.42 ? 116 ASN E ND2 1 
ATOM   914  N N   . SER A 1 117 ? 11.907  0.880   12.441  1.00 10.84 ? 117 SER E N   1 
ATOM   915  C CA  . SER A 1 117 ? 11.257  2.024   11.828  1.00 11.61 ? 117 SER E CA  1 
ATOM   916  C C   . SER A 1 117 ? 10.033  2.413   12.646  1.00 11.95 ? 117 SER E C   1 
ATOM   917  O O   . SER A 1 117 ? 9.832   3.590   12.833  1.00 10.39 ? 117 SER E O   1 
ATOM   918  C CB  . SER A 1 117 ? 10.899  1.794   10.372  1.00 6.50  ? 117 SER E CB  1 
ATOM   919  O OG  . SER A 1 117 ? 12.038  1.504   9.568   1.00 8.45  ? 117 SER E OG  1 
ATOM   920  N N   . LEU A 1 118 ? 9.258   1.439   13.124  1.00 6.87  ? 118 LEU E N   1 
ATOM   921  C CA  . LEU A 1 118 ? 8.091   1.689   13.953  1.00 8.70  ? 118 LEU E CA  1 
ATOM   922  C C   . LEU A 1 118 ? 8.537   2.205   15.328  1.00 13.15 ? 118 LEU E C   1 
ATOM   923  O O   . LEU A 1 118 ? 7.835   3.019   15.883  1.00 10.57 ? 118 LEU E O   1 
ATOM   924  C CB  . LEU A 1 118 ? 7.128   0.494   14.148  1.00 9.54  ? 118 LEU E CB  1 
ATOM   925  C CG  . LEU A 1 118 ? 6.599   -0.163  12.865  1.00 12.22 ? 118 LEU E CG  1 
ATOM   926  C CD1 . LEU A 1 118 ? 6.125   -1.600  13.026  1.00 8.74  ? 118 LEU E CD1 1 
ATOM   927  C CD2 . LEU A 1 118 ? 5.513   0.631   12.155  1.00 11.68 ? 118 LEU E CD2 1 
ATOM   928  N N   . ARG A 1 119 ? 9.642   1.695   15.917  1.00 12.31 ? 119 ARG E N   1 
ATOM   929  C CA  . ARG A 1 119 ? 10.129  2.189   17.192  1.00 20.20 ? 119 ARG E CA  1 
ATOM   930  C C   . ARG A 1 119 ? 10.383  3.702   17.022  1.00 15.16 ? 119 ARG E C   1 
ATOM   931  O O   . ARG A 1 119 ? 10.036  4.481   17.905  1.00 12.12 ? 119 ARG E O   1 
ATOM   932  C CB  . ARG A 1 119 ? 11.494  1.645   17.691  1.00 17.69 ? 119 ARG E CB  1 
ATOM   933  C CG  . ARG A 1 119 ? 11.604  0.310   18.449  1.00 39.75 ? 119 ARG E CG  1 
ATOM   934  C CD  . ARG A 1 119 ? 13.014  0.023   19.026  1.00 37.86 ? 119 ARG E CD  1 
ATOM   935  N NE  . ARG A 1 119 ? 13.903  1.203   19.107  1.00 43.26 ? 119 ARG E NE  1 
ATOM   936  C CZ  . ARG A 1 119 ? 14.876  1.521   19.997  1.00 69.59 ? 119 ARG E CZ  1 
ATOM   937  N NH1 . ARG A 1 119 ? 15.218  0.750   21.024  1.00 50.62 ? 119 ARG E NH1 1 
ATOM   938  N NH2 . ARG A 1 119 ? 15.540  2.679   19.857  1.00 46.68 ? 119 ARG E NH2 1 
ATOM   939  N N   . MET A 1 120 ? 11.046  4.113   15.936  1.00 15.19 ? 120 MET E N   1 
ATOM   940  C CA  . MET A 1 120 ? 11.372  5.503   15.684  1.00 13.74 ? 120 MET E CA  1 
ATOM   941  C C   . MET A 1 120 ? 10.146  6.390   15.469  1.00 18.30 ? 120 MET E C   1 
ATOM   942  O O   . MET A 1 120 ? 10.034  7.505   15.970  1.00 18.19 ? 120 MET E O   1 
ATOM   943  C CB  . MET A 1 120 ? 12.284  5.611   14.457  1.00 18.86 ? 120 MET E CB  1 
ATOM   944  C CG  . MET A 1 120 ? 13.618  4.904   14.635  1.00 20.59 ? 120 MET E CG  1 
ATOM   945  S SD  . MET A 1 120 ? 14.533  5.775   15.926  1.00 30.57 ? 120 MET E SD  1 
ATOM   946  C CE  . MET A 1 120 ? 13.889  5.032   17.436  1.00 28.70 ? 120 MET E CE  1 
ATOM   947  N N   . LEU A 1 121 ? 9.182   5.910   14.707  1.00 13.92 ? 121 LEU E N   1 
ATOM   948  C CA  . LEU A 1 121 ? 8.019   6.732   14.472  1.00 13.09 ? 121 LEU E CA  1 
ATOM   949  C C   . LEU A 1 121 ? 7.286   6.938   15.750  1.00 15.91 ? 121 LEU E C   1 
ATOM   950  O O   . LEU A 1 121 ? 6.730   7.987   16.005  1.00 11.18 ? 121 LEU E O   1 
ATOM   951  C CB  . LEU A 1 121 ? 6.983   6.115   13.520  1.00 10.30 ? 121 LEU E CB  1 
ATOM   952  C CG  . LEU A 1 121 ? 7.446   5.859   12.076  1.00 11.89 ? 121 LEU E CG  1 
ATOM   953  C CD1 . LEU A 1 121 ? 6.422   4.904   11.338  1.00 2.72  ? 121 LEU E CD1 1 
ATOM   954  C CD2 . LEU A 1 121 ? 7.654   7.175   11.344  1.00 9.22  ? 121 LEU E CD2 1 
ATOM   955  N N   . GLN A 1 122 ? 7.236   5.901   16.539  1.00 14.08 ? 122 GLN E N   1 
ATOM   956  C CA  . GLN A 1 122 ? 6.510   5.961   17.796  1.00 11.22 ? 122 GLN E CA  1 
ATOM   957  C C   . GLN A 1 122 ? 7.088   7.020   18.704  1.00 28.87 ? 122 GLN E C   1 
ATOM   958  O O   . GLN A 1 122 ? 6.360   7.687   19.416  1.00 26.63 ? 122 GLN E O   1 
ATOM   959  C CB  . GLN A 1 122 ? 6.571   4.556   18.399  1.00 19.13 ? 122 GLN E CB  1 
ATOM   960  C CG  . GLN A 1 122 ? 6.123   4.425   19.854  1.00 25.90 ? 122 GLN E CG  1 
ATOM   961  C CD  . GLN A 1 122 ? 4.671   4.067   19.968  1.00 39.47 ? 122 GLN E CD  1 
ATOM   962  O OE1 . GLN A 1 122 ? 4.329   2.868   19.988  1.00 31.43 ? 122 GLN E OE1 1 
ATOM   963  N NE2 . GLN A 1 122 ? 3.844   5.114   20.042  1.00 35.05 ? 122 GLN E NE2 1 
ATOM   964  N N   . GLN A 1 123 ? 8.405   7.179   18.672  1.00 20.70 ? 123 GLN E N   1 
ATOM   965  C CA  . GLN A 1 123 ? 9.085   8.155   19.461  1.00 9.20  ? 123 GLN E CA  1 
ATOM   966  C C   . GLN A 1 123 ? 9.242   9.507   18.795  1.00 16.82 ? 123 GLN E C   1 
ATOM   967  O O   . GLN A 1 123 ? 9.930   10.331  19.368  1.00 16.37 ? 123 GLN E O   1 
ATOM   968  C CB  . GLN A 1 123 ? 10.473  7.650   19.647  1.00 8.87  ? 123 GLN E CB  1 
ATOM   969  C CG  . GLN A 1 123 ? 10.360  6.330   20.371  1.00 12.87 ? 123 GLN E CG  1 
ATOM   970  C CD  . GLN A 1 123 ? 11.782  5.994   20.617  1.00 26.84 ? 123 GLN E CD  1 
ATOM   971  O OE1 . GLN A 1 123 ? 12.555  6.849   21.032  1.00 31.57 ? 123 GLN E OE1 1 
ATOM   972  N NE2 . GLN A 1 123 ? 12.180  4.808   20.233  1.00 34.52 ? 123 GLN E NE2 1 
ATOM   973  N N   . LYS A 1 124 ? 8.608   9.761   17.627  1.00 18.71 ? 124 LYS E N   1 
ATOM   974  C CA  . LYS A 1 124 ? 8.716   11.065  16.966  1.00 13.06 ? 124 LYS E CA  1 
ATOM   975  C C   . LYS A 1 124 ? 10.113  11.426  16.398  1.00 23.66 ? 124 LYS E C   1 
ATOM   976  O O   . LYS A 1 124 ? 10.418  12.599  16.138  1.00 19.24 ? 124 LYS E O   1 
ATOM   977  C CB  . LYS A 1 124 ? 7.901   12.229  17.584  1.00 14.46 ? 124 LYS E CB  1 
ATOM   978  C CG  . LYS A 1 124 ? 6.633   11.814  18.345  1.00 18.60 ? 124 LYS E CG  1 
ATOM   979  C CD  . LYS A 1 124 ? 5.536   12.854  18.516  1.00 36.81 ? 124 LYS E CD  1 
ATOM   980  C CE  . LYS A 1 124 ? 4.142   12.230  18.572  1.00 34.85 ? 124 LYS E CE  1 
ATOM   981  N NZ  . LYS A 1 124 ? 3.410   12.205  17.271  1.00 28.21 ? 124 LYS E NZ  1 
ATOM   982  N N   . ARG A 1 125 ? 10.976  10.427  16.148  1.00 18.27 ? 125 ARG E N   1 
ATOM   983  C CA  . ARG A 1 125 ? 12.322  10.620  15.567  1.00 19.08 ? 125 ARG E CA  1 
ATOM   984  C C   . ARG A 1 125 ? 12.223  10.423  14.083  1.00 14.37 ? 125 ARG E C   1 
ATOM   985  O O   . ARG A 1 125 ? 12.612  9.389   13.554  1.00 13.85 ? 125 ARG E O   1 
ATOM   986  C CB  . ARG A 1 125 ? 13.299  9.610   16.182  1.00 15.91 ? 125 ARG E CB  1 
ATOM   987  C CG  . ARG A 1 125 ? 13.633  9.978   17.642  1.00 20.89 ? 125 ARG E CG  1 
ATOM   988  C CD  . ARG A 1 125 ? 13.424  8.906   18.706  1.00 23.86 ? 125 ARG E CD  1 
ATOM   989  N NE  . ARG A 1 125 ? 14.400  8.973   19.817  1.00 44.50 ? 125 ARG E NE  1 
ATOM   990  C CZ  . ARG A 1 125 ? 14.368  9.708   20.963  1.00 64.65 ? 125 ARG E CZ  1 
ATOM   991  N NH1 . ARG A 1 125 ? 13.381  10.539  21.315  1.00 47.11 ? 125 ARG E NH1 1 
ATOM   992  N NH2 . ARG A 1 125 ? 15.390  9.607   21.816  1.00 48.12 ? 125 ARG E NH2 1 
ATOM   993  N N   . TRP A 1 126 ? 11.639  11.419  13.455  1.00 12.03 ? 126 TRP E N   1 
ATOM   994  C CA  . TRP A 1 126 ? 11.344  11.432  12.036  1.00 10.65 ? 126 TRP E CA  1 
ATOM   995  C C   . TRP A 1 126 ? 12.506  11.298  11.084  1.00 13.83 ? 126 TRP E C   1 
ATOM   996  O O   . TRP A 1 126 ? 12.479  10.668  10.001  1.00 11.19 ? 126 TRP E O   1 
ATOM   997  C CB  . TRP A 1 126 ? 10.417  12.596  11.638  1.00 17.36 ? 126 TRP E CB  1 
ATOM   998  C CG  . TRP A 1 126 ? 9.276   12.936  12.564  1.00 21.55 ? 126 TRP E CG  1 
ATOM   999  C CD1 . TRP A 1 126 ? 9.028   14.142  13.166  1.00 21.97 ? 126 TRP E CD1 1 
ATOM   1000 C CD2 . TRP A 1 126 ? 8.211   12.093  12.971  1.00 14.82 ? 126 TRP E CD2 1 
ATOM   1001 N NE1 . TRP A 1 126 ? 7.867   14.112  13.904  1.00 23.59 ? 126 TRP E NE1 1 
ATOM   1002 C CE2 . TRP A 1 126 ? 7.352   12.859  13.810  1.00 27.11 ? 126 TRP E CE2 1 
ATOM   1003 C CE3 . TRP A 1 126 ? 7.908   10.775  12.698  1.00 17.02 ? 126 TRP E CE3 1 
ATOM   1004 C CZ2 . TRP A 1 126 ? 6.223   12.313  14.395  1.00 15.25 ? 126 TRP E CZ2 1 
ATOM   1005 C CZ3 . TRP A 1 126 ? 6.789   10.241  13.268  1.00 15.71 ? 126 TRP E CZ3 1 
ATOM   1006 C CH2 . TRP A 1 126 ? 5.942   10.999  14.072  1.00 17.80 ? 126 TRP E CH2 1 
ATOM   1007 N N   . ASP A 1 127 ? 13.575  11.913  11.507  1.00 17.11 ? 127 ASP E N   1 
ATOM   1008 C CA  . ASP A 1 127 ? 14.690  11.767  10.597  1.00 18.54 ? 127 ASP E CA  1 
ATOM   1009 C C   . ASP A 1 127 ? 15.266  10.377  10.692  1.00 5.55  ? 127 ASP E C   1 
ATOM   1010 O O   . ASP A 1 127 ? 15.537  9.755   9.654   1.00 13.87 ? 127 ASP E O   1 
ATOM   1011 C CB  . ASP A 1 127 ? 15.733  12.862  10.824  1.00 14.37 ? 127 ASP E CB  1 
ATOM   1012 C CG  . ASP A 1 127 ? 15.034  14.155  10.514  1.00 31.43 ? 127 ASP E CG  1 
ATOM   1013 O OD1 . ASP A 1 127 ? 14.855  14.569  9.370   1.00 33.86 ? 127 ASP E OD1 1 
ATOM   1014 O OD2 . ASP A 1 127 ? 14.550  14.710  11.587  1.00 26.99 ? 127 ASP E OD2 1 
ATOM   1015 N N   . GLU A 1 128 ? 15.403  9.919   11.931  1.00 10.40 ? 128 GLU E N   1 
ATOM   1016 C CA  . GLU A 1 128 ? 15.909  8.586   12.087  1.00 10.49 ? 128 GLU E CA  1 
ATOM   1017 C C   . GLU A 1 128 ? 14.908  7.511   11.572  1.00 15.62 ? 128 GLU E C   1 
ATOM   1018 O O   . GLU A 1 128 ? 15.363  6.447   11.223  1.00 14.44 ? 128 GLU E O   1 
ATOM   1019 C CB  . GLU A 1 128 ? 16.375  8.298   13.533  1.00 20.86 ? 128 GLU E CB  1 
ATOM   1020 C CG  . GLU A 1 128 ? 17.374  9.331   14.094  1.00 25.73 ? 128 GLU E CG  1 
ATOM   1021 C CD  . GLU A 1 128 ? 17.264  9.474   15.595  1.00 37.62 ? 128 GLU E CD  1 
ATOM   1022 O OE1 . GLU A 1 128 ? 16.457  10.226  16.123  1.00 32.71 ? 128 GLU E OE1 1 
ATOM   1023 O OE2 . GLU A 1 128 ? 18.070  8.667   16.271  1.00 28.84 ? 128 GLU E OE2 1 
ATOM   1024 N N   . ALA A 1 129 ? 13.566  7.701   11.548  1.00 7.72  ? 129 ALA E N   1 
ATOM   1025 C CA  . ALA A 1 129 ? 12.668  6.659   11.051  1.00 8.21  ? 129 ALA E CA  1 
ATOM   1026 C C   . ALA A 1 129 ? 12.853  6.522   9.540   1.00 5.05  ? 129 ALA E C   1 
ATOM   1027 O O   . ALA A 1 129 ? 12.954  5.390   9.067   1.00 10.36 ? 129 ALA E O   1 
ATOM   1028 C CB  . ALA A 1 129 ? 11.208  6.969   11.372  1.00 3.90  ? 129 ALA E CB  1 
ATOM   1029 N N   . ALA A 1 130 ? 12.969  7.683   8.847   1.00 9.20  ? 130 ALA E N   1 
ATOM   1030 C CA  . ALA A 1 130 ? 13.207  7.800   7.408   1.00 11.60 ? 130 ALA E CA  1 
ATOM   1031 C C   . ALA A 1 130 ? 14.437  6.992   6.973   1.00 8.36  ? 130 ALA E C   1 
ATOM   1032 O O   . ALA A 1 130 ? 14.425  6.324   5.950   1.00 9.16  ? 130 ALA E O   1 
ATOM   1033 C CB  . ALA A 1 130 ? 13.482  9.253   7.017   1.00 9.19  ? 130 ALA E CB  1 
ATOM   1034 N N   . VAL A 1 131 ? 15.503  7.104   7.755   1.00 5.97  ? 131 VAL E N   1 
ATOM   1035 C CA  . VAL A 1 131 ? 16.727  6.376   7.482   1.00 12.66 ? 131 VAL E CA  1 
ATOM   1036 C C   . VAL A 1 131 ? 16.466  4.865   7.647   1.00 10.12 ? 131 VAL E C   1 
ATOM   1037 O O   . VAL A 1 131 ? 16.937  4.033   6.816   1.00 9.67  ? 131 VAL E O   1 
ATOM   1038 C CB  . VAL A 1 131 ? 17.876  6.829   8.393   1.00 8.98  ? 131 VAL E CB  1 
ATOM   1039 C CG1 . VAL A 1 131 ? 19.084  5.884   8.346   1.00 8.46  ? 131 VAL E CG1 1 
ATOM   1040 C CG2 . VAL A 1 131 ? 18.430  8.132   7.825   1.00 10.29 ? 131 VAL E CG2 1 
ATOM   1041 N N   . ASN A 1 132 ? 15.776  4.494   8.751   1.00 13.11 ? 132 ASN E N   1 
ATOM   1042 C CA  . ASN A 1 132 ? 15.450  3.085   8.974   1.00 14.27 ? 132 ASN E CA  1 
ATOM   1043 C C   . ASN A 1 132 ? 14.466  2.550   7.917   1.00 10.90 ? 132 ASN E C   1 
ATOM   1044 O O   . ASN A 1 132 ? 14.500  1.415   7.504   1.00 9.86  ? 132 ASN E O   1 
ATOM   1045 C CB  . ASN A 1 132 ? 15.011  2.849   10.419  1.00 8.88  ? 132 ASN E CB  1 
ATOM   1046 C CG  . ASN A 1 132 ? 16.254  2.935   11.316  1.00 18.38 ? 132 ASN E CG  1 
ATOM   1047 O OD1 . ASN A 1 132 ? 17.014  1.976   11.399  1.00 14.05 ? 132 ASN E OD1 1 
ATOM   1048 N ND2 . ASN A 1 132 ? 16.529  4.112   11.886  1.00 14.51 ? 132 ASN E ND2 1 
ATOM   1049 N N   . LEU A 1 133 ? 13.562  3.415   7.459   1.00 14.50 ? 133 LEU E N   1 
ATOM   1050 C CA  . LEU A 1 133 ? 12.575  3.043   6.462   1.00 6.21  ? 133 LEU E CA  1 
ATOM   1051 C C   . LEU A 1 133 ? 13.273  2.712   5.147   1.00 10.73 ? 133 LEU E C   1 
ATOM   1052 O O   . LEU A 1 133 ? 12.826  1.819   4.448   1.00 11.05 ? 133 LEU E O   1 
ATOM   1053 C CB  . LEU A 1 133 ? 11.452  4.099   6.299   1.00 8.04  ? 133 LEU E CB  1 
ATOM   1054 C CG  . LEU A 1 133 ? 10.477  4.179   7.495   1.00 7.81  ? 133 LEU E CG  1 
ATOM   1055 C CD1 . LEU A 1 133 ? 9.791   5.518   7.357   1.00 9.60  ? 133 LEU E CD1 1 
ATOM   1056 C CD2 . LEU A 1 133 ? 9.383   3.114   7.321   1.00 6.96  ? 133 LEU E CD2 1 
ATOM   1057 N N   . ALA A 1 134 ? 14.378  3.399   4.839   1.00 7.61  ? 134 ALA E N   1 
ATOM   1058 C CA  . ALA A 1 134 ? 15.131  3.166   3.634   1.00 7.16  ? 134 ALA E CA  1 
ATOM   1059 C C   . ALA A 1 134 ? 15.940  1.852   3.654   1.00 11.12 ? 134 ALA E C   1 
ATOM   1060 O O   . ALA A 1 134 ? 16.278  1.258   2.641   1.00 7.95  ? 134 ALA E O   1 
ATOM   1061 C CB  . ALA A 1 134 ? 15.932  4.361   3.181   1.00 7.56  ? 134 ALA E CB  1 
ATOM   1062 N N   . LYS A 1 135 ? 16.272  1.333   4.792   1.00 5.94  ? 135 LYS E N   1 
ATOM   1063 C CA  . LYS A 1 135 ? 17.021  0.080   4.774   1.00 11.13 ? 135 LYS E CA  1 
ATOM   1064 C C   . LYS A 1 135 ? 16.042  -1.085  4.713   1.00 7.64  ? 135 LYS E C   1 
ATOM   1065 O O   . LYS A 1 135 ? 15.767  -1.789  5.687   1.00 7.68  ? 135 LYS E O   1 
ATOM   1066 C CB  . LYS A 1 135 ? 17.865  0.122   6.025   1.00 9.26  ? 135 LYS E CB  1 
ATOM   1067 C CG  . LYS A 1 135 ? 18.715  1.368   5.835   1.00 14.12 ? 135 LYS E CG  1 
ATOM   1068 C CD  . LYS A 1 135 ? 19.894  1.423   6.792   1.00 18.25 ? 135 LYS E CD  1 
ATOM   1069 C CE  . LYS A 1 135 ? 19.727  0.411   7.894   1.00 17.79 ? 135 LYS E CE  1 
ATOM   1070 N NZ  . LYS A 1 135 ? 20.091  0.966   9.223   1.00 26.49 ? 135 LYS E NZ  1 
ATOM   1071 N N   . SER A 1 136 ? 15.451  -1.247  3.540   1.00 3.36  ? 136 SER E N   1 
ATOM   1072 C CA  . SER A 1 136 ? 14.505  -2.271  3.443   1.00 7.68  ? 136 SER E CA  1 
ATOM   1073 C C   . SER A 1 136 ? 14.448  -2.770  2.050   1.00 10.71 ? 136 SER E C   1 
ATOM   1074 O O   . SER A 1 136 ? 14.919  -2.135  1.101   1.00 10.65 ? 136 SER E O   1 
ATOM   1075 C CB  . SER A 1 136 ? 13.142  -1.737  3.862   1.00 12.58 ? 136 SER E CB  1 
ATOM   1076 O OG  . SER A 1 136 ? 12.747  -0.692  2.998   1.00 3.34  ? 136 SER E OG  1 
ATOM   1077 N N   . ARG A 1 137 ? 13.848  -3.951  1.974   1.00 9.23  ? 137 ARG E N   1 
ATOM   1078 C CA  . ARG A 1 137 ? 13.684  -4.560  0.688   1.00 9.54  ? 137 ARG E CA  1 
ATOM   1079 C C   . ARG A 1 137 ? 12.708  -3.685  -0.062  1.00 9.36  ? 137 ARG E C   1 
ATOM   1080 O O   . ARG A 1 137 ? 12.930  -3.477  -1.230  1.00 7.46  ? 137 ARG E O   1 
ATOM   1081 C CB  . ARG A 1 137 ? 13.245  -6.028  0.794   1.00 11.67 ? 137 ARG E CB  1 
ATOM   1082 C CG  . ARG A 1 137 ? 12.961  -6.721  -0.526  1.00 23.62 ? 137 ARG E CG  1 
ATOM   1083 C CD  . ARG A 1 137 ? 13.141  -8.230  -0.378  1.00 39.83 ? 137 ARG E CD  1 
ATOM   1084 N NE  . ARG A 1 137 ? 11.962  -9.093  -0.351  1.00 44.46 ? 137 ARG E NE  1 
ATOM   1085 C CZ  . ARG A 1 137 ? 11.694  -9.998  -1.310  1.00 54.68 ? 137 ARG E CZ  1 
ATOM   1086 N NH1 . ARG A 1 137 ? 12.502  -10.089 -2.356  1.00 38.91 ? 137 ARG E NH1 1 
ATOM   1087 N NH2 . ARG A 1 137 ? 10.639  -10.805 -1.297  1.00 38.68 ? 137 ARG E NH2 1 
ATOM   1088 N N   . TRP A 1 138 ? 11.652  -3.183  0.655   1.00 7.93  ? 138 TRP E N   1 
ATOM   1089 C CA  . TRP A 1 138 ? 10.650  -2.341  0.035   1.00 7.66  ? 138 TRP E CA  1 
ATOM   1090 C C   . TRP A 1 138 ? 11.274  -1.221  -0.809  1.00 9.32  ? 138 TRP E C   1 
ATOM   1091 O O   . TRP A 1 138 ? 11.006  -0.965  -1.958  1.00 9.07  ? 138 TRP E O   1 
ATOM   1092 C CB  . TRP A 1 138 ? 9.915   -1.706  1.225   1.00 6.56  ? 138 TRP E CB  1 
ATOM   1093 C CG  . TRP A 1 138 ? 8.968   -0.564  0.865   1.00 8.11  ? 138 TRP E CG  1 
ATOM   1094 C CD1 . TRP A 1 138 ? 8.011   -0.518  -0.119  1.00 7.03  ? 138 TRP E CD1 1 
ATOM   1095 C CD2 . TRP A 1 138 ? 8.851   0.667   1.600   1.00 5.39  ? 138 TRP E CD2 1 
ATOM   1096 N NE1 . TRP A 1 138 ? 7.350   0.681   -0.079  1.00 5.39  ? 138 TRP E NE1 1 
ATOM   1097 C CE2 . TRP A 1 138 ? 7.817   1.423   0.999   1.00 9.27  ? 138 TRP E CE2 1 
ATOM   1098 C CE3 . TRP A 1 138 ? 9.573   1.168   2.684   1.00 8.52  ? 138 TRP E CE3 1 
ATOM   1099 C CZ2 . TRP A 1 138 ? 7.481   2.687   1.494   1.00 7.29  ? 138 TRP E CZ2 1 
ATOM   1100 C CZ3 . TRP A 1 138 ? 9.218   2.413   3.168   1.00 6.08  ? 138 TRP E CZ3 1 
ATOM   1101 C CH2 . TRP A 1 138 ? 8.188   3.149   2.577   1.00 5.94  ? 138 TRP E CH2 1 
ATOM   1102 N N   . TYR A 1 139 ? 12.126  -0.465  -0.156  1.00 9.53  ? 139 TYR E N   1 
ATOM   1103 C CA  . TYR A 1 139 ? 12.783  0.660   -0.777  1.00 12.24 ? 139 TYR E CA  1 
ATOM   1104 C C   . TYR A 1 139 ? 13.635  0.236   -1.982  1.00 9.62  ? 139 TYR E C   1 
ATOM   1105 O O   . TYR A 1 139 ? 13.700  0.940   -2.975  1.00 14.38 ? 139 TYR E O   1 
ATOM   1106 C CB  . TYR A 1 139 ? 13.634  1.253   0.362   1.00 13.69 ? 139 TYR E CB  1 
ATOM   1107 C CG  . TYR A 1 139 ? 14.414  2.437   -0.095  1.00 4.21  ? 139 TYR E CG  1 
ATOM   1108 C CD1 . TYR A 1 139 ? 13.823  3.694   -0.078  1.00 17.09 ? 139 TYR E CD1 1 
ATOM   1109 C CD2 . TYR A 1 139 ? 15.718  2.317   -0.572  1.00 24.04 ? 139 TYR E CD2 1 
ATOM   1110 C CE1 . TYR A 1 139 ? 14.553  4.801   -0.535  1.00 21.79 ? 139 TYR E CE1 1 
ATOM   1111 C CE2 . TYR A 1 139 ? 16.461  3.406   -1.027  1.00 25.20 ? 139 TYR E CE2 1 
ATOM   1112 C CZ  . TYR A 1 139 ? 15.855  4.653   -1.004  1.00 21.22 ? 139 TYR E CZ  1 
ATOM   1113 O OH  . TYR A 1 139 ? 16.530  5.767   -1.403  1.00 33.59 ? 139 TYR E OH  1 
ATOM   1114 N N   . ASN A 1 140 ? 14.245  -0.944  -1.938  1.00 11.12 ? 140 ASN E N   1 
ATOM   1115 C CA  . ASN A 1 140 ? 15.063  -1.404  -3.068  1.00 9.76  ? 140 ASN E CA  1 
ATOM   1116 C C   . ASN A 1 140 ? 14.159  -1.922  -4.137  1.00 13.11 ? 140 ASN E C   1 
ATOM   1117 O O   . ASN A 1 140 ? 14.553  -2.001  -5.278  1.00 15.27 ? 140 ASN E O   1 
ATOM   1118 C CB  . ASN A 1 140 ? 16.000  -2.534  -2.632  1.00 11.52 ? 140 ASN E CB  1 
ATOM   1119 C CG  . ASN A 1 140 ? 17.121  -1.940  -1.819  1.00 7.10  ? 140 ASN E CG  1 
ATOM   1120 O OD1 . ASN A 1 140 ? 17.083  -1.779  -0.575  1.00 11.14 ? 140 ASN E OD1 1 
ATOM   1121 N ND2 . ASN A 1 140 ? 18.122  -1.556  -2.548  1.00 4.46  ? 140 ASN E ND2 1 
ATOM   1122 N N   . GLN A 1 141 ? 12.922  -2.251  -3.779  1.00 12.33 ? 141 GLN E N   1 
ATOM   1123 C CA  . GLN A 1 141 ? 11.955  -2.758  -4.766  1.00 2.81  ? 141 GLN E CA  1 
ATOM   1124 C C   . GLN A 1 141 ? 11.289  -1.650  -5.520  1.00 14.29 ? 141 GLN E C   1 
ATOM   1125 O O   . GLN A 1 141 ? 11.247  -1.636  -6.768  1.00 10.28 ? 141 GLN E O   1 
ATOM   1126 C CB  . GLN A 1 141 ? 10.776  -3.606  -4.185  1.00 12.14 ? 141 GLN E CB  1 
ATOM   1127 C CG  . GLN A 1 141 ? 11.230  -4.956  -3.540  1.00 12.49 ? 141 GLN E CG  1 
ATOM   1128 C CD  . GLN A 1 141 ? 10.271  -5.506  -2.497  1.00 10.08 ? 141 GLN E CD  1 
ATOM   1129 O OE1 . GLN A 1 141 ? 9.582   -4.681  -1.755  1.00 13.76 ? 141 GLN E OE1 1 
ATOM   1130 N NE2 . GLN A 1 141 ? 10.152  -6.700  -2.349  1.00 18.87 ? 141 GLN E NE2 1 
ATOM   1131 N N   . THR A 1 142 ? 10.714  -0.729  -4.755  1.00 9.55  ? 142 THR E N   1 
ATOM   1132 C CA  . THR A 1 142 ? 9.965   0.401   -5.313  1.00 7.07  ? 142 THR E CA  1 
ATOM   1133 C C   . THR A 1 142 ? 10.451  1.744   -4.753  1.00 4.68  ? 142 THR E C   1 
ATOM   1134 O O   . THR A 1 142 ? 9.748   2.451   -4.051  1.00 11.56 ? 142 THR E O   1 
ATOM   1135 C CB  . THR A 1 142 ? 8.410   0.238   -5.190  1.00 9.70  ? 142 THR E CB  1 
ATOM   1136 O OG1 . THR A 1 142 ? 7.988   0.398   -3.826  1.00 9.25  ? 142 THR E OG1 1 
ATOM   1137 C CG2 . THR A 1 142 ? 7.795   -1.059  -5.791  1.00 4.80  ? 142 THR E CG2 1 
ATOM   1138 N N   . PRO A 1 143 ? 11.690  2.100   -5.022  1.00 13.02 ? 143 PRO E N   1 
ATOM   1139 C CA  . PRO A 1 143 ? 12.214  3.314   -4.436  1.00 6.83  ? 143 PRO E CA  1 
ATOM   1140 C C   . PRO A 1 143 ? 11.485  4.588   -4.738  1.00 11.27 ? 143 PRO E C   1 
ATOM   1141 O O   . PRO A 1 143 ? 11.501  5.507   -3.909  1.00 9.57  ? 143 PRO E O   1 
ATOM   1142 C CB  . PRO A 1 143 ? 13.620  3.505   -4.972  1.00 10.63 ? 143 PRO E CB  1 
ATOM   1143 C CG  . PRO A 1 143 ? 13.662  2.683   -6.242  1.00 12.20 ? 143 PRO E CG  1 
ATOM   1144 C CD  . PRO A 1 143 ? 12.576  1.619   -6.123  1.00 12.30 ? 143 PRO E CD  1 
ATOM   1145 N N   . ASN A 1 144 ? 10.910  4.700   -5.929  1.00 10.86 ? 144 ASN E N   1 
ATOM   1146 C CA  . ASN A 1 144 ? 10.306  6.006   -6.131  1.00 11.22 ? 144 ASN E CA  1 
ATOM   1147 C C   . ASN A 1 144 ? 9.138   6.239   -5.207  1.00 9.30  ? 144 ASN E C   1 
ATOM   1148 O O   . ASN A 1 144 ? 9.005   7.332   -4.638  1.00 7.78  ? 144 ASN E O   1 
ATOM   1149 C CB  . ASN A 1 144 ? 9.928   6.147   -7.585  1.00 13.21 ? 144 ASN E CB  1 
ATOM   1150 C CG  . ASN A 1 144 ? 11.108  6.429   -8.474  1.00 25.64 ? 144 ASN E CG  1 
ATOM   1151 O OD1 . ASN A 1 144 ? 12.043  7.172   -8.113  1.00 27.49 ? 144 ASN E OD1 1 
ATOM   1152 N ND2 . ASN A 1 144 ? 11.005  5.884   -9.677  1.00 21.21 ? 144 ASN E ND2 1 
ATOM   1153 N N   A ARG A 1 145 ? 8.284   5.195   -5.069  0.50 6.76  ? 145 ARG E N   1 
ATOM   1154 N N   B ARG A 1 145 ? 8.329   5.172   -5.124  0.50 7.67  ? 145 ARG E N   1 
ATOM   1155 C CA  A ARG A 1 145 ? 7.102   5.166   -4.206  0.50 4.27  ? 145 ARG E CA  1 
ATOM   1156 C CA  B ARG A 1 145 ? 7.140   5.027   -4.316  0.50 6.39  ? 145 ARG E CA  1 
ATOM   1157 C C   A ARG A 1 145 ? 7.535   5.251   -2.747  0.50 12.12 ? 145 ARG E C   1 
ATOM   1158 C C   B ARG A 1 145 ? 7.504   5.176   -2.829  0.50 13.82 ? 145 ARG E C   1 
ATOM   1159 O O   A ARG A 1 145 ? 7.036   6.047   -1.955  0.50 4.44  ? 145 ARG E O   1 
ATOM   1160 O O   B ARG A 1 145 ? 6.942   5.966   -2.077  0.50 6.57  ? 145 ARG E O   1 
ATOM   1161 C CB  A ARG A 1 145 ? 6.285   3.884   -4.433  0.50 5.46  ? 145 ARG E CB  1 
ATOM   1162 C CB  B ARG A 1 145 ? 6.569   3.634   -4.624  0.50 11.25 ? 145 ARG E CB  1 
ATOM   1163 C CG  A ARG A 1 145 ? 5.481   3.325   -3.261  0.50 1.00  ? 145 ARG E CG  1 
ATOM   1164 C CG  B ARG A 1 145 ? 5.958   3.488   -6.023  0.50 14.06 ? 145 ARG E CG  1 
ATOM   1165 C CD  A ARG A 1 145 ? 4.011   3.613   -3.507  0.50 5.45  ? 145 ARG E CD  1 
ATOM   1166 C CD  B ARG A 1 145 ? 6.737   2.771   -7.172  0.50 15.42 ? 145 ARG E CD  1 
ATOM   1167 N NE  A ARG A 1 145 ? 2.886   3.072   -2.702  0.50 1.00  ? 145 ARG E NE  1 
ATOM   1168 N NE  B ARG A 1 145 ? 8.167   3.033   -7.295  0.50 5.23  ? 145 ARG E NE  1 
ATOM   1169 C CZ  A ARG A 1 145 ? 2.010   2.212   -3.274  0.50 1.00  ? 145 ARG E CZ  1 
ATOM   1170 C CZ  B ARG A 1 145 ? 8.998   2.438   -8.161  0.50 3.60  ? 145 ARG E CZ  1 
ATOM   1171 N NH1 A ARG A 1 145 ? 2.174   1.777   -4.522  0.50 3.40  ? 145 ARG E NH1 1 
ATOM   1172 N NH1 B ARG A 1 145 ? 8.569   1.540   -9.055  0.50 6.60  ? 145 ARG E NH1 1 
ATOM   1173 N NH2 A ARG A 1 145 ? 0.927   1.740   -2.644  0.50 1.00  ? 145 ARG E NH2 1 
ATOM   1174 N NH2 B ARG A 1 145 ? 10.303  2.767   -8.168  0.50 1.00  ? 145 ARG E NH2 1 
ATOM   1175 N N   . ALA A 1 146 ? 8.493   4.407   -2.386  1.00 5.88  ? 146 ALA E N   1 
ATOM   1176 C CA  . ALA A 1 146 ? 8.979   4.426   -1.049  1.00 3.02  ? 146 ALA E CA  1 
ATOM   1177 C C   . ALA A 1 146 ? 9.502   5.805   -0.709  1.00 10.62 ? 146 ALA E C   1 
ATOM   1178 O O   . ALA A 1 146 ? 9.262   6.351   0.364   1.00 8.80  ? 146 ALA E O   1 
ATOM   1179 C CB  . ALA A 1 146 ? 10.027  3.308   -0.896  1.00 5.33  ? 146 ALA E CB  1 
ATOM   1180 N N   . LYS A 1 147 ? 10.174  6.425   -1.657  1.00 7.96  ? 147 LYS E N   1 
ATOM   1181 C CA  . LYS A 1 147 ? 10.671  7.768   -1.370  1.00 11.34 ? 147 LYS E CA  1 
ATOM   1182 C C   . LYS A 1 147 ? 9.579   8.818   -1.078  1.00 11.70 ? 147 LYS E C   1 
ATOM   1183 O O   . LYS A 1 147 ? 9.750   9.685   -0.168  1.00 11.22 ? 147 LYS E O   1 
ATOM   1184 C CB  . LYS A 1 147 ? 11.707  8.387   -2.305  1.00 10.73 ? 147 LYS E CB  1 
ATOM   1185 C CG  . LYS A 1 147 ? 13.032  7.691   -2.580  1.00 25.38 ? 147 LYS E CG  1 
ATOM   1186 C CD  . LYS A 1 147 ? 13.779  8.352   -3.739  1.00 20.80 ? 147 LYS E CD  1 
ATOM   1187 C CE  . LYS A 1 147 ? 14.983  7.563   -4.216  1.00 24.54 ? 147 LYS E CE  1 
ATOM   1188 N NZ  . LYS A 1 147 ? 14.957  7.267   -5.669  1.00 38.72 ? 147 LYS E NZ  1 
ATOM   1189 N N   . ARG A 1 148 ? 8.453   8.748   -1.810  1.00 9.02  ? 148 ARG E N   1 
ATOM   1190 C CA  . ARG A 1 148 ? 7.380   9.668   -1.550  1.00 8.02  ? 148 ARG E CA  1 
ATOM   1191 C C   . ARG A 1 148 ? 6.776   9.447   -0.181  1.00 4.08  ? 148 ARG E C   1 
ATOM   1192 O O   . ARG A 1 148 ? 6.562   10.380  0.527   1.00 8.34  ? 148 ARG E O   1 
ATOM   1193 C CB  . ARG A 1 148 ? 6.300   9.449   -2.559  1.00 7.48  ? 148 ARG E CB  1 
ATOM   1194 C CG  . ARG A 1 148 ? 6.718   10.010  -3.887  1.00 7.79  ? 148 ARG E CG  1 
ATOM   1195 C CD  . ARG A 1 148 ? 5.503   10.386  -4.711  1.00 12.36 ? 148 ARG E CD  1 
ATOM   1196 N NE  . ARG A 1 148 ? 4.869   9.165   -5.162  1.00 8.69  ? 148 ARG E NE  1 
ATOM   1197 C CZ  . ARG A 1 148 ? 5.424   8.406   -6.086  1.00 14.51 ? 148 ARG E CZ  1 
ATOM   1198 N NH1 . ARG A 1 148 ? 6.614   8.746   -6.590  1.00 17.69 ? 148 ARG E NH1 1 
ATOM   1199 N NH2 . ARG A 1 148 ? 4.845   7.287   -6.495  1.00 13.75 ? 148 ARG E NH2 1 
ATOM   1200 N N   . VAL A 1 149 ? 6.541   8.200   0.241   1.00 6.85  ? 149 VAL E N   1 
ATOM   1201 C CA  . VAL A 1 149 ? 5.993   7.804   1.551   1.00 3.40  ? 149 VAL E CA  1 
ATOM   1202 C C   . VAL A 1 149 ? 6.938   8.197   2.683   1.00 9.04  ? 149 VAL E C   1 
ATOM   1203 O O   . VAL A 1 149 ? 6.553   8.729   3.728   1.00 8.14  ? 149 VAL E O   1 
ATOM   1204 C CB  . VAL A 1 149 ? 5.696   6.276   1.575   1.00 3.94  ? 149 VAL E CB  1 
ATOM   1205 C CG1 . VAL A 1 149 ? 5.334   5.781   2.991   1.00 6.48  ? 149 VAL E CG1 1 
ATOM   1206 C CG2 . VAL A 1 149 ? 4.527   5.858   0.672   1.00 5.06  ? 149 VAL E CG2 1 
ATOM   1207 N N   . ILE A 1 150 ? 8.227   7.934   2.522   1.00 6.28  ? 150 ILE E N   1 
ATOM   1208 C CA  . ILE A 1 150 ? 9.175   8.309   3.549   1.00 8.09  ? 150 ILE E CA  1 
ATOM   1209 C C   . ILE A 1 150 ? 9.242   9.818   3.688   1.00 10.36 ? 150 ILE E C   1 
ATOM   1210 O O   . ILE A 1 150 ? 9.499   10.335  4.775   1.00 13.15 ? 150 ILE E O   1 
ATOM   1211 C CB  . ILE A 1 150 ? 10.563  7.787   3.176   1.00 14.79 ? 150 ILE E CB  1 
ATOM   1212 C CG1 . ILE A 1 150 ? 10.586  6.279   2.909   1.00 9.31  ? 150 ILE E CG1 1 
ATOM   1213 C CG2 . ILE A 1 150 ? 11.620  8.136   4.240   1.00 9.67  ? 150 ILE E CG2 1 
ATOM   1214 C CD1 . ILE A 1 150 ? 12.028  5.777   2.731   1.00 9.22  ? 150 ILE E CD1 1 
ATOM   1215 N N   . THR A 1 151 ? 9.029   10.570  2.598   1.00 11.50 ? 151 THR E N   1 
ATOM   1216 C CA  . THR A 1 151 ? 9.101   12.033  2.743   1.00 10.46 ? 151 THR E CA  1 
ATOM   1217 C C   . THR A 1 151 ? 7.927   12.499  3.545   1.00 4.76  ? 151 THR E C   1 
ATOM   1218 O O   . THR A 1 151 ? 8.061   13.433  4.320   1.00 12.07 ? 151 THR E O   1 
ATOM   1219 C CB  . THR A 1 151 ? 9.175   12.778  1.400   1.00 4.61  ? 151 THR E CB  1 
ATOM   1220 O OG1 . THR A 1 151 ? 10.340  12.365  0.785   1.00 14.19 ? 151 THR E OG1 1 
ATOM   1221 C CG2 . THR A 1 151 ? 9.146   14.304  1.507   1.00 11.57 ? 151 THR E CG2 1 
ATOM   1222 N N   . THR A 1 152 ? 6.796   11.822  3.376   1.00 11.41 ? 152 THR E N   1 
ATOM   1223 C CA  . THR A 1 152 ? 5.586   12.165  4.103   1.00 6.35  ? 152 THR E CA  1 
ATOM   1224 C C   . THR A 1 152 ? 5.768   11.952  5.589   1.00 10.09 ? 152 THR E C   1 
ATOM   1225 O O   . THR A 1 152 ? 5.301   12.713  6.416   1.00 10.32 ? 152 THR E O   1 
ATOM   1226 C CB  . THR A 1 152 ? 4.419   11.369  3.509   1.00 7.09  ? 152 THR E CB  1 
ATOM   1227 O OG1 . THR A 1 152 ? 4.389   11.519  2.081   1.00 5.80  ? 152 THR E OG1 1 
ATOM   1228 C CG2 . THR A 1 152 ? 3.098   11.794  4.083   1.00 1.00  ? 152 THR E CG2 1 
ATOM   1229 N N   . PHE A 1 153 ? 6.393   10.856  5.955   1.00 6.52  ? 153 PHE E N   1 
ATOM   1230 C CA  . PHE A 1 153 ? 6.606   10.593  7.353   1.00 10.87 ? 153 PHE E CA  1 
ATOM   1231 C C   . PHE A 1 153 ? 7.643   11.520  7.893   1.00 12.40 ? 153 PHE E C   1 
ATOM   1232 O O   . PHE A 1 153 ? 7.665   11.836  9.066   1.00 15.12 ? 153 PHE E O   1 
ATOM   1233 C CB  . PHE A 1 153 ? 7.310   9.265   7.548   1.00 10.50 ? 153 PHE E CB  1 
ATOM   1234 C CG  . PHE A 1 153 ? 6.320   8.156   7.709   1.00 9.50  ? 153 PHE E CG  1 
ATOM   1235 C CD1 . PHE A 1 153 ? 5.305   8.217   8.671   1.00 11.10 ? 153 PHE E CD1 1 
ATOM   1236 C CD2 . PHE A 1 153 ? 6.409   7.031   6.901   1.00 8.54  ? 153 PHE E CD2 1 
ATOM   1237 C CE1 . PHE A 1 153 ? 4.402   7.178   8.821   1.00 9.32  ? 153 PHE E CE1 1 
ATOM   1238 C CE2 . PHE A 1 153 ? 5.512   5.973   7.030   1.00 8.67  ? 153 PHE E CE2 1 
ATOM   1239 C CZ  . PHE A 1 153 ? 4.513   6.060   8.003   1.00 19.06 ? 153 PHE E CZ  1 
ATOM   1240 N N   . ARG A 1 154 ? 8.581   11.907  7.061   1.00 10.10 ? 154 ARG E N   1 
ATOM   1241 C CA  . ARG A 1 154 ? 9.633   12.743  7.533   1.00 8.41  ? 154 ARG E CA  1 
ATOM   1242 C C   . ARG A 1 154 ? 9.164   14.108  7.912   1.00 13.34 ? 154 ARG E C   1 
ATOM   1243 O O   . ARG A 1 154 ? 9.498   14.607  9.005   1.00 14.00 ? 154 ARG E O   1 
ATOM   1244 C CB  . ARG A 1 154 ? 10.787  12.879  6.540   1.00 17.26 ? 154 ARG E CB  1 
ATOM   1245 C CG  . ARG A 1 154 ? 11.955  13.583  7.202   1.00 18.26 ? 154 ARG E CG  1 
ATOM   1246 C CD  . ARG A 1 154 ? 13.288  13.382  6.506   1.00 12.33 ? 154 ARG E CD  1 
ATOM   1247 N NE  . ARG A 1 154 ? 13.115  13.849  5.133   1.00 13.47 ? 154 ARG E NE  1 
ATOM   1248 C CZ  . ARG A 1 154 ? 13.066  15.151  4.839   1.00 22.51 ? 154 ARG E CZ  1 
ATOM   1249 N NH1 . ARG A 1 154 ? 13.184  16.086  5.793   1.00 22.59 ? 154 ARG E NH1 1 
ATOM   1250 N NH2 . ARG A 1 154 ? 12.863  15.522  3.563   1.00 26.09 ? 154 ARG E NH2 1 
ATOM   1251 N N   . THR A 1 155 ? 8.406   14.634  6.987   1.00 11.74 ? 155 THR E N   1 
ATOM   1252 C CA  . THR A 1 155 ? 7.885   15.994  7.019   1.00 13.47 ? 155 THR E CA  1 
ATOM   1253 C C   . THR A 1 155 ? 6.538   16.246  7.582   1.00 19.90 ? 155 THR E C   1 
ATOM   1254 O O   . THR A 1 155 ? 6.316   17.344  8.108   1.00 18.78 ? 155 THR E O   1 
ATOM   1255 C CB  . THR A 1 155 ? 7.931   16.598  5.619   1.00 13.04 ? 155 THR E CB  1 
ATOM   1256 O OG1 . THR A 1 155 ? 7.133   15.843  4.694   1.00 19.54 ? 155 THR E OG1 1 
ATOM   1257 C CG2 . THR A 1 155 ? 9.375   16.657  5.142   1.00 12.33 ? 155 THR E CG2 1 
ATOM   1258 N N   . GLY A 1 156 ? 5.637   15.267  7.442   1.00 17.85 ? 156 GLY E N   1 
ATOM   1259 C CA  . GLY A 1 156 ? 4.305   15.432  7.931   1.00 13.06 ? 156 GLY E CA  1 
ATOM   1260 C C   . GLY A 1 156 ? 3.502   16.321  6.992   1.00 9.49  ? 156 GLY E C   1 
ATOM   1261 O O   . GLY A 1 156 ? 2.390   16.782  7.340   1.00 15.82 ? 156 GLY E O   1 
ATOM   1262 N N   . THR A 1 157 ? 3.992   16.527  5.796   1.00 7.83  ? 157 THR E N   1 
ATOM   1263 C CA  . THR A 1 157 ? 3.277   17.341  4.825   1.00 15.75 ? 157 THR E CA  1 
ATOM   1264 C C   . THR A 1 157 ? 2.938   16.598  3.554   1.00 9.53  ? 157 THR E C   1 
ATOM   1265 O O   . THR A 1 157 ? 3.329   15.456  3.404   1.00 13.60 ? 157 THR E O   1 
ATOM   1266 C CB  . THR A 1 157 ? 4.077   18.566  4.418   1.00 10.26 ? 157 THR E CB  1 
ATOM   1267 O OG1 . THR A 1 157 ? 5.087   18.197  3.494   1.00 15.48 ? 157 THR E OG1 1 
ATOM   1268 C CG2 . THR A 1 157 ? 4.597   19.243  5.648   1.00 13.19 ? 157 THR E CG2 1 
ATOM   1269 N N   . TRP A 1 158 ? 2.181   17.221  2.663   1.00 13.77 ? 158 TRP E N   1 
ATOM   1270 C CA  . TRP A 1 158 ? 1.823   16.535  1.421   1.00 16.32 ? 158 TRP E CA  1 
ATOM   1271 C C   . TRP A 1 158 ? 2.775   16.858  0.309   1.00 15.11 ? 158 TRP E C   1 
ATOM   1272 O O   . TRP A 1 158 ? 2.491   16.589  -0.850  1.00 13.76 ? 158 TRP E O   1 
ATOM   1273 C CB  . TRP A 1 158 ? 0.366   16.734  0.956   1.00 12.53 ? 158 TRP E CB  1 
ATOM   1274 C CG  . TRP A 1 158 ? -0.604  16.092  1.885   1.00 18.53 ? 158 TRP E CG  1 
ATOM   1275 C CD1 . TRP A 1 158 ? -1.406  16.734  2.753   1.00 18.92 ? 158 TRP E CD1 1 
ATOM   1276 C CD2 . TRP A 1 158 ? -0.909  14.704  2.028   1.00 13.85 ? 158 TRP E CD2 1 
ATOM   1277 N NE1 . TRP A 1 158 ? -2.214  15.848  3.418   1.00 18.81 ? 158 TRP E NE1 1 
ATOM   1278 C CE2 . TRP A 1 158 ? -1.953  14.594  2.991   1.00 24.05 ? 158 TRP E CE2 1 
ATOM   1279 C CE3 . TRP A 1 158 ? -0.463  13.534  1.381   1.00 29.99 ? 158 TRP E CE3 1 
ATOM   1280 C CZ2 . TRP A 1 158 ? -2.497  13.366  3.396   1.00 18.24 ? 158 TRP E CZ2 1 
ATOM   1281 C CZ3 . TRP A 1 158 ? -1.034  12.324  1.749   1.00 24.22 ? 158 TRP E CZ3 1 
ATOM   1282 C CH2 . TRP A 1 158 ? -2.015  12.237  2.766   1.00 18.39 ? 158 TRP E CH2 1 
ATOM   1283 N N   . ASP A 1 159 ? 3.903   17.468  0.664   1.00 14.67 ? 159 ASP E N   1 
ATOM   1284 C CA  . ASP A 1 159 ? 4.957   17.903  -0.243  1.00 18.87 ? 159 ASP E CA  1 
ATOM   1285 C C   . ASP A 1 159 ? 5.409   16.979  -1.379  1.00 26.12 ? 159 ASP E C   1 
ATOM   1286 O O   . ASP A 1 159 ? 5.693   17.463  -2.483  1.00 21.02 ? 159 ASP E O   1 
ATOM   1287 C CB  . ASP A 1 159 ? 6.177   18.345  0.538   1.00 25.29 ? 159 ASP E CB  1 
ATOM   1288 C CG  . ASP A 1 159 ? 6.092   19.768  0.979   1.00 34.60 ? 159 ASP E CG  1 
ATOM   1289 O OD1 . ASP A 1 159 ? 5.083   20.408  0.465   1.00 26.31 ? 159 ASP E OD1 1 
ATOM   1290 O OD2 . ASP A 1 159 ? 6.915   20.259  1.727   1.00 41.52 ? 159 ASP E OD2 1 
ATOM   1291 N N   . ALA A 1 160 ? 5.531   15.655  -1.127  1.00 19.72 ? 160 ALA E N   1 
ATOM   1292 C CA  . ALA A 1 160 ? 5.960   14.730  -2.162  1.00 14.55 ? 160 ALA E CA  1 
ATOM   1293 C C   . ALA A 1 160 ? 4.902   14.381  -3.213  1.00 21.06 ? 160 ALA E C   1 
ATOM   1294 O O   . ALA A 1 160 ? 5.232   13.844  -4.281  1.00 20.84 ? 160 ALA E O   1 
ATOM   1295 C CB  . ALA A 1 160 ? 6.514   13.472  -1.514  1.00 19.89 ? 160 ALA E CB  1 
ATOM   1296 N N   . TYR A 1 161 ? 3.632   14.671  -2.888  1.00 14.53 ? 161 TYR E N   1 
ATOM   1297 C CA  . TYR A 1 161 ? 2.462   14.421  -3.693  1.00 16.63 ? 161 TYR E CA  1 
ATOM   1298 C C   . TYR A 1 161 ? 1.993   15.617  -4.516  1.00 30.25 ? 161 TYR E C   1 
ATOM   1299 O O   . TYR A 1 161 ? 1.262   15.446  -5.479  1.00 27.38 ? 161 TYR E O   1 
ATOM   1300 C CB  . TYR A 1 161 ? 1.303   13.889  -2.816  1.00 13.91 ? 161 TYR E CB  1 
ATOM   1301 C CG  . TYR A 1 161 ? 1.725   12.507  -2.399  1.00 16.13 ? 161 TYR E CG  1 
ATOM   1302 C CD1 . TYR A 1 161 ? 2.524   12.327  -1.271  1.00 10.58 ? 161 TYR E CD1 1 
ATOM   1303 C CD2 . TYR A 1 161 ? 1.399   11.416  -3.210  1.00 21.01 ? 161 TYR E CD2 1 
ATOM   1304 C CE1 . TYR A 1 161 ? 2.967   11.064  -0.899  1.00 14.13 ? 161 TYR E CE1 1 
ATOM   1305 C CE2 . TYR A 1 161 ? 1.853   10.138  -2.873  1.00 15.33 ? 161 TYR E CE2 1 
ATOM   1306 C CZ  . TYR A 1 161 ? 2.628   9.993   -1.718  1.00 12.94 ? 161 TYR E CZ  1 
ATOM   1307 O OH  . TYR A 1 161 ? 3.044   8.755   -1.360  1.00 13.31 ? 161 TYR E OH  1 
ATOM   1308 N N   . LYS A 1 162 ? 2.412   16.809  -4.111  1.00 37.50 ? 162 LYS E N   1 
ATOM   1309 C CA  . LYS A 1 162 ? 2.109   18.108  -4.716  1.00 43.73 ? 162 LYS E CA  1 
ATOM   1310 C C   . LYS A 1 162 ? 2.978   18.484  -5.912  1.00 37.32 ? 162 LYS E C   1 
ATOM   1311 O O   . LYS A 1 162 ? 2.452   19.255  -6.763  1.00 38.14 ? 162 LYS E O   1 
ATOM   1312 C CB  . LYS A 1 162 ? 2.280   19.191  -3.667  1.00 40.25 ? 162 LYS E CB  1 
ATOM   1313 C CG  . LYS A 1 162 ? 0.956   19.777  -3.259  1.00 52.18 ? 162 LYS E CG  1 
ATOM   1314 C CD  . LYS A 1 162 ? 0.169   18.854  -2.349  1.00 49.86 ? 162 LYS E CD  1 
ATOM   1315 C CE  . LYS A 1 162 ? -0.326  19.557  -1.093  1.00 63.85 ? 162 LYS E CE  1 
ATOM   1316 N NZ  . LYS A 1 162 ? 0.763   20.203  -0.341  1.00 58.77 ? 162 LYS E NZ  1 
ATOM   1317 N N   . ASN A 1 163 ? 4.159   18.044  -5.954  1.00 38.17 ? 163 ASN E N   1 
ATOM   1318 N N   . ALA B 2 1   ? 4.950   -5.468  -2.664  1.00 11.50 ? 166 ALA S N   1 
ATOM   1319 C CA  . ALA B 2 1   ? 6.267   -5.283  -2.062  1.00 10.04 ? 166 ALA S CA  1 
ATOM   1320 C C   . ALA B 2 1   ? 6.414   -6.060  -0.734  1.00 5.84  ? 166 ALA S C   1 
ATOM   1321 O O   . ALA B 2 1   ? 5.457   -6.657  -0.180  1.00 6.70  ? 166 ALA S O   1 
ATOM   1322 C CB  . ALA B 2 1   ? 6.664   -3.796  -1.890  1.00 8.17  ? 166 ALA S CB  1 
HETATM 1323 N N   . FGA B 2 2   ? 7.656   -5.989  -0.228  1.00 8.06  ? 167 FGA S N   1 
HETATM 1324 C CA  . FGA B 2 2   ? 8.079   -6.591  1.063   1.00 10.24 ? 167 FGA S CA  1 
HETATM 1325 C C   . FGA B 2 2   ? 8.575   -8.021  0.868   1.00 10.46 ? 167 FGA S C   1 
HETATM 1326 O O   . FGA B 2 2   ? 8.569   -8.824  1.806   1.00 13.05 ? 167 FGA S O   1 
HETATM 1327 C CB  . FGA B 2 2   ? 9.217   -5.775  1.711   1.00 4.88  ? 167 FGA S CB  1 
HETATM 1328 C CG  . FGA B 2 2   ? 9.300   -6.117  3.188   1.00 3.53  ? 167 FGA S CG  1 
HETATM 1329 C CD  . FGA B 2 2   ? 10.413  -5.306  3.780   1.00 6.48  ? 167 FGA S CD  1 
HETATM 1330 O OE1 . FGA B 2 2   ? 11.042  -4.572  3.078   1.00 6.31  ? 167 FGA S OE1 1 
HETATM 1331 O OXT . FGA B 2 2   ? 9.011   -8.342  -0.244  1.00 12.93 ? 167 FGA S OXT 1 
HETATM 1332 C C   . API B 2 3   ? 12.965  -5.695  5.426   1.00 10.35 ? 169 API S C   1 
HETATM 1333 C CA  . API B 2 3   ? 11.730  -4.860  5.781   1.00 7.75  ? 169 API S CA  1 
HETATM 1334 C C3  . API B 2 3   ? 11.492  -4.872  7.279   1.00 9.17  ? 169 API S C3  1 
HETATM 1335 C C4  . API B 2 3   ? 12.678  -4.470  8.133   1.00 6.31  ? 169 API S C4  1 
HETATM 1336 C C5  . API B 2 3   ? 13.085  -3.064  7.855   1.00 8.50  ? 169 API S C5  1 
HETATM 1337 C C6  . API B 2 3   ? 14.044  -2.493  8.915   1.00 8.62  ? 169 API S C6  1 
HETATM 1338 C C7  . API B 2 3   ? 13.297  -2.023  10.145  1.00 12.75 ? 169 API S C7  1 
HETATM 1339 O OXT . API B 2 3   ? 13.981  -5.168  5.069   1.00 9.33  ? 169 API S OXT 1 
HETATM 1340 O O3  . API B 2 3   ? 13.357  -2.816  11.179  1.00 8.49  ? 169 API S O3  1 
HETATM 1341 O O4  . API B 2 3   ? 12.692  -0.970  10.207  1.00 13.44 ? 169 API S O4  1 
HETATM 1342 N N   . API B 2 3   ? 10.630  -5.462  5.052   1.00 8.24  ? 169 API S N   1 
HETATM 1343 N N6  . API B 2 3   ? 14.643  -1.201  8.412   1.00 5.99  ? 169 API S N6  1 
HETATM 1344 N N   . DAL B 2 4   ? 12.861  -7.000  5.433   1.00 8.63  ? 170 DAL S N   1 
HETATM 1345 C CA  . DAL B 2 4   ? 13.979  -7.850  5.097   1.00 24.17 ? 170 DAL S CA  1 
HETATM 1346 C CB  . DAL B 2 4   ? 13.581  -9.205  4.483   1.00 30.20 ? 170 DAL S CB  1 
HETATM 1347 C C   . DAL B 2 4   ? 14.830  -8.072  6.311   1.00 32.54 ? 170 DAL S C   1 
HETATM 1348 O O   . DAL B 2 4   ? 14.350  -7.786  7.432   1.00 27.41 ? 170 DAL S O   1 
HETATM 1349 O OXT . DAL B 2 4   ? 15.968  -8.493  6.104   1.00 18.81 ? 170 DAL S OXT 1 
HETATM 1350 C C1  . MUB C 3 .   ? 1.190   -3.543  -6.149  1.00 9.35  ? 1   MUB A C1  1 
HETATM 1351 C C2  . MUB C 3 .   ? 2.207   -4.372  -5.352  1.00 9.65  ? 1   MUB A C2  1 
HETATM 1352 C C3  . MUB C 3 .   ? 1.301   -5.331  -4.570  1.00 8.55  ? 1   MUB A C3  1 
HETATM 1353 C C4  . MUB C 3 .   ? 0.450   -4.491  -3.657  1.00 5.51  ? 1   MUB A C4  1 
HETATM 1354 C C5  . MUB C 3 .   ? -0.543  -3.663  -4.480  1.00 7.36  ? 1   MUB A C5  1 
HETATM 1355 C C6  . MUB C 3 .   ? -1.292  -2.738  -3.545  1.00 5.72  ? 1   MUB A C6  1 
HETATM 1356 C C7  . MUB C 3 .   ? 4.506   -3.770  -5.853  1.00 12.78 ? 1   MUB A C7  1 
HETATM 1357 C C8  . MUB C 3 .   ? 5.757   -4.242  -6.455  1.00 5.31  ? 1   MUB A C8  1 
HETATM 1358 C C9  . MUB C 3 .   ? 3.320   -6.639  -4.102  1.00 9.39  ? 1   MUB A C9  1 
HETATM 1359 C C10 . MUB C 3 .   ? 4.667   -6.489  -3.502  1.00 12.75 ? 1   MUB A C10 1 
HETATM 1360 C C11 . MUB C 3 .   ? 2.689   -8.007  -3.823  1.00 3.05  ? 1   MUB A C11 1 
HETATM 1361 O O3  . MUB C 3 .   ? 2.390   -5.643  -3.682  1.00 7.07  ? 1   MUB A O3  1 
HETATM 1362 O O4  . MUB C 3 .   ? -0.459  -5.569  -3.270  1.00 7.12  ? 1   MUB A O4  1 
HETATM 1363 O O5  . MUB C 3 .   ? -0.036  -2.998  -5.676  1.00 7.44  ? 1   MUB A O5  1 
HETATM 1364 O O6  . MUB C 3 .   ? -0.163  -1.896  -3.427  1.00 4.10  ? 1   MUB A O6  1 
HETATM 1365 O O7  . MUB C 3 .   ? 4.446   -2.742  -5.100  1.00 10.10 ? 1   MUB A O7  1 
HETATM 1366 O O10 . MUB C 3 .   ? 5.521   -7.331  -3.832  1.00 13.97 ? 1   MUB A O10 1 
HETATM 1367 N N2  . MUB C 3 .   ? 3.358   -4.329  -6.224  1.00 9.42  ? 1   MUB A N2  1 
HETATM 1368 C C1  . NAG C 3 .   ? -0.375  -5.674  -1.883  1.00 8.40  ? 2   NAG A C1  1 
HETATM 1369 C C2  . NAG C 3 .   ? -1.766  -6.057  -1.346  1.00 9.95  ? 2   NAG A C2  1 
HETATM 1370 C C3  . NAG C 3 .   ? -1.729  -6.504  0.105   1.00 8.02  ? 2   NAG A C3  1 
HETATM 1371 C C4  . NAG C 3 .   ? -0.702  -7.624  0.176   1.00 12.51 ? 2   NAG A C4  1 
HETATM 1372 C C5  . NAG C 3 .   ? 0.621   -7.014  -0.292  1.00 6.32  ? 2   NAG A C5  1 
HETATM 1373 C C6  . NAG C 3 .   ? 1.898   -7.812  -0.125  1.00 16.08 ? 2   NAG A C6  1 
HETATM 1374 C C7  . NAG C 3 .   ? -3.754  -5.028  -2.299  1.00 13.73 ? 2   NAG A C7  1 
HETATM 1375 C C8  . NAG C 3 .   ? -4.610  -3.814  -2.266  1.00 8.71  ? 2   NAG A C8  1 
HETATM 1376 N N2  . NAG C 3 .   ? -2.687  -4.967  -1.526  1.00 7.22  ? 2   NAG A N2  1 
HETATM 1377 O O3  . NAG C 3 .   ? -3.010  -7.050  0.403   1.00 11.78 ? 2   NAG A O3  1 
HETATM 1378 O O4  . NAG C 3 .   ? -0.607  -8.079  1.509   1.00 11.96 ? 2   NAG A O4  1 
HETATM 1379 O O5  . NAG C 3 .   ? 0.508   -6.748  -1.676  1.00 9.13  ? 2   NAG A O5  1 
HETATM 1380 O O6  . NAG C 3 .   ? 1.516   -9.160  -0.247  1.00 20.15 ? 2   NAG A O6  1 
HETATM 1381 O O7  . NAG C 3 .   ? -4.025  -6.019  -2.954  1.00 13.10 ? 2   NAG A O7  1 
HETATM 1382 C C1  . BME D 4 .   ? -7.428  8.559   7.961   1.00 26.58 ? 174 BME E C1  1 
HETATM 1383 C C2  . BME D 4 .   ? -8.890  9.092   7.920   1.00 53.32 ? 174 BME E C2  1 
HETATM 1384 O O1  . BME D 4 .   ? -6.492  9.642   8.117   1.00 36.57 ? 174 BME E O1  1 
HETATM 1385 S S2  . BME D 4 .   ? -9.652  8.989   6.277   1.00 68.58 ? 174 BME E S2  1 
HETATM 1386 O O   . HOH E 5 .   ? 12.746  -0.890  -9.227  1.00 44.89 ? 175 HOH E O   1 
HETATM 1387 O O   . HOH E 5 .   ? 4.946   14.227  1.114   1.00 18.14 ? 176 HOH E O   1 
HETATM 1388 O O   . HOH E 5 .   ? -4.803  17.870  14.794  1.00 9.23  ? 177 HOH E O   1 
HETATM 1389 O O   . HOH E 5 .   ? -10.269 -13.615 -4.781  1.00 53.40 ? 178 HOH E O   1 
HETATM 1390 O O   . HOH E 5 .   ? -8.939  -1.300  -7.651  1.00 13.16 ? 179 HOH E O   1 
HETATM 1391 O O   . HOH E 5 .   ? 9.949   10.364  -5.296  1.00 42.65 ? 180 HOH E O   1 
HETATM 1392 O O   . HOH E 5 .   ? -2.648  12.464  16.874  1.00 32.88 ? 181 HOH E O   1 
HETATM 1393 O O   . HOH E 5 .   ? -15.439 0.613   1.482   1.00 51.16 ? 183 HOH E O   1 
HETATM 1394 O O   . HOH E 5 .   ? -18.651 1.514   -14.670 1.00 19.32 ? 184 HOH E O   1 
HETATM 1395 O O   . HOH E 5 .   ? -16.816 -1.494  1.416   1.00 49.44 ? 185 HOH E O   1 
HETATM 1396 O O   . HOH E 5 .   ? -15.763 6.806   -4.566  1.00 38.45 ? 186 HOH E O   1 
HETATM 1397 O O   . HOH E 5 .   ? -7.880  17.295  -3.606  1.00 51.68 ? 187 HOH E O   1 
HETATM 1398 O O   . HOH E 5 .   ? 16.149  -5.899  -3.504  1.00 38.55 ? 188 HOH E O   1 
HETATM 1399 O O   . HOH E 5 .   ? -7.847  -1.583  -5.179  1.00 10.43 ? 189 HOH E O   1 
HETATM 1400 O O   . HOH E 5 .   ? 3.381   -13.331 -11.531 1.00 33.73 ? 191 HOH E O   1 
HETATM 1401 O O   . HOH E 5 .   ? 7.941   -9.090  -14.305 1.00 46.86 ? 192 HOH E O   1 
HETATM 1402 O O   . HOH E 5 .   ? -0.231  5.631   20.824  1.00 31.79 ? 193 HOH E O   1 
HETATM 1403 O O   . HOH E 5 .   ? 16.331  11.742  7.402   1.00 26.17 ? 194 HOH E O   1 
HETATM 1404 O O   . HOH E 5 .   ? -6.188  10.144  5.045   1.00 17.60 ? 195 HOH E O   1 
HETATM 1405 O O   . HOH E 5 .   ? -16.419 -10.103 -18.965 1.00 43.77 ? 196 HOH E O   1 
HETATM 1406 O O   . HOH E 5 .   ? 8.368   -7.133  6.429   1.00 1.68  ? 197 HOH E O   1 
HETATM 1407 O O   . HOH E 5 .   ? 3.080   -13.923 0.135   1.00 32.35 ? 200 HOH E O   1 
HETATM 1408 O O   . HOH E 5 .   ? -11.747 -8.026  2.619   1.00 57.14 ? 202 HOH E O   1 
HETATM 1409 O O   . HOH E 5 .   ? -14.541 6.659   -1.404  1.00 50.82 ? 203 HOH E O   1 
HETATM 1410 O O   . HOH E 5 .   ? -0.401  -0.343  -9.273  1.00 17.67 ? 204 HOH E O   1 
HETATM 1411 O O   . HOH E 5 .   ? 1.714   -9.000  4.922   1.00 14.30 ? 206 HOH E O   1 
HETATM 1412 O O   . HOH E 5 .   ? 3.877   2.322   0.675   1.00 8.24  ? 208 HOH E O   1 
HETATM 1413 O O   . HOH E 5 .   ? 11.990  -5.185  -11.271 1.00 49.34 ? 209 HOH E O   1 
HETATM 1414 O O   . HOH E 5 .   ? 8.223   11.370  -6.685  1.00 32.82 ? 211 HOH E O   1 
HETATM 1415 O O   . HOH E 5 .   ? 2.777   13.718  14.918  1.00 15.95 ? 213 HOH E O   1 
HETATM 1416 O O   . HOH E 5 .   ? 4.568   9.837   20.451  1.00 36.83 ? 214 HOH E O   1 
HETATM 1417 O O   . HOH E 5 .   ? -14.620 -7.149  8.121   1.00 30.93 ? 215 HOH E O   1 
HETATM 1418 O O   . HOH E 5 .   ? 11.265  17.241  13.283  1.00 49.93 ? 217 HOH E O   1 
HETATM 1419 O O   . HOH E 5 .   ? -9.711  14.738  3.279   1.00 19.76 ? 223 HOH E O   1 
HETATM 1420 O O   . HOH E 5 .   ? -6.398  5.535   16.007  0.50 3.62  ? 226 HOH E O   1 
HETATM 1421 O O   . HOH E 5 .   ? 2.399   -0.810  -10.564 1.00 36.17 ? 229 HOH E O   1 
HETATM 1422 O O   . HOH E 5 .   ? 12.896  14.398  13.138  1.00 43.51 ? 235 HOH E O   1 
HETATM 1423 O O   . HOH E 5 .   ? 2.950   -1.929  -13.757 1.00 39.93 ? 236 HOH E O   1 
HETATM 1424 O O   . HOH E 5 .   ? 11.351  16.335  9.790   1.00 36.70 ? 238 HOH E O   1 
HETATM 1425 O O   . HOH E 5 .   ? -16.488 8.619   -2.700  1.00 45.49 ? 240 HOH E O   1 
HETATM 1426 O O   . HOH E 5 .   ? -8.314  -9.683  5.682   1.00 38.46 ? 242 HOH E O   1 
HETATM 1427 O O   . HOH E 5 .   ? -8.995  11.479  -7.526  1.00 58.36 ? 244 HOH E O   1 
HETATM 1428 O O   . HOH E 5 .   ? 4.275   13.251  -7.894  1.00 34.65 ? 245 HOH E O   1 
HETATM 1429 O O   . HOH E 5 .   ? 2.450   -3.756  -16.562 1.00 55.23 ? 247 HOH E O   1 
HETATM 1430 O O   . HOH E 5 .   ? 14.776  8.215   1.263   1.00 23.57 ? 249 HOH E O   1 
HETATM 1431 O O   . HOH E 5 .   ? 18.540  6.718   3.052   1.00 44.17 ? 250 HOH E O   1 
HETATM 1432 O O   . HOH E 5 .   ? 19.058  4.048   5.227   1.00 33.72 ? 251 HOH E O   1 
HETATM 1433 O O   . HOH E 5 .   ? 4.891   -1.114  17.950  1.00 27.55 ? 253 HOH E O   1 
HETATM 1434 O O   . HOH E 5 .   ? -0.499  -9.314  5.736   1.00 14.96 ? 254 HOH E O   1 
HETATM 1435 O O   . HOH E 5 .   ? -3.931  -6.604  21.239  1.00 48.43 ? 256 HOH E O   1 
HETATM 1436 O O   . HOH E 5 .   ? -3.384  -8.181  -19.657 1.00 32.72 ? 258 HOH E O   1 
HETATM 1437 O O   . HOH E 5 .   ? 2.043   3.119   -10.447 1.00 35.59 ? 263 HOH E O   1 
HETATM 1438 O O   . HOH E 5 .   ? -3.032  -7.360  5.959   1.00 37.73 ? 265 HOH E O   1 
HETATM 1439 O O   . HOH E 5 .   ? -1.726  -2.877  21.319  1.00 40.57 ? 268 HOH E O   1 
HETATM 1440 O O   . HOH E 5 .   ? -9.060  13.008  5.863   1.00 25.41 ? 273 HOH E O   1 
HETATM 1441 O O   . HOH E 5 .   ? -5.267  -3.920  1.613   1.00 16.22 ? 274 HOH E O   1 
HETATM 1442 O O   . HOH E 5 .   ? 4.715   -8.054  2.421   1.00 16.09 ? 275 HOH E O   1 
HETATM 1443 O O   . HOH E 5 .   ? 7.797   -5.877  14.919  1.00 36.70 ? 276 HOH E O   1 
HETATM 1444 O O   . HOH E 5 .   ? -5.710  -8.153  -3.278  1.00 21.70 ? 280 HOH E O   1 
HETATM 1445 O O   . HOH E 5 .   ? -8.423  10.183  -9.825  1.00 59.48 ? 283 HOH E O   1 
HETATM 1446 O O   . HOH E 5 .   ? 0.531   5.193   -12.506 1.00 58.08 ? 285 HOH E O   1 
HETATM 1447 O O   . HOH E 5 .   ? -2.744  -8.563  12.281  1.00 21.11 ? 289 HOH E O   1 
HETATM 1448 O O   . HOH E 5 .   ? 4.474   9.172   17.102  1.00 11.70 ? 290 HOH E O   1 
HETATM 1449 O O   . HOH E 5 .   ? 13.136  14.557  15.946  1.00 59.75 ? 293 HOH E O   1 
HETATM 1450 O O   . HOH E 5 .   ? -3.498  -4.531  3.022   1.00 25.80 ? 299 HOH E O   1 
HETATM 1451 O O   . HOH E 5 .   ? 21.758  1.694   -1.390  1.00 30.03 ? 300 HOH E O   1 
HETATM 1452 O O   . HOH E 5 .   ? 3.955   -1.323  20.034  1.00 50.39 ? 301 HOH E O   1 
HETATM 1453 O O   . HOH E 5 .   ? -1.015  11.523  19.800  1.00 62.75 ? 302 HOH E O   1 
HETATM 1454 O O   . HOH E 5 .   ? 9.734   -3.712  -8.341  1.00 15.71 ? 303 HOH E O   1 
HETATM 1455 O O   . HOH E 5 .   ? 4.544   -1.640  -9.106  1.00 16.25 ? 304 HOH E O   1 
HETATM 1456 O O   . HOH E 5 .   ? 15.163  11.499  14.230  1.00 22.71 ? 311 HOH E O   1 
HETATM 1457 O O   . HOH E 5 .   ? 14.670  8.357   -10.310 1.00 57.55 ? 316 HOH E O   1 
HETATM 1458 O O   . HOH E 5 .   ? -15.949 1.488   -17.087 1.00 42.86 ? 317 HOH E O   1 
HETATM 1459 O O   . HOH E 5 .   ? -17.645 -0.043  -0.159  1.00 34.38 ? 320 HOH E O   1 
HETATM 1460 O O   . HOH E 5 .   ? 13.932  -3.948  -7.880  1.00 46.40 ? 321 HOH E O   1 
HETATM 1461 O O   . HOH E 5 .   ? -10.141 -8.619  7.038   1.00 33.19 ? 326 HOH E O   1 
HETATM 1462 O O   . HOH E 5 .   ? -4.619  12.006  5.953   1.00 31.96 ? 329 HOH E O   1 
HETATM 1463 O O   . HOH E 5 .   ? -0.712  -12.019 6.739   1.00 29.62 ? 330 HOH E O   1 
HETATM 1464 O O   . HOH E 5 .   ? -16.728 -1.877  -24.431 1.00 36.36 ? 332 HOH E O   1 
HETATM 1465 O O   . HOH E 5 .   ? -15.047 -14.261 -19.856 1.00 37.56 ? 333 HOH E O   1 
HETATM 1466 O O   . HOH E 5 .   ? -7.812  -10.740 -5.643  1.00 38.01 ? 334 HOH E O   1 
HETATM 1467 O O   . HOH E 5 .   ? -8.337  6.455   11.682  0.50 2.47  ? 376 HOH E O   1 
HETATM 1468 O O   . HOH E 5 .   ? 15.945  9.850   -1.297  1.00 61.37 ? 377 HOH E O   1 
HETATM 1469 O O   . HOH E 5 .   ? -3.844  -21.449 -13.640 1.00 48.00 ? 378 HOH E O   1 
HETATM 1470 O O   . HOH E 5 .   ? -15.806 -7.902  -18.665 1.00 23.50 ? 379 HOH E O   1 
HETATM 1471 O O   . HOH E 5 .   ? 4.400   -11.482 8.286   1.00 57.82 ? 381 HOH E O   1 
HETATM 1472 O O   . HOH E 5 .   ? 19.484  0.892   -3.354  1.00 55.76 ? 391 HOH E O   1 
HETATM 1473 O O   . HOH E 5 .   ? -2.804  15.494  13.342  1.00 28.67 ? 394 HOH E O   1 
HETATM 1474 O O   . HOH E 5 .   ? 11.907  -8.124  10.368  1.00 35.38 ? 397 HOH E O   1 
HETATM 1475 O O   . HOH E 5 .   ? 5.109   -9.771  10.931  1.00 37.56 ? 398 HOH E O   1 
HETATM 1476 O O   . HOH E 5 .   ? 14.121  -14.073 -0.875  1.00 39.73 ? 403 HOH E O   1 
HETATM 1477 O O   . HOH E 5 .   ? 17.837  10.142  21.109  1.00 54.22 ? 407 HOH E O   1 
HETATM 1478 O O   . HOH E 5 .   ? -6.975  -8.527  -19.709 1.00 42.28 ? 434 HOH E O   1 
HETATM 1479 O O   . HOH E 5 .   ? -4.020  -18.221 -3.867  1.00 47.91 ? 435 HOH E O   1 
HETATM 1480 O O   . HOH E 5 .   ? 7.781   21.338  4.097   1.00 64.59 ? 436 HOH E O   1 
HETATM 1481 O O   . HOH E 5 .   ? 4.664   3.523   -2.591  0.50 10.66 ? 441 HOH E O   1 
HETATM 1482 O O   . HOH E 5 .   ? 3.231   2.247   -3.828  0.50 12.48 ? 442 HOH E O   1 
HETATM 1483 O O   . HOH E 5 .   ? 1.475   2.483   -2.383  0.50 8.38  ? 443 HOH E O   1 
HETATM 1484 O O   . HOH E 5 .   ? 9.166   2.998   -7.300  0.50 11.68 ? 444 HOH E O   1 
HETATM 1485 O O   . HOH E 5 .   ? 9.528   1.681   -9.217  0.50 17.44 ? 445 HOH E O   1 
HETATM 1486 O O   . HOH E 5 .   ? 12.182  2.687   -9.867  0.50 17.34 ? 446 HOH E O   1 
HETATM 1487 O O   . HOH E 5 .   ? -12.610 -4.526  3.315   1.00 24.52 ? 451 HOH E O   1 
HETATM 1488 O O   . HOH E 5 .   ? 14.385  17.787  11.532  1.00 53.76 ? 453 HOH E O   1 
HETATM 1489 O O   . HOH E 5 .   ? -1.005  -15.592 -4.489  1.00 31.61 ? 454 HOH E O   1 
HETATM 1490 O O   . HOH E 5 .   ? 4.955   -9.847  -1.137  1.00 26.11 ? 455 HOH E O   1 
HETATM 1491 O O   . HOH E 5 .   ? 17.304  11.797  17.996  1.00 34.34 ? 457 HOH E O   1 
HETATM 1492 O O   . HOH E 5 .   ? 8.487   -12.718 -9.757  1.00 41.09 ? 473 HOH E O   1 
HETATM 1493 O O   . HOH E 5 .   ? -10.847 -6.646  -1.725  1.00 44.61 ? 477 HOH E O   1 
HETATM 1494 O O   . HOH E 5 .   ? 10.721  -10.926 -12.054 1.00 55.72 ? 478 HOH E O   1 
HETATM 1495 O O   . HOH E 5 .   ? 0.687   16.473  9.565   1.00 25.96 ? 488 HOH E O   1 
HETATM 1496 O O   . HOH E 5 .   ? -5.965  11.630  -6.700  1.00 34.14 ? 489 HOH E O   1 
HETATM 1497 O O   . HOH E 5 .   ? -2.402  0.403   -12.343 1.00 24.83 ? 490 HOH E O   1 
HETATM 1498 O O   . HOH E 5 .   ? 18.750  1.452   0.941   1.00 25.04 ? 491 HOH E O   1 
HETATM 1499 O O   . HOH E 5 .   ? 2.759   -10.995 3.623   1.00 44.76 ? 493 HOH E O   1 
HETATM 1500 O O   . HOH E 5 .   ? -7.430  9.684   10.529  1.00 32.16 ? 495 HOH E O   1 
HETATM 1501 O O   . HOH E 5 .   ? -6.367  -8.115  4.584   1.00 30.01 ? 497 HOH E O   1 
HETATM 1502 O O   . HOH E 5 .   ? -6.207  14.399  5.575   1.00 46.56 ? 512 HOH E O   1 
HETATM 1503 O O   . HOH E 5 .   ? 10.959  -10.279 -8.427  1.00 39.91 ? 513 HOH E O   1 
HETATM 1504 O O   . HOH E 5 .   ? 6.322   -5.559  -15.168 1.00 54.90 ? 514 HOH E O   1 
HETATM 1505 O O   . HOH E 5 .   ? -17.388 -12.782 -20.176 1.00 35.57 ? 515 HOH E O   1 
HETATM 1506 O O   . HOH E 5 .   ? 16.053  8.051   18.519  1.00 39.60 ? 517 HOH E O   1 
HETATM 1507 O O   . HOH E 5 .   ? -8.733  -17.123 -4.113  1.00 51.80 ? 532 HOH E O   1 
HETATM 1508 O O   . HOH E 5 .   ? 12.850  -13.104 -7.336  1.00 62.39 ? 533 HOH E O   1 
HETATM 1509 O O   . HOH E 5 .   ? 9.995   -9.488  6.102   1.00 63.36 ? 534 HOH E O   1 
HETATM 1510 O O   . HOH E 5 .   ? 5.544   20.918  -4.299  1.00 54.54 ? 537 HOH E O   1 
HETATM 1511 O O   . HOH E 5 .   ? -11.215 -14.564 -16.992 1.00 62.52 ? 538 HOH E O   1 
HETATM 1512 O O   . HOH E 5 .   ? 12.377  -8.565  -6.197  1.00 46.57 ? 542 HOH E O   1 
HETATM 1513 O O   . HOH F 5 .   ? -4.094  -9.764  -0.789  1.00 25.23 ? 182 HOH S O   1 
HETATM 1514 O O   . HOH F 5 .   ? 14.598  -5.418  11.467  1.00 26.55 ? 190 HOH S O   1 
HETATM 1515 O O   . HOH F 5 .   ? 3.003   -0.590  -6.672  1.00 18.12 ? 207 HOH S O   1 
HETATM 1516 O O   . HOH F 5 .   ? 17.248  -13.940 10.629  1.00 37.17 ? 212 HOH S O   1 
HETATM 1517 O O   . HOH F 5 .   ? 7.109   -8.697  3.971   1.00 18.32 ? 225 HOH S O   1 
HETATM 1518 O O   . HOH F 5 .   ? -2.039  -11.690 3.172   1.00 61.70 ? 239 HOH S O   1 
HETATM 1519 O O   . HOH F 5 .   ? 11.078  -9.428  2.958   1.00 60.70 ? 270 HOH S O   1 
HETATM 1520 O O   . HOH F 5 .   ? -2.516  -8.803  4.201   1.00 20.46 ? 281 HOH S O   1 
HETATM 1521 O O   . HOH F 5 .   ? 7.726   -11.656 1.097   1.00 35.20 ? 306 HOH S O   1 
HETATM 1522 O O   . HOH F 5 .   ? 16.514  -0.507  10.229  1.00 10.76 ? 324 HOH S O   1 
HETATM 1523 O O   . HOH F 5 .   ? 7.446   -8.978  -2.799  1.00 19.46 ? 456 HOH S O   1 
HETATM 1524 O O   . HOH F 5 .   ? -6.104  -6.176  0.400   1.00 36.82 ? 496 HOH S O   1 
HETATM 1525 O O   . HOH F 5 .   ? 13.657  -11.982 4.154   1.00 54.60 ? 498 HOH S O   1 
# 
loop_
_pdbx_poly_seq_scheme.asym_id 
_pdbx_poly_seq_scheme.entity_id 
_pdbx_poly_seq_scheme.seq_id 
_pdbx_poly_seq_scheme.mon_id 
_pdbx_poly_seq_scheme.ndb_seq_num 
_pdbx_poly_seq_scheme.pdb_seq_num 
_pdbx_poly_seq_scheme.auth_seq_num 
_pdbx_poly_seq_scheme.pdb_mon_id 
_pdbx_poly_seq_scheme.auth_mon_id 
_pdbx_poly_seq_scheme.pdb_strand_id 
_pdbx_poly_seq_scheme.pdb_ins_code 
_pdbx_poly_seq_scheme.hetero 
A 1 1   MET 1   1   1   MET MET E . n 
A 1 2   ASN 2   2   2   ASN ASN E . n 
A 1 3   ILE 3   3   3   ILE ILE E . n 
A 1 4   PHE 4   4   4   PHE PHE E . n 
A 1 5   GLU 5   5   5   GLU GLU E . n 
A 1 6   MET 6   6   6   MET MET E . n 
A 1 7   LEU 7   7   7   LEU LEU E . n 
A 1 8   ARG 8   8   8   ARG ARG E . n 
A 1 9   ILE 9   9   9   ILE ILE E . n 
A 1 10  ASP 10  10  10  ASP ASP E . n 
A 1 11  GLU 11  11  11  GLU GLU E . n 
A 1 12  GLY 12  12  12  GLY GLY E . n 
A 1 13  LEU 13  13  13  LEU LEU E . n 
A 1 14  ARG 14  14  14  ARG ARG E . n 
A 1 15  LEU 15  15  15  LEU LEU E . n 
A 1 16  LYS 16  16  16  LYS LYS E . n 
A 1 17  ILE 17  17  17  ILE ILE E . n 
A 1 18  TYR 18  18  18  TYR TYR E . n 
A 1 19  LYS 19  19  19  LYS LYS E . n 
A 1 20  ASP 20  20  20  ASP ASP E . n 
A 1 21  THR 21  21  21  THR THR E . n 
A 1 22  GLU 22  22  22  GLU GLU E . n 
A 1 23  GLY 23  23  23  GLY GLY E . n 
A 1 24  TYR 24  24  24  TYR TYR E . n 
A 1 25  TYR 25  25  25  TYR TYR E . n 
A 1 26  GLU 26  26  26  GLU GLU E . n 
A 1 27  ILE 27  27  27  ILE ILE E . n 
A 1 28  GLY 28  28  28  GLY GLY E . n 
A 1 29  ILE 29  29  29  ILE ILE E . n 
A 1 30  GLY 30  30  30  GLY GLY E . n 
A 1 31  HIS 31  31  31  HIS HIS E . n 
A 1 32  LEU 32  32  32  LEU LEU E . n 
A 1 33  LEU 33  33  33  LEU LEU E . n 
A 1 34  THR 34  34  34  THR THR E . n 
A 1 35  LYS 35  35  35  LYS LYS E . n 
A 1 36  SER 36  36  36  SER SER E . n 
A 1 37  PRO 37  37  37  PRO PRO E . n 
A 1 38  SER 38  38  38  SER SER E . n 
A 1 39  LEU 39  39  39  LEU LEU E . n 
A 1 40  ASN 40  40  40  ASN ASN E . n 
A 1 41  ALA 41  41  41  ALA ALA E . n 
A 1 42  ALA 42  42  42  ALA ALA E . n 
A 1 43  LYS 43  43  43  LYS LYS E . n 
A 1 44  SER 44  44  44  SER SER E . n 
A 1 45  GLU 45  45  45  GLU GLU E . n 
A 1 46  LEU 46  46  46  LEU LEU E . n 
A 1 47  ASP 47  47  47  ASP ASP E . n 
A 1 48  LYS 48  48  48  LYS LYS E . n 
A 1 49  ALA 49  49  49  ALA ALA E . n 
A 1 50  ILE 50  50  50  ILE ILE E . n 
A 1 51  GLY 51  51  51  GLY GLY E . n 
A 1 52  ARG 52  52  52  ARG ARG E . n 
A 1 53  ASN 53  53  53  ASN ASN E . n 
A 1 54  THR 54  54  54  THR THR E . n 
A 1 55  ASN 55  55  55  ASN ASN E . n 
A 1 56  GLY 56  56  56  GLY GLY E . n 
A 1 57  VAL 57  57  57  VAL VAL E . n 
A 1 58  ILE 58  58  58  ILE ILE E . n 
A 1 59  THR 59  59  59  THR THR E . n 
A 1 60  LYS 60  60  60  LYS LYS E . n 
A 1 61  ASP 61  61  61  ASP ASP E . n 
A 1 62  GLU 62  62  62  GLU GLU E . n 
A 1 63  ALA 63  63  63  ALA ALA E . n 
A 1 64  GLU 64  64  64  GLU GLU E . n 
A 1 65  LYS 65  65  65  LYS LYS E . n 
A 1 66  LEU 66  66  66  LEU LEU E . n 
A 1 67  PHE 67  67  67  PHE PHE E . n 
A 1 68  ASN 68  68  68  ASN ASN E . n 
A 1 69  GLN 69  69  69  GLN GLN E . n 
A 1 70  ASP 70  70  70  ASP ASP E . n 
A 1 71  VAL 71  71  71  VAL VAL E . n 
A 1 72  ASP 72  72  72  ASP ASP E . n 
A 1 73  ALA 73  73  73  ALA ALA E . n 
A 1 74  ALA 74  74  74  ALA ALA E . n 
A 1 75  VAL 75  75  75  VAL VAL E . n 
A 1 76  ARG 76  76  76  ARG ARG E . n 
A 1 77  GLY 77  77  77  GLY GLY E . n 
A 1 78  ILE 78  78  78  ILE ILE E . n 
A 1 79  LEU 79  79  79  LEU LEU E . n 
A 1 80  ARG 80  80  80  ARG ARG E . n 
A 1 81  ASN 81  81  81  ASN ASN E . n 
A 1 82  ALA 82  82  82  ALA ALA E . n 
A 1 83  LYS 83  83  83  LYS LYS E . n 
A 1 84  LEU 84  84  84  LEU LEU E . n 
A 1 85  LYS 85  85  85  LYS LYS E . n 
A 1 86  PRO 86  86  86  PRO PRO E . n 
A 1 87  VAL 87  87  87  VAL VAL E . n 
A 1 88  TYR 88  88  88  TYR TYR E . n 
A 1 89  ASP 89  89  89  ASP ASP E . n 
A 1 90  SER 90  90  90  SER SER E . n 
A 1 91  LEU 91  91  91  LEU LEU E . n 
A 1 92  ASP 92  92  92  ASP ASP E . n 
A 1 93  ALA 93  93  93  ALA ALA E . n 
A 1 94  VAL 94  94  94  VAL VAL E . n 
A 1 95  ARG 95  95  95  ARG ARG E . n 
A 1 96  ARG 96  96  96  ARG ARG E . n 
A 1 97  ALA 97  97  97  ALA ALA E . n 
A 1 98  ALA 98  98  98  ALA ALA E . n 
A 1 99  LEU 99  99  99  LEU LEU E . n 
A 1 100 ILE 100 100 100 ILE ILE E . n 
A 1 101 ASN 101 101 101 ASN ASN E . n 
A 1 102 MET 102 102 102 MET MET E . n 
A 1 103 VAL 103 103 103 VAL VAL E . n 
A 1 104 PHE 104 104 104 PHE PHE E . n 
A 1 105 GLN 105 105 105 GLN GLN E . n 
A 1 106 MET 106 106 106 MET MET E . n 
A 1 107 GLY 107 107 107 GLY GLY E . n 
A 1 108 GLU 108 108 108 GLU GLU E . n 
A 1 109 THR 109 109 109 THR THR E . n 
A 1 110 GLY 110 110 110 GLY GLY E . n 
A 1 111 VAL 111 111 111 VAL VAL E . n 
A 1 112 ALA 112 112 112 ALA ALA E . n 
A 1 113 GLY 113 113 113 GLY GLY E . n 
A 1 114 PHE 114 114 114 PHE PHE E . n 
A 1 115 THR 115 115 115 THR THR E . n 
A 1 116 ASN 116 116 116 ASN ASN E . n 
A 1 117 SER 117 117 117 SER SER E . n 
A 1 118 LEU 118 118 118 LEU LEU E . n 
A 1 119 ARG 119 119 119 ARG ARG E . n 
A 1 120 MET 120 120 120 MET MET E . n 
A 1 121 LEU 121 121 121 LEU LEU E . n 
A 1 122 GLN 122 122 122 GLN GLN E . n 
A 1 123 GLN 123 123 123 GLN GLN E . n 
A 1 124 LYS 124 124 124 LYS LYS E . n 
A 1 125 ARG 125 125 125 ARG ARG E . n 
A 1 126 TRP 126 126 126 TRP TRP E . n 
A 1 127 ASP 127 127 127 ASP ASP E . n 
A 1 128 GLU 128 128 128 GLU GLU E . n 
A 1 129 ALA 129 129 129 ALA ALA E . n 
A 1 130 ALA 130 130 130 ALA ALA E . n 
A 1 131 VAL 131 131 131 VAL VAL E . n 
A 1 132 ASN 132 132 132 ASN ASN E . n 
A 1 133 LEU 133 133 133 LEU LEU E . n 
A 1 134 ALA 134 134 134 ALA ALA E . n 
A 1 135 LYS 135 135 135 LYS LYS E . n 
A 1 136 SER 136 136 136 SER SER E . n 
A 1 137 ARG 137 137 137 ARG ARG E . n 
A 1 138 TRP 138 138 138 TRP TRP E . n 
A 1 139 TYR 139 139 139 TYR TYR E . n 
A 1 140 ASN 140 140 140 ASN ASN E . n 
A 1 141 GLN 141 141 141 GLN GLN E . n 
A 1 142 THR 142 142 142 THR THR E . n 
A 1 143 PRO 143 143 143 PRO PRO E . n 
A 1 144 ASN 144 144 144 ASN ASN E . n 
A 1 145 ARG 145 145 145 ARG ARG E . n 
A 1 146 ALA 146 146 146 ALA ALA E . n 
A 1 147 LYS 147 147 147 LYS LYS E . n 
A 1 148 ARG 148 148 148 ARG ARG E . n 
A 1 149 VAL 149 149 149 VAL VAL E . n 
A 1 150 ILE 150 150 150 ILE ILE E . n 
A 1 151 THR 151 151 151 THR THR E . n 
A 1 152 THR 152 152 152 THR THR E . n 
A 1 153 PHE 153 153 153 PHE PHE E . n 
A 1 154 ARG 154 154 154 ARG ARG E . n 
A 1 155 THR 155 155 155 THR THR E . n 
A 1 156 GLY 156 156 156 GLY GLY E . n 
A 1 157 THR 157 157 157 THR THR E . n 
A 1 158 TRP 158 158 158 TRP TRP E . n 
A 1 159 ASP 159 159 159 ASP ASP E . n 
A 1 160 ALA 160 160 160 ALA ALA E . n 
A 1 161 TYR 161 161 161 TYR TYR E . n 
A 1 162 LYS 162 162 162 LYS LYS E . n 
A 1 163 ASN 163 163 163 ASN ASN E . n 
A 1 164 LEU 164 164 ?   ?   ?   E . n 
B 2 1   ALA 1   166 166 ALA ALA S . n 
B 2 2   FGA 2   167 167 FGA FGA S . n 
B 2 3   API 3   169 169 API API S . n 
B 2 4   DAL 4   170 170 DAL DAL S . n 
# 
loop_
_pdbx_nonpoly_scheme.asym_id 
_pdbx_nonpoly_scheme.entity_id 
_pdbx_nonpoly_scheme.mon_id 
_pdbx_nonpoly_scheme.ndb_seq_num 
_pdbx_nonpoly_scheme.pdb_seq_num 
_pdbx_nonpoly_scheme.auth_seq_num 
_pdbx_nonpoly_scheme.pdb_mon_id 
_pdbx_nonpoly_scheme.auth_mon_id 
_pdbx_nonpoly_scheme.pdb_strand_id 
_pdbx_nonpoly_scheme.pdb_ins_code 
D 4 BME 1   174 174 BME BME E . 
E 5 HOH 1   175 175 HOH HOH E . 
E 5 HOH 2   176 176 HOH HOH E . 
E 5 HOH 3   177 177 HOH HOH E . 
E 5 HOH 4   178 178 HOH HOH E . 
E 5 HOH 5   179 179 HOH HOH E . 
E 5 HOH 6   180 180 HOH HOH E . 
E 5 HOH 7   181 181 HOH HOH E . 
E 5 HOH 8   183 183 HOH HOH E . 
E 5 HOH 9   184 184 HOH HOH E . 
E 5 HOH 10  185 185 HOH HOH E . 
E 5 HOH 11  186 186 HOH HOH E . 
E 5 HOH 12  187 187 HOH HOH E . 
E 5 HOH 13  188 188 HOH HOH E . 
E 5 HOH 14  189 189 HOH HOH E . 
E 5 HOH 15  191 191 HOH HOH E . 
E 5 HOH 16  192 192 HOH HOH E . 
E 5 HOH 17  193 193 HOH HOH E . 
E 5 HOH 18  194 194 HOH HOH E . 
E 5 HOH 19  195 195 HOH HOH E . 
E 5 HOH 20  196 196 HOH HOH E . 
E 5 HOH 21  197 197 HOH HOH E . 
E 5 HOH 22  200 200 HOH HOH E . 
E 5 HOH 23  202 202 HOH HOH E . 
E 5 HOH 24  203 203 HOH HOH E . 
E 5 HOH 25  204 204 HOH HOH E . 
E 5 HOH 26  206 206 HOH HOH E . 
E 5 HOH 27  208 208 HOH HOH E . 
E 5 HOH 28  209 209 HOH HOH E . 
E 5 HOH 29  211 211 HOH HOH E . 
E 5 HOH 30  213 213 HOH HOH E . 
E 5 HOH 31  214 214 HOH HOH E . 
E 5 HOH 32  215 215 HOH HOH E . 
E 5 HOH 33  217 217 HOH HOH E . 
E 5 HOH 34  223 223 HOH HOH E . 
E 5 HOH 35  226 226 HOH HOH E . 
E 5 HOH 36  229 229 HOH HOH E . 
E 5 HOH 37  235 235 HOH HOH E . 
E 5 HOH 38  236 236 HOH HOH E . 
E 5 HOH 39  238 238 HOH HOH E . 
E 5 HOH 40  240 240 HOH HOH E . 
E 5 HOH 41  242 242 HOH HOH E . 
E 5 HOH 42  244 244 HOH HOH E . 
E 5 HOH 43  245 245 HOH HOH E . 
E 5 HOH 44  247 247 HOH HOH E . 
E 5 HOH 45  249 249 HOH HOH E . 
E 5 HOH 46  250 250 HOH HOH E . 
E 5 HOH 47  251 251 HOH HOH E . 
E 5 HOH 48  253 253 HOH HOH E . 
E 5 HOH 49  254 254 HOH HOH E . 
E 5 HOH 50  256 256 HOH HOH E . 
E 5 HOH 51  258 258 HOH HOH E . 
E 5 HOH 52  263 263 HOH HOH E . 
E 5 HOH 53  265 265 HOH HOH E . 
E 5 HOH 54  268 268 HOH HOH E . 
E 5 HOH 55  273 273 HOH HOH E . 
E 5 HOH 56  274 274 HOH HOH E . 
E 5 HOH 57  275 275 HOH HOH E . 
E 5 HOH 58  276 276 HOH HOH E . 
E 5 HOH 59  280 280 HOH HOH E . 
E 5 HOH 60  283 283 HOH HOH E . 
E 5 HOH 61  285 285 HOH HOH E . 
E 5 HOH 62  289 289 HOH HOH E . 
E 5 HOH 63  290 290 HOH HOH E . 
E 5 HOH 64  293 293 HOH HOH E . 
E 5 HOH 65  299 299 HOH HOH E . 
E 5 HOH 66  300 300 HOH HOH E . 
E 5 HOH 67  301 301 HOH HOH E . 
E 5 HOH 68  302 302 HOH HOH E . 
E 5 HOH 69  303 303 HOH HOH E . 
E 5 HOH 70  304 304 HOH HOH E . 
E 5 HOH 71  311 311 HOH HOH E . 
E 5 HOH 72  316 316 HOH HOH E . 
E 5 HOH 73  317 317 HOH HOH E . 
E 5 HOH 74  320 320 HOH HOH E . 
E 5 HOH 75  321 321 HOH HOH E . 
E 5 HOH 76  326 326 HOH HOH E . 
E 5 HOH 77  329 329 HOH HOH E . 
E 5 HOH 78  330 330 HOH HOH E . 
E 5 HOH 79  332 332 HOH HOH E . 
E 5 HOH 80  333 333 HOH HOH E . 
E 5 HOH 81  334 334 HOH HOH E . 
E 5 HOH 82  376 376 HOH HOH E . 
E 5 HOH 83  377 377 HOH HOH E . 
E 5 HOH 84  378 378 HOH HOH E . 
E 5 HOH 85  379 379 HOH HOH E . 
E 5 HOH 86  381 381 HOH HOH E . 
E 5 HOH 87  391 391 HOH HOH E . 
E 5 HOH 88  394 394 HOH HOH E . 
E 5 HOH 89  397 397 HOH HOH E . 
E 5 HOH 90  398 398 HOH HOH E . 
E 5 HOH 91  403 403 HOH HOH E . 
E 5 HOH 92  407 407 HOH HOH E . 
E 5 HOH 93  434 434 HOH HOH E . 
E 5 HOH 94  435 435 HOH HOH E . 
E 5 HOH 95  436 436 HOH HOH E . 
E 5 HOH 96  441 441 HOH HOH E . 
E 5 HOH 97  442 442 HOH HOH E . 
E 5 HOH 98  443 443 HOH HOH E . 
E 5 HOH 99  444 444 HOH HOH E . 
E 5 HOH 100 445 445 HOH HOH E . 
E 5 HOH 101 446 446 HOH HOH E . 
E 5 HOH 102 451 451 HOH HOH E . 
E 5 HOH 103 453 453 HOH HOH E . 
E 5 HOH 104 454 454 HOH HOH E . 
E 5 HOH 105 455 455 HOH HOH E . 
E 5 HOH 106 457 457 HOH HOH E . 
E 5 HOH 107 473 473 HOH HOH E . 
E 5 HOH 108 477 477 HOH HOH E . 
E 5 HOH 109 478 478 HOH HOH E . 
E 5 HOH 110 488 488 HOH HOH E . 
E 5 HOH 111 489 489 HOH HOH E . 
E 5 HOH 112 490 490 HOH HOH E . 
E 5 HOH 113 491 491 HOH HOH E . 
E 5 HOH 114 493 493 HOH HOH E . 
E 5 HOH 115 495 495 HOH HOH E . 
E 5 HOH 116 497 497 HOH HOH E . 
E 5 HOH 117 512 512 HOH HOH E . 
E 5 HOH 118 513 513 HOH HOH E . 
E 5 HOH 119 514 514 HOH HOH E . 
E 5 HOH 120 515 515 HOH HOH E . 
E 5 HOH 121 517 517 HOH HOH E . 
E 5 HOH 122 532 532 HOH HOH E . 
E 5 HOH 123 533 533 HOH HOH E . 
E 5 HOH 124 534 534 HOH HOH E . 
E 5 HOH 125 537 537 HOH HOH E . 
E 5 HOH 126 538 538 HOH HOH E . 
E 5 HOH 127 542 542 HOH HOH E . 
F 5 HOH 1   182 182 HOH HOH S . 
F 5 HOH 2   190 190 HOH HOH S . 
F 5 HOH 3   207 207 HOH HOH S . 
F 5 HOH 4   212 212 HOH HOH S . 
F 5 HOH 5   225 225 HOH HOH S . 
F 5 HOH 6   239 239 HOH HOH S . 
F 5 HOH 7   270 270 HOH HOH S . 
F 5 HOH 8   281 281 HOH HOH S . 
F 5 HOH 9   306 306 HOH HOH S . 
F 5 HOH 10  324 324 HOH HOH S . 
F 5 HOH 11  456 456 HOH HOH S . 
F 5 HOH 12  496 496 HOH HOH S . 
F 5 HOH 13  498 498 HOH HOH S . 
# 
_pdbx_struct_mod_residue.id               1 
_pdbx_struct_mod_residue.label_asym_id    B 
_pdbx_struct_mod_residue.label_comp_id    API 
_pdbx_struct_mod_residue.label_seq_id     3 
_pdbx_struct_mod_residue.auth_asym_id     S 
_pdbx_struct_mod_residue.auth_comp_id     API 
_pdbx_struct_mod_residue.auth_seq_id      169 
_pdbx_struct_mod_residue.PDB_ins_code     ? 
_pdbx_struct_mod_residue.parent_comp_id   LYS 
_pdbx_struct_mod_residue.details          '2,6-DIAMINOPIMELIC ACID' 
# 
_pdbx_struct_assembly.id                   1 
_pdbx_struct_assembly.details              author_defined_assembly 
_pdbx_struct_assembly.method_details       ? 
_pdbx_struct_assembly.oligomeric_details   dimeric 
_pdbx_struct_assembly.oligomeric_count     2 
# 
_pdbx_struct_assembly_gen.assembly_id       1 
_pdbx_struct_assembly_gen.oper_expression   1 
_pdbx_struct_assembly_gen.asym_id_list      A,B,C,D,E,F 
# 
_pdbx_struct_oper_list.id                   1 
_pdbx_struct_oper_list.type                 'identity operation' 
_pdbx_struct_oper_list.name                 1_555 
_pdbx_struct_oper_list.symmetry_operation   x,y,z 
_pdbx_struct_oper_list.matrix[1][1]         1.0000000000 
_pdbx_struct_oper_list.matrix[1][2]         0.0000000000 
_pdbx_struct_oper_list.matrix[1][3]         0.0000000000 
_pdbx_struct_oper_list.vector[1]            0.0000000000 
_pdbx_struct_oper_list.matrix[2][1]         0.0000000000 
_pdbx_struct_oper_list.matrix[2][2]         1.0000000000 
_pdbx_struct_oper_list.matrix[2][3]         0.0000000000 
_pdbx_struct_oper_list.vector[2]            0.0000000000 
_pdbx_struct_oper_list.matrix[3][1]         0.0000000000 
_pdbx_struct_oper_list.matrix[3][2]         0.0000000000 
_pdbx_struct_oper_list.matrix[3][3]         1.0000000000 
_pdbx_struct_oper_list.vector[3]            0.0000000000 
# 
loop_
_pdbx_audit_revision_history.ordinal 
_pdbx_audit_revision_history.data_content_type 
_pdbx_audit_revision_history.major_revision 
_pdbx_audit_revision_history.minor_revision 
_pdbx_audit_revision_history.revision_date 
1 'Structure model' 1 0 1994-04-30 
2 'Structure model' 1 1 2008-05-22 
3 'Structure model' 1 2 2011-07-13 
4 'Structure model' 1 3 2011-07-27 
5 'Structure model' 1 4 2017-11-29 
6 'Structure model' 2 0 2020-07-29 
7 'Structure model' 3 0 2023-11-15 
# 
loop_
_pdbx_audit_revision_details.ordinal 
_pdbx_audit_revision_details.revision_ordinal 
_pdbx_audit_revision_details.data_content_type 
_pdbx_audit_revision_details.provider 
_pdbx_audit_revision_details.type 
_pdbx_audit_revision_details.description 
_pdbx_audit_revision_details.details 
1 1 'Structure model' repository 'Initial release' ?                          ? 
2 6 'Structure model' repository Remediation       'Carbohydrate remediation' ? 
# 
loop_
_pdbx_audit_revision_group.ordinal 
_pdbx_audit_revision_group.revision_ordinal 
_pdbx_audit_revision_group.data_content_type 
_pdbx_audit_revision_group.group 
1  2 'Structure model' 'Version format compliance' 
2  3 'Structure model' 'Version format compliance' 
3  4 'Structure model' 'Atomic model'              
4  4 'Structure model' 'Database references'       
5  4 'Structure model' 'Derived calculations'      
6  4 'Structure model' 'Non-polymer description'   
7  4 'Structure model' 'Structure summary'         
8  5 'Structure model' 'Derived calculations'      
9  5 'Structure model' Other                       
10 6 'Structure model' Advisory                    
11 6 'Structure model' 'Atomic model'              
12 6 'Structure model' 'Data collection'           
13 6 'Structure model' 'Database references'       
14 6 'Structure model' 'Derived calculations'      
15 6 'Structure model' 'Structure summary'         
16 7 'Structure model' 'Atomic model'              
17 7 'Structure model' 'Data collection'           
18 7 'Structure model' 'Database references'       
19 7 'Structure model' 'Derived calculations'      
20 7 'Structure model' 'Structure summary'         
# 
loop_
_pdbx_audit_revision_category.ordinal 
_pdbx_audit_revision_category.revision_ordinal 
_pdbx_audit_revision_category.data_content_type 
_pdbx_audit_revision_category.category 
1  5 'Structure model' pdbx_database_status          
2  5 'Structure model' struct_conf                   
3  5 'Structure model' struct_conf_type              
4  6 'Structure model' atom_site                     
5  6 'Structure model' chem_comp                     
6  6 'Structure model' entity                        
7  6 'Structure model' pdbx_branch_scheme            
8  6 'Structure model' pdbx_chem_comp_identifier     
9  6 'Structure model' pdbx_entity_branch            
10 6 'Structure model' pdbx_entity_branch_descriptor 
11 6 'Structure model' pdbx_entity_branch_link       
12 6 'Structure model' pdbx_entity_branch_list       
13 6 'Structure model' pdbx_entity_nonpoly           
14 6 'Structure model' pdbx_nonpoly_scheme           
15 6 'Structure model' pdbx_struct_assembly_gen      
16 6 'Structure model' pdbx_validate_close_contact   
17 6 'Structure model' struct_asym                   
18 6 'Structure model' struct_conn                   
19 6 'Structure model' struct_ref_seq_dif            
20 6 'Structure model' struct_site                   
21 6 'Structure model' struct_site_gen               
22 7 'Structure model' atom_site                     
23 7 'Structure model' chem_comp                     
24 7 'Structure model' chem_comp_atom                
25 7 'Structure model' chem_comp_bond                
26 7 'Structure model' database_2                    
27 7 'Structure model' struct_conn                   
# 
loop_
_pdbx_audit_revision_item.ordinal 
_pdbx_audit_revision_item.revision_ordinal 
_pdbx_audit_revision_item.data_content_type 
_pdbx_audit_revision_item.item 
1  5 'Structure model' '_pdbx_database_status.process_site'          
2  6 'Structure model' '_atom_site.B_iso_or_equiv'                   
3  6 'Structure model' '_atom_site.Cartn_x'                          
4  6 'Structure model' '_atom_site.Cartn_y'                          
5  6 'Structure model' '_atom_site.Cartn_z'                          
6  6 'Structure model' '_atom_site.auth_asym_id'                     
7  6 'Structure model' '_atom_site.auth_atom_id'                     
8  6 'Structure model' '_atom_site.auth_comp_id'                     
9  6 'Structure model' '_atom_site.auth_seq_id'                      
10 6 'Structure model' '_atom_site.label_asym_id'                    
11 6 'Structure model' '_atom_site.label_atom_id'                    
12 6 'Structure model' '_atom_site.label_comp_id'                    
13 6 'Structure model' '_atom_site.label_entity_id'                  
14 6 'Structure model' '_atom_site.type_symbol'                      
15 6 'Structure model' '_chem_comp.name'                             
16 6 'Structure model' '_chem_comp.type'                             
17 6 'Structure model' '_pdbx_struct_assembly_gen.asym_id_list'      
18 6 'Structure model' '_pdbx_validate_close_contact.auth_asym_id_2' 
19 6 'Structure model' '_pdbx_validate_close_contact.auth_seq_id_2'  
20 6 'Structure model' '_struct_conn.pdbx_dist_value'                
21 6 'Structure model' '_struct_conn.pdbx_leaving_atom_flag'         
22 6 'Structure model' '_struct_conn.ptnr1_auth_asym_id'             
23 6 'Structure model' '_struct_conn.ptnr1_auth_comp_id'             
24 6 'Structure model' '_struct_conn.ptnr1_auth_seq_id'              
25 6 'Structure model' '_struct_conn.ptnr1_label_asym_id'            
26 6 'Structure model' '_struct_conn.ptnr1_label_atom_id'            
27 6 'Structure model' '_struct_conn.ptnr1_label_comp_id'            
28 6 'Structure model' '_struct_conn.ptnr1_label_seq_id'             
29 6 'Structure model' '_struct_conn.ptnr2_auth_asym_id'             
30 6 'Structure model' '_struct_conn.ptnr2_auth_comp_id'             
31 6 'Structure model' '_struct_conn.ptnr2_auth_seq_id'              
32 6 'Structure model' '_struct_conn.ptnr2_label_asym_id'            
33 6 'Structure model' '_struct_conn.ptnr2_label_atom_id'            
34 6 'Structure model' '_struct_conn.ptnr2_label_comp_id'            
35 6 'Structure model' '_struct_conn.ptnr2_label_seq_id'             
36 6 'Structure model' '_struct_ref_seq_dif.details'                 
37 7 'Structure model' '_atom_site.auth_atom_id'                     
38 7 'Structure model' '_atom_site.label_atom_id'                    
39 7 'Structure model' '_chem_comp.pdbx_synonyms'                    
40 7 'Structure model' '_database_2.pdbx_DOI'                        
41 7 'Structure model' '_database_2.pdbx_database_accession'         
42 7 'Structure model' '_struct_conn.pdbx_leaving_atom_flag'         
43 7 'Structure model' '_struct_conn.ptnr1_label_atom_id'            
44 7 'Structure model' '_struct_conn.ptnr2_label_atom_id'            
# 
_software.name             TNT 
_software.classification   refinement 
_software.version          . 
_software.citation_id      ? 
_software.pdbx_ordinal     1 
# 
_pdbx_database_remark.id     700 
_pdbx_database_remark.text   
;SHEET
THERE ARE SEVERAL SUBTLE ASPECTS OF THE SECONDARY STRUCTURE
OF THIS MOLECULE WHICH CANNOT CONVENIENTLY BE REPRESENTED
IN THE HELIX AND SHEET RECORDS BELOW.  THESE ASPECTS
INFLUENCE THE REPRESENTATION OF HELIX 6 AND STRAND 3 OF
SHEET *S1*.  THE PAPER J.MOL.BIOL., V. 118, P. 81, 1978
BE CONSULTED FOR THESE SUBTLETIES.
;
# 
_pdbx_validate_close_contact.id               1 
_pdbx_validate_close_contact.PDB_model_num    1 
_pdbx_validate_close_contact.auth_atom_id_1   OE2 
_pdbx_validate_close_contact.auth_asym_id_1   E 
_pdbx_validate_close_contact.auth_comp_id_1   GLU 
_pdbx_validate_close_contact.auth_seq_id_1    26 
_pdbx_validate_close_contact.PDB_ins_code_1   ? 
_pdbx_validate_close_contact.label_alt_id_1   ? 
_pdbx_validate_close_contact.auth_atom_id_2   O5 
_pdbx_validate_close_contact.auth_asym_id_2   A 
_pdbx_validate_close_contact.auth_comp_id_2   MUB 
_pdbx_validate_close_contact.auth_seq_id_2    1 
_pdbx_validate_close_contact.PDB_ins_code_2   ? 
_pdbx_validate_close_contact.label_alt_id_2   ? 
_pdbx_validate_close_contact.dist             2.17 
# 
_pdbx_validate_symm_contact.id                1 
_pdbx_validate_symm_contact.PDB_model_num     1 
_pdbx_validate_symm_contact.auth_atom_id_1    S2 
_pdbx_validate_symm_contact.auth_asym_id_1    E 
_pdbx_validate_symm_contact.auth_comp_id_1    BME 
_pdbx_validate_symm_contact.auth_seq_id_1     174 
_pdbx_validate_symm_contact.PDB_ins_code_1    ? 
_pdbx_validate_symm_contact.label_alt_id_1    ? 
_pdbx_validate_symm_contact.site_symmetry_1   1_555 
_pdbx_validate_symm_contact.auth_atom_id_2    S2 
_pdbx_validate_symm_contact.auth_asym_id_2    E 
_pdbx_validate_symm_contact.auth_comp_id_2    BME 
_pdbx_validate_symm_contact.auth_seq_id_2     174 
_pdbx_validate_symm_contact.PDB_ins_code_2    ? 
_pdbx_validate_symm_contact.label_alt_id_2    ? 
_pdbx_validate_symm_contact.site_symmetry_2   2_565 
_pdbx_validate_symm_contact.dist              2.04 
# 
loop_
_pdbx_validate_rmsd_bond.id 
_pdbx_validate_rmsd_bond.PDB_model_num 
_pdbx_validate_rmsd_bond.auth_atom_id_1 
_pdbx_validate_rmsd_bond.auth_asym_id_1 
_pdbx_validate_rmsd_bond.auth_comp_id_1 
_pdbx_validate_rmsd_bond.auth_seq_id_1 
_pdbx_validate_rmsd_bond.PDB_ins_code_1 
_pdbx_validate_rmsd_bond.label_alt_id_1 
_pdbx_validate_rmsd_bond.auth_atom_id_2 
_pdbx_validate_rmsd_bond.auth_asym_id_2 
_pdbx_validate_rmsd_bond.auth_comp_id_2 
_pdbx_validate_rmsd_bond.auth_seq_id_2 
_pdbx_validate_rmsd_bond.PDB_ins_code_2 
_pdbx_validate_rmsd_bond.label_alt_id_2 
_pdbx_validate_rmsd_bond.bond_value 
_pdbx_validate_rmsd_bond.bond_target_value 
_pdbx_validate_rmsd_bond.bond_deviation 
_pdbx_validate_rmsd_bond.bond_standard_deviation 
_pdbx_validate_rmsd_bond.linker_flag 
1 1 CD E GLU 11  ? ? OE1 E GLU 11  ? ? 1.320 1.252 0.068 0.011 N 
2 1 CD E GLU 62  ? ? OE2 E GLU 62  ? ? 1.326 1.252 0.074 0.011 N 
3 1 CD E GLU 64  ? ? OE1 E GLU 64  ? ? 1.321 1.252 0.069 0.011 N 
4 1 CD E GLU 108 ? ? OE2 E GLU 108 ? ? 1.321 1.252 0.069 0.011 N 
5 1 CD E GLU 128 ? ? OE2 E GLU 128 ? ? 1.327 1.252 0.075 0.011 N 
# 
loop_
_pdbx_validate_rmsd_angle.id 
_pdbx_validate_rmsd_angle.PDB_model_num 
_pdbx_validate_rmsd_angle.auth_atom_id_1 
_pdbx_validate_rmsd_angle.auth_asym_id_1 
_pdbx_validate_rmsd_angle.auth_comp_id_1 
_pdbx_validate_rmsd_angle.auth_seq_id_1 
_pdbx_validate_rmsd_angle.PDB_ins_code_1 
_pdbx_validate_rmsd_angle.label_alt_id_1 
_pdbx_validate_rmsd_angle.auth_atom_id_2 
_pdbx_validate_rmsd_angle.auth_asym_id_2 
_pdbx_validate_rmsd_angle.auth_comp_id_2 
_pdbx_validate_rmsd_angle.auth_seq_id_2 
_pdbx_validate_rmsd_angle.PDB_ins_code_2 
_pdbx_validate_rmsd_angle.label_alt_id_2 
_pdbx_validate_rmsd_angle.auth_atom_id_3 
_pdbx_validate_rmsd_angle.auth_asym_id_3 
_pdbx_validate_rmsd_angle.auth_comp_id_3 
_pdbx_validate_rmsd_angle.auth_seq_id_3 
_pdbx_validate_rmsd_angle.PDB_ins_code_3 
_pdbx_validate_rmsd_angle.label_alt_id_3 
_pdbx_validate_rmsd_angle.angle_value 
_pdbx_validate_rmsd_angle.angle_target_value 
_pdbx_validate_rmsd_angle.angle_deviation 
_pdbx_validate_rmsd_angle.angle_standard_deviation 
_pdbx_validate_rmsd_angle.linker_flag 
1  1 NE E ARG 14  ? ? CZ E ARG 14  ? ? NH2 E ARG 14  ? ? 116.51 120.30 -3.79 0.50 N 
2  1 CB E ASP 47  ? ? CG E ASP 47  ? ? OD1 E ASP 47  ? ? 124.62 118.30 6.32  0.90 N 
3  1 CB E ASP 47  ? ? CG E ASP 47  ? ? OD2 E ASP 47  ? ? 110.62 118.30 -7.68 0.90 N 
4  1 CB E ASP 61  ? ? CG E ASP 61  ? ? OD2 E ASP 61  ? ? 112.07 118.30 -6.23 0.90 N 
5  1 CB E ASP 72  ? ? CG E ASP 72  ? ? OD1 E ASP 72  ? ? 125.21 118.30 6.91  0.90 N 
6  1 CD E ARG 76  ? ? NE E ARG 76  ? ? CZ  E ARG 76  ? ? 134.39 123.60 10.79 1.40 N 
7  1 NE E ARG 76  ? ? CZ E ARG 76  ? ? NH1 E ARG 76  ? ? 127.74 120.30 7.44  0.50 N 
8  1 NE E ARG 76  ? ? CZ E ARG 76  ? ? NH2 E ARG 76  ? ? 114.69 120.30 -5.61 0.50 N 
9  1 NE E ARG 80  ? ? CZ E ARG 80  ? ? NH1 E ARG 80  ? ? 116.77 120.30 -3.53 0.50 N 
10 1 NE E ARG 80  ? ? CZ E ARG 80  ? ? NH2 E ARG 80  ? ? 124.89 120.30 4.59  0.50 N 
11 1 CB E ASP 92  ? ? CG E ASP 92  ? ? OD1 E ASP 92  ? ? 112.14 118.30 -6.16 0.90 N 
12 1 CB E ASP 92  ? ? CG E ASP 92  ? ? OD2 E ASP 92  ? ? 125.61 118.30 7.31  0.90 N 
13 1 NE E ARG 119 ? ? CZ E ARG 119 ? ? NH1 E ARG 119 ? ? 123.71 120.30 3.41  0.50 N 
14 1 NE E ARG 125 ? ? CZ E ARG 125 ? ? NH1 E ARG 125 ? ? 125.05 120.30 4.75  0.50 N 
15 1 CB E ASP 127 ? ? CG E ASP 127 ? ? OD2 E ASP 127 ? ? 111.73 118.30 -6.57 0.90 N 
16 1 NE E ARG 137 ? ? CZ E ARG 137 ? ? NH2 E ARG 137 ? ? 124.01 120.30 3.71  0.50 N 
17 1 CG E ARG 145 ? A CD E ARG 145 ? A NE  E ARG 145 ? A 125.24 111.80 13.44 2.10 N 
# 
_pdbx_validate_torsion.id              1 
_pdbx_validate_torsion.PDB_model_num   1 
_pdbx_validate_torsion.auth_comp_id    ILE 
_pdbx_validate_torsion.auth_asym_id    E 
_pdbx_validate_torsion.auth_seq_id     29 
_pdbx_validate_torsion.PDB_ins_code    ? 
_pdbx_validate_torsion.label_alt_id    ? 
_pdbx_validate_torsion.phi             -105.16 
_pdbx_validate_torsion.psi             79.13 
# 
loop_
_pdbx_unobs_or_zero_occ_atoms.id 
_pdbx_unobs_or_zero_occ_atoms.PDB_model_num 
_pdbx_unobs_or_zero_occ_atoms.polymer_flag 
_pdbx_unobs_or_zero_occ_atoms.occupancy_flag 
_pdbx_unobs_or_zero_occ_atoms.auth_asym_id 
_pdbx_unobs_or_zero_occ_atoms.auth_comp_id 
_pdbx_unobs_or_zero_occ_atoms.auth_seq_id 
_pdbx_unobs_or_zero_occ_atoms.PDB_ins_code 
_pdbx_unobs_or_zero_occ_atoms.auth_atom_id 
_pdbx_unobs_or_zero_occ_atoms.label_alt_id 
_pdbx_unobs_or_zero_occ_atoms.label_asym_id 
_pdbx_unobs_or_zero_occ_atoms.label_comp_id 
_pdbx_unobs_or_zero_occ_atoms.label_seq_id 
_pdbx_unobs_or_zero_occ_atoms.label_atom_id 
1 1 Y 1 E ASN 163 ? CA  ? A ASN 163 CA  
2 1 Y 1 E ASN 163 ? C   ? A ASN 163 C   
3 1 Y 1 E ASN 163 ? O   ? A ASN 163 O   
4 1 Y 1 E ASN 163 ? CB  ? A ASN 163 CB  
5 1 Y 1 E ASN 163 ? CG  ? A ASN 163 CG  
6 1 Y 1 E ASN 163 ? OD1 ? A ASN 163 OD1 
7 1 Y 1 E ASN 163 ? ND2 ? A ASN 163 ND2 
# 
_pdbx_unobs_or_zero_occ_residues.id               1 
_pdbx_unobs_or_zero_occ_residues.PDB_model_num    1 
_pdbx_unobs_or_zero_occ_residues.polymer_flag     Y 
_pdbx_unobs_or_zero_occ_residues.occupancy_flag   1 
_pdbx_unobs_or_zero_occ_residues.auth_asym_id     E 
_pdbx_unobs_or_zero_occ_residues.auth_comp_id     LEU 
_pdbx_unobs_or_zero_occ_residues.auth_seq_id      164 
_pdbx_unobs_or_zero_occ_residues.PDB_ins_code     ? 
_pdbx_unobs_or_zero_occ_residues.label_asym_id    A 
_pdbx_unobs_or_zero_occ_residues.label_comp_id    LEU 
_pdbx_unobs_or_zero_occ_residues.label_seq_id     164 
# 
loop_
_chem_comp_atom.comp_id 
_chem_comp_atom.atom_id 
_chem_comp_atom.type_symbol 
_chem_comp_atom.pdbx_aromatic_flag 
_chem_comp_atom.pdbx_stereo_config 
_chem_comp_atom.pdbx_ordinal 
ALA N    N N N 1   
ALA CA   C N S 2   
ALA C    C N N 3   
ALA O    O N N 4   
ALA CB   C N N 5   
ALA OXT  O N N 6   
ALA H    H N N 7   
ALA H2   H N N 8   
ALA HA   H N N 9   
ALA HB1  H N N 10  
ALA HB2  H N N 11  
ALA HB3  H N N 12  
ALA HXT  H N N 13  
API C    C N N 14  
API CA   C N S 15  
API C3   C N N 16  
API C4   C N N 17  
API C5   C N N 18  
API C6   C N R 19  
API C7   C N N 20  
API O    O N N 21  
API OXT  O N N 22  
API O3   O N N 23  
API O4   O N N 24  
API N    N N N 25  
API N6   N N N 26  
API HA   H N N 27  
API H31  H N N 28  
API H32  H N N 29  
API H41  H N N 30  
API H42  H N N 31  
API H51  H N N 32  
API H52  H N N 33  
API H6   H N N 34  
API HXT  H N N 35  
API HO4  H N N 36  
API H    H N N 37  
API H2   H N N 38  
API HN61 H N N 39  
API HN62 H N N 40  
ARG N    N N N 41  
ARG CA   C N S 42  
ARG C    C N N 43  
ARG O    O N N 44  
ARG CB   C N N 45  
ARG CG   C N N 46  
ARG CD   C N N 47  
ARG NE   N N N 48  
ARG CZ   C N N 49  
ARG NH1  N N N 50  
ARG NH2  N N N 51  
ARG OXT  O N N 52  
ARG H    H N N 53  
ARG H2   H N N 54  
ARG HA   H N N 55  
ARG HB2  H N N 56  
ARG HB3  H N N 57  
ARG HG2  H N N 58  
ARG HG3  H N N 59  
ARG HD2  H N N 60  
ARG HD3  H N N 61  
ARG HE   H N N 62  
ARG HH11 H N N 63  
ARG HH12 H N N 64  
ARG HH21 H N N 65  
ARG HH22 H N N 66  
ARG HXT  H N N 67  
ASN N    N N N 68  
ASN CA   C N S 69  
ASN C    C N N 70  
ASN O    O N N 71  
ASN CB   C N N 72  
ASN CG   C N N 73  
ASN OD1  O N N 74  
ASN ND2  N N N 75  
ASN OXT  O N N 76  
ASN H    H N N 77  
ASN H2   H N N 78  
ASN HA   H N N 79  
ASN HB2  H N N 80  
ASN HB3  H N N 81  
ASN HD21 H N N 82  
ASN HD22 H N N 83  
ASN HXT  H N N 84  
ASP N    N N N 85  
ASP CA   C N S 86  
ASP C    C N N 87  
ASP O    O N N 88  
ASP CB   C N N 89  
ASP CG   C N N 90  
ASP OD1  O N N 91  
ASP OD2  O N N 92  
ASP OXT  O N N 93  
ASP H    H N N 94  
ASP H2   H N N 95  
ASP HA   H N N 96  
ASP HB2  H N N 97  
ASP HB3  H N N 98  
ASP HD2  H N N 99  
ASP HXT  H N N 100 
BME C1   C N N 101 
BME C2   C N N 102 
BME O1   O N N 103 
BME S2   S N N 104 
BME H11  H N N 105 
BME H12  H N N 106 
BME H21  H N N 107 
BME H22  H N N 108 
BME HO1  H N N 109 
BME HS2  H N N 110 
CYS N    N N N 111 
CYS CA   C N R 112 
CYS C    C N N 113 
CYS O    O N N 114 
CYS CB   C N N 115 
CYS SG   S N N 116 
CYS OXT  O N N 117 
CYS H    H N N 118 
CYS H2   H N N 119 
CYS HA   H N N 120 
CYS HB2  H N N 121 
CYS HB3  H N N 122 
CYS HG   H N N 123 
CYS HXT  H N N 124 
DAL N    N N N 125 
DAL CA   C N R 126 
DAL CB   C N N 127 
DAL C    C N N 128 
DAL O    O N N 129 
DAL OXT  O N N 130 
DAL H    H N N 131 
DAL H2   H N N 132 
DAL HA   H N N 133 
DAL HB1  H N N 134 
DAL HB2  H N N 135 
DAL HB3  H N N 136 
DAL HXT  H N N 137 
FGA N    N N N 138 
FGA CA   C N R 139 
FGA C    C N N 140 
FGA O    O N N 141 
FGA CB   C N N 142 
FGA CG   C N N 143 
FGA CD   C N N 144 
FGA OE1  O N N 145 
FGA OE2  O N N 146 
FGA OXT  O N N 147 
FGA H    H N N 148 
FGA H2   H N N 149 
FGA HA   H N N 150 
FGA HB2  H N N 151 
FGA HB3  H N N 152 
FGA HG2  H N N 153 
FGA HG3  H N N 154 
FGA HE2  H N N 155 
FGA HXT  H N N 156 
GLN N    N N N 157 
GLN CA   C N S 158 
GLN C    C N N 159 
GLN O    O N N 160 
GLN CB   C N N 161 
GLN CG   C N N 162 
GLN CD   C N N 163 
GLN OE1  O N N 164 
GLN NE2  N N N 165 
GLN OXT  O N N 166 
GLN H    H N N 167 
GLN H2   H N N 168 
GLN HA   H N N 169 
GLN HB2  H N N 170 
GLN HB3  H N N 171 
GLN HG2  H N N 172 
GLN HG3  H N N 173 
GLN HE21 H N N 174 
GLN HE22 H N N 175 
GLN HXT  H N N 176 
GLU N    N N N 177 
GLU CA   C N S 178 
GLU C    C N N 179 
GLU O    O N N 180 
GLU CB   C N N 181 
GLU CG   C N N 182 
GLU CD   C N N 183 
GLU OE1  O N N 184 
GLU OE2  O N N 185 
GLU OXT  O N N 186 
GLU H    H N N 187 
GLU H2   H N N 188 
GLU HA   H N N 189 
GLU HB2  H N N 190 
GLU HB3  H N N 191 
GLU HG2  H N N 192 
GLU HG3  H N N 193 
GLU HE2  H N N 194 
GLU HXT  H N N 195 
GLY N    N N N 196 
GLY CA   C N N 197 
GLY C    C N N 198 
GLY O    O N N 199 
GLY OXT  O N N 200 
GLY H    H N N 201 
GLY H2   H N N 202 
GLY HA2  H N N 203 
GLY HA3  H N N 204 
GLY HXT  H N N 205 
HIS N    N N N 206 
HIS CA   C N S 207 
HIS C    C N N 208 
HIS O    O N N 209 
HIS CB   C N N 210 
HIS CG   C Y N 211 
HIS ND1  N Y N 212 
HIS CD2  C Y N 213 
HIS CE1  C Y N 214 
HIS NE2  N Y N 215 
HIS OXT  O N N 216 
HIS H    H N N 217 
HIS H2   H N N 218 
HIS HA   H N N 219 
HIS HB2  H N N 220 
HIS HB3  H N N 221 
HIS HD1  H N N 222 
HIS HD2  H N N 223 
HIS HE1  H N N 224 
HIS HE2  H N N 225 
HIS HXT  H N N 226 
HOH O    O N N 227 
HOH H1   H N N 228 
HOH H2   H N N 229 
ILE N    N N N 230 
ILE CA   C N S 231 
ILE C    C N N 232 
ILE O    O N N 233 
ILE CB   C N S 234 
ILE CG1  C N N 235 
ILE CG2  C N N 236 
ILE CD1  C N N 237 
ILE OXT  O N N 238 
ILE H    H N N 239 
ILE H2   H N N 240 
ILE HA   H N N 241 
ILE HB   H N N 242 
ILE HG12 H N N 243 
ILE HG13 H N N 244 
ILE HG21 H N N 245 
ILE HG22 H N N 246 
ILE HG23 H N N 247 
ILE HD11 H N N 248 
ILE HD12 H N N 249 
ILE HD13 H N N 250 
ILE HXT  H N N 251 
LEU N    N N N 252 
LEU CA   C N S 253 
LEU C    C N N 254 
LEU O    O N N 255 
LEU CB   C N N 256 
LEU CG   C N N 257 
LEU CD1  C N N 258 
LEU CD2  C N N 259 
LEU OXT  O N N 260 
LEU H    H N N 261 
LEU H2   H N N 262 
LEU HA   H N N 263 
LEU HB2  H N N 264 
LEU HB3  H N N 265 
LEU HG   H N N 266 
LEU HD11 H N N 267 
LEU HD12 H N N 268 
LEU HD13 H N N 269 
LEU HD21 H N N 270 
LEU HD22 H N N 271 
LEU HD23 H N N 272 
LEU HXT  H N N 273 
LYS N    N N N 274 
LYS CA   C N S 275 
LYS C    C N N 276 
LYS O    O N N 277 
LYS CB   C N N 278 
LYS CG   C N N 279 
LYS CD   C N N 280 
LYS CE   C N N 281 
LYS NZ   N N N 282 
LYS OXT  O N N 283 
LYS H    H N N 284 
LYS H2   H N N 285 
LYS HA   H N N 286 
LYS HB2  H N N 287 
LYS HB3  H N N 288 
LYS HG2  H N N 289 
LYS HG3  H N N 290 
LYS HD2  H N N 291 
LYS HD3  H N N 292 
LYS HE2  H N N 293 
LYS HE3  H N N 294 
LYS HZ1  H N N 295 
LYS HZ2  H N N 296 
LYS HZ3  H N N 297 
LYS HXT  H N N 298 
MET N    N N N 299 
MET CA   C N S 300 
MET C    C N N 301 
MET O    O N N 302 
MET CB   C N N 303 
MET CG   C N N 304 
MET SD   S N N 305 
MET CE   C N N 306 
MET OXT  O N N 307 
MET H    H N N 308 
MET H2   H N N 309 
MET HA   H N N 310 
MET HB2  H N N 311 
MET HB3  H N N 312 
MET HG2  H N N 313 
MET HG3  H N N 314 
MET HE1  H N N 315 
MET HE2  H N N 316 
MET HE3  H N N 317 
MET HXT  H N N 318 
MUB C1   C N S 319 
MUB C2   C N R 320 
MUB C3   C N R 321 
MUB C4   C N S 322 
MUB C5   C N R 323 
MUB C6   C N N 324 
MUB C7   C N N 325 
MUB C8   C N N 326 
MUB C9   C N R 327 
MUB C10  C N N 328 
MUB C11  C N N 329 
MUB O1   O N N 330 
MUB O3   O N N 331 
MUB O4   O N N 332 
MUB O5   O N N 333 
MUB O6   O N N 334 
MUB O7   O N N 335 
MUB O11  O N N 336 
MUB O10  O N N 337 
MUB N2   N N N 338 
MUB H1   H N N 339 
MUB H2   H N N 340 
MUB HN2  H N N 341 
MUB H81  H N N 342 
MUB H82  H N N 343 
MUB H83  H N N 344 
MUB H3   H N N 345 
MUB H9   H N N 346 
MUB H111 H N N 347 
MUB H112 H N N 348 
MUB H113 H N N 349 
MUB H4   H N N 350 
MUB H5   H N N 351 
MUB H61  H N N 352 
MUB H62  H N N 353 
MUB HO6  H N N 354 
MUB HO4  H N N 355 
MUB HO11 H N N 356 
MUB HO1  H N N 357 
NAG C1   C N R 358 
NAG C2   C N R 359 
NAG C3   C N R 360 
NAG C4   C N S 361 
NAG C5   C N R 362 
NAG C6   C N N 363 
NAG C7   C N N 364 
NAG C8   C N N 365 
NAG N2   N N N 366 
NAG O1   O N N 367 
NAG O3   O N N 368 
NAG O4   O N N 369 
NAG O5   O N N 370 
NAG O6   O N N 371 
NAG O7   O N N 372 
NAG H1   H N N 373 
NAG H2   H N N 374 
NAG H3   H N N 375 
NAG H4   H N N 376 
NAG H5   H N N 377 
NAG H61  H N N 378 
NAG H62  H N N 379 
NAG H81  H N N 380 
NAG H82  H N N 381 
NAG H83  H N N 382 
NAG HN2  H N N 383 
NAG HO1  H N N 384 
NAG HO3  H N N 385 
NAG HO4  H N N 386 
NAG HO6  H N N 387 
PHE N    N N N 388 
PHE CA   C N S 389 
PHE C    C N N 390 
PHE O    O N N 391 
PHE CB   C N N 392 
PHE CG   C Y N 393 
PHE CD1  C Y N 394 
PHE CD2  C Y N 395 
PHE CE1  C Y N 396 
PHE CE2  C Y N 397 
PHE CZ   C Y N 398 
PHE OXT  O N N 399 
PHE H    H N N 400 
PHE H2   H N N 401 
PHE HA   H N N 402 
PHE HB2  H N N 403 
PHE HB3  H N N 404 
PHE HD1  H N N 405 
PHE HD2  H N N 406 
PHE HE1  H N N 407 
PHE HE2  H N N 408 
PHE HZ   H N N 409 
PHE HXT  H N N 410 
PRO N    N N N 411 
PRO CA   C N S 412 
PRO C    C N N 413 
PRO O    O N N 414 
PRO CB   C N N 415 
PRO CG   C N N 416 
PRO CD   C N N 417 
PRO OXT  O N N 418 
PRO H    H N N 419 
PRO HA   H N N 420 
PRO HB2  H N N 421 
PRO HB3  H N N 422 
PRO HG2  H N N 423 
PRO HG3  H N N 424 
PRO HD2  H N N 425 
PRO HD3  H N N 426 
PRO HXT  H N N 427 
SER N    N N N 428 
SER CA   C N S 429 
SER C    C N N 430 
SER O    O N N 431 
SER CB   C N N 432 
SER OG   O N N 433 
SER OXT  O N N 434 
SER H    H N N 435 
SER H2   H N N 436 
SER HA   H N N 437 
SER HB2  H N N 438 
SER HB3  H N N 439 
SER HG   H N N 440 
SER HXT  H N N 441 
THR N    N N N 442 
THR CA   C N S 443 
THR C    C N N 444 
THR O    O N N 445 
THR CB   C N R 446 
THR OG1  O N N 447 
THR CG2  C N N 448 
THR OXT  O N N 449 
THR H    H N N 450 
THR H2   H N N 451 
THR HA   H N N 452 
THR HB   H N N 453 
THR HG1  H N N 454 
THR HG21 H N N 455 
THR HG22 H N N 456 
THR HG23 H N N 457 
THR HXT  H N N 458 
TRP N    N N N 459 
TRP CA   C N S 460 
TRP C    C N N 461 
TRP O    O N N 462 
TRP CB   C N N 463 
TRP CG   C Y N 464 
TRP CD1  C Y N 465 
TRP CD2  C Y N 466 
TRP NE1  N Y N 467 
TRP CE2  C Y N 468 
TRP CE3  C Y N 469 
TRP CZ2  C Y N 470 
TRP CZ3  C Y N 471 
TRP CH2  C Y N 472 
TRP OXT  O N N 473 
TRP H    H N N 474 
TRP H2   H N N 475 
TRP HA   H N N 476 
TRP HB2  H N N 477 
TRP HB3  H N N 478 
TRP HD1  H N N 479 
TRP HE1  H N N 480 
TRP HE3  H N N 481 
TRP HZ2  H N N 482 
TRP HZ3  H N N 483 
TRP HH2  H N N 484 
TRP HXT  H N N 485 
TYR N    N N N 486 
TYR CA   C N S 487 
TYR C    C N N 488 
TYR O    O N N 489 
TYR CB   C N N 490 
TYR CG   C Y N 491 
TYR CD1  C Y N 492 
TYR CD2  C Y N 493 
TYR CE1  C Y N 494 
TYR CE2  C Y N 495 
TYR CZ   C Y N 496 
TYR OH   O N N 497 
TYR OXT  O N N 498 
TYR H    H N N 499 
TYR H2   H N N 500 
TYR HA   H N N 501 
TYR HB2  H N N 502 
TYR HB3  H N N 503 
TYR HD1  H N N 504 
TYR HD2  H N N 505 
TYR HE1  H N N 506 
TYR HE2  H N N 507 
TYR HH   H N N 508 
TYR HXT  H N N 509 
VAL N    N N N 510 
VAL CA   C N S 511 
VAL C    C N N 512 
VAL O    O N N 513 
VAL CB   C N N 514 
VAL CG1  C N N 515 
VAL CG2  C N N 516 
VAL OXT  O N N 517 
VAL H    H N N 518 
VAL H2   H N N 519 
VAL HA   H N N 520 
VAL HB   H N N 521 
VAL HG11 H N N 522 
VAL HG12 H N N 523 
VAL HG13 H N N 524 
VAL HG21 H N N 525 
VAL HG22 H N N 526 
VAL HG23 H N N 527 
VAL HXT  H N N 528 
# 
loop_
_chem_comp_bond.comp_id 
_chem_comp_bond.atom_id_1 
_chem_comp_bond.atom_id_2 
_chem_comp_bond.value_order 
_chem_comp_bond.pdbx_aromatic_flag 
_chem_comp_bond.pdbx_stereo_config 
_chem_comp_bond.pdbx_ordinal 
ALA N   CA   sing N N 1   
ALA N   H    sing N N 2   
ALA N   H2   sing N N 3   
ALA CA  C    sing N N 4   
ALA CA  CB   sing N N 5   
ALA CA  HA   sing N N 6   
ALA C   O    doub N N 7   
ALA C   OXT  sing N N 8   
ALA CB  HB1  sing N N 9   
ALA CB  HB2  sing N N 10  
ALA CB  HB3  sing N N 11  
ALA OXT HXT  sing N N 12  
API C   CA   sing N N 13  
API C   O    doub N N 14  
API C   OXT  sing N N 15  
API CA  C3   sing N N 16  
API CA  N    sing N N 17  
API CA  HA   sing N N 18  
API C3  C4   sing N N 19  
API C3  H31  sing N N 20  
API C3  H32  sing N N 21  
API C4  C5   sing N N 22  
API C4  H41  sing N N 23  
API C4  H42  sing N N 24  
API C5  C6   sing N N 25  
API C5  H51  sing N N 26  
API C5  H52  sing N N 27  
API C6  C7   sing N N 28  
API C6  N6   sing N N 29  
API C6  H6   sing N N 30  
API C7  O3   doub N N 31  
API C7  O4   sing N N 32  
API OXT HXT  sing N N 33  
API O4  HO4  sing N N 34  
API N   H    sing N N 35  
API N   H2   sing N N 36  
API N6  HN61 sing N N 37  
API N6  HN62 sing N N 38  
ARG N   CA   sing N N 39  
ARG N   H    sing N N 40  
ARG N   H2   sing N N 41  
ARG CA  C    sing N N 42  
ARG CA  CB   sing N N 43  
ARG CA  HA   sing N N 44  
ARG C   O    doub N N 45  
ARG C   OXT  sing N N 46  
ARG CB  CG   sing N N 47  
ARG CB  HB2  sing N N 48  
ARG CB  HB3  sing N N 49  
ARG CG  CD   sing N N 50  
ARG CG  HG2  sing N N 51  
ARG CG  HG3  sing N N 52  
ARG CD  NE   sing N N 53  
ARG CD  HD2  sing N N 54  
ARG CD  HD3  sing N N 55  
ARG NE  CZ   sing N N 56  
ARG NE  HE   sing N N 57  
ARG CZ  NH1  sing N N 58  
ARG CZ  NH2  doub N N 59  
ARG NH1 HH11 sing N N 60  
ARG NH1 HH12 sing N N 61  
ARG NH2 HH21 sing N N 62  
ARG NH2 HH22 sing N N 63  
ARG OXT HXT  sing N N 64  
ASN N   CA   sing N N 65  
ASN N   H    sing N N 66  
ASN N   H2   sing N N 67  
ASN CA  C    sing N N 68  
ASN CA  CB   sing N N 69  
ASN CA  HA   sing N N 70  
ASN C   O    doub N N 71  
ASN C   OXT  sing N N 72  
ASN CB  CG   sing N N 73  
ASN CB  HB2  sing N N 74  
ASN CB  HB3  sing N N 75  
ASN CG  OD1  doub N N 76  
ASN CG  ND2  sing N N 77  
ASN ND2 HD21 sing N N 78  
ASN ND2 HD22 sing N N 79  
ASN OXT HXT  sing N N 80  
ASP N   CA   sing N N 81  
ASP N   H    sing N N 82  
ASP N   H2   sing N N 83  
ASP CA  C    sing N N 84  
ASP CA  CB   sing N N 85  
ASP CA  HA   sing N N 86  
ASP C   O    doub N N 87  
ASP C   OXT  sing N N 88  
ASP CB  CG   sing N N 89  
ASP CB  HB2  sing N N 90  
ASP CB  HB3  sing N N 91  
ASP CG  OD1  doub N N 92  
ASP CG  OD2  sing N N 93  
ASP OD2 HD2  sing N N 94  
ASP OXT HXT  sing N N 95  
BME C1  C2   sing N N 96  
BME C1  O1   sing N N 97  
BME C1  H11  sing N N 98  
BME C1  H12  sing N N 99  
BME C2  S2   sing N N 100 
BME C2  H21  sing N N 101 
BME C2  H22  sing N N 102 
BME O1  HO1  sing N N 103 
BME S2  HS2  sing N N 104 
CYS N   CA   sing N N 105 
CYS N   H    sing N N 106 
CYS N   H2   sing N N 107 
CYS CA  C    sing N N 108 
CYS CA  CB   sing N N 109 
CYS CA  HA   sing N N 110 
CYS C   O    doub N N 111 
CYS C   OXT  sing N N 112 
CYS CB  SG   sing N N 113 
CYS CB  HB2  sing N N 114 
CYS CB  HB3  sing N N 115 
CYS SG  HG   sing N N 116 
CYS OXT HXT  sing N N 117 
DAL N   CA   sing N N 118 
DAL N   H    sing N N 119 
DAL N   H2   sing N N 120 
DAL CA  CB   sing N N 121 
DAL CA  C    sing N N 122 
DAL CA  HA   sing N N 123 
DAL CB  HB1  sing N N 124 
DAL CB  HB2  sing N N 125 
DAL CB  HB3  sing N N 126 
DAL C   O    doub N N 127 
DAL C   OXT  sing N N 128 
DAL OXT HXT  sing N N 129 
FGA N   CA   sing N N 130 
FGA N   H    sing N N 131 
FGA N   H2   sing N N 132 
FGA CA  C    sing N N 133 
FGA CA  CB   sing N N 134 
FGA CA  HA   sing N N 135 
FGA C   O    doub N N 136 
FGA C   OXT  sing N N 137 
FGA CB  CG   sing N N 138 
FGA CB  HB2  sing N N 139 
FGA CB  HB3  sing N N 140 
FGA CG  CD   sing N N 141 
FGA CG  HG2  sing N N 142 
FGA CG  HG3  sing N N 143 
FGA CD  OE1  doub N N 144 
FGA CD  OE2  sing N N 145 
FGA OE2 HE2  sing N N 146 
FGA OXT HXT  sing N N 147 
GLN N   CA   sing N N 148 
GLN N   H    sing N N 149 
GLN N   H2   sing N N 150 
GLN CA  C    sing N N 151 
GLN CA  CB   sing N N 152 
GLN CA  HA   sing N N 153 
GLN C   O    doub N N 154 
GLN C   OXT  sing N N 155 
GLN CB  CG   sing N N 156 
GLN CB  HB2  sing N N 157 
GLN CB  HB3  sing N N 158 
GLN CG  CD   sing N N 159 
GLN CG  HG2  sing N N 160 
GLN CG  HG3  sing N N 161 
GLN CD  OE1  doub N N 162 
GLN CD  NE2  sing N N 163 
GLN NE2 HE21 sing N N 164 
GLN NE2 HE22 sing N N 165 
GLN OXT HXT  sing N N 166 
GLU N   CA   sing N N 167 
GLU N   H    sing N N 168 
GLU N   H2   sing N N 169 
GLU CA  C    sing N N 170 
GLU CA  CB   sing N N 171 
GLU CA  HA   sing N N 172 
GLU C   O    doub N N 173 
GLU C   OXT  sing N N 174 
GLU CB  CG   sing N N 175 
GLU CB  HB2  sing N N 176 
GLU CB  HB3  sing N N 177 
GLU CG  CD   sing N N 178 
GLU CG  HG2  sing N N 179 
GLU CG  HG3  sing N N 180 
GLU CD  OE1  doub N N 181 
GLU CD  OE2  sing N N 182 
GLU OE2 HE2  sing N N 183 
GLU OXT HXT  sing N N 184 
GLY N   CA   sing N N 185 
GLY N   H    sing N N 186 
GLY N   H2   sing N N 187 
GLY CA  C    sing N N 188 
GLY CA  HA2  sing N N 189 
GLY CA  HA3  sing N N 190 
GLY C   O    doub N N 191 
GLY C   OXT  sing N N 192 
GLY OXT HXT  sing N N 193 
HIS N   CA   sing N N 194 
HIS N   H    sing N N 195 
HIS N   H2   sing N N 196 
HIS CA  C    sing N N 197 
HIS CA  CB   sing N N 198 
HIS CA  HA   sing N N 199 
HIS C   O    doub N N 200 
HIS C   OXT  sing N N 201 
HIS CB  CG   sing N N 202 
HIS CB  HB2  sing N N 203 
HIS CB  HB3  sing N N 204 
HIS CG  ND1  sing Y N 205 
HIS CG  CD2  doub Y N 206 
HIS ND1 CE1  doub Y N 207 
HIS ND1 HD1  sing N N 208 
HIS CD2 NE2  sing Y N 209 
HIS CD2 HD2  sing N N 210 
HIS CE1 NE2  sing Y N 211 
HIS CE1 HE1  sing N N 212 
HIS NE2 HE2  sing N N 213 
HIS OXT HXT  sing N N 214 
HOH O   H1   sing N N 215 
HOH O   H2   sing N N 216 
ILE N   CA   sing N N 217 
ILE N   H    sing N N 218 
ILE N   H2   sing N N 219 
ILE CA  C    sing N N 220 
ILE CA  CB   sing N N 221 
ILE CA  HA   sing N N 222 
ILE C   O    doub N N 223 
ILE C   OXT  sing N N 224 
ILE CB  CG1  sing N N 225 
ILE CB  CG2  sing N N 226 
ILE CB  HB   sing N N 227 
ILE CG1 CD1  sing N N 228 
ILE CG1 HG12 sing N N 229 
ILE CG1 HG13 sing N N 230 
ILE CG2 HG21 sing N N 231 
ILE CG2 HG22 sing N N 232 
ILE CG2 HG23 sing N N 233 
ILE CD1 HD11 sing N N 234 
ILE CD1 HD12 sing N N 235 
ILE CD1 HD13 sing N N 236 
ILE OXT HXT  sing N N 237 
LEU N   CA   sing N N 238 
LEU N   H    sing N N 239 
LEU N   H2   sing N N 240 
LEU CA  C    sing N N 241 
LEU CA  CB   sing N N 242 
LEU CA  HA   sing N N 243 
LEU C   O    doub N N 244 
LEU C   OXT  sing N N 245 
LEU CB  CG   sing N N 246 
LEU CB  HB2  sing N N 247 
LEU CB  HB3  sing N N 248 
LEU CG  CD1  sing N N 249 
LEU CG  CD2  sing N N 250 
LEU CG  HG   sing N N 251 
LEU CD1 HD11 sing N N 252 
LEU CD1 HD12 sing N N 253 
LEU CD1 HD13 sing N N 254 
LEU CD2 HD21 sing N N 255 
LEU CD2 HD22 sing N N 256 
LEU CD2 HD23 sing N N 257 
LEU OXT HXT  sing N N 258 
LYS N   CA   sing N N 259 
LYS N   H    sing N N 260 
LYS N   H2   sing N N 261 
LYS CA  C    sing N N 262 
LYS CA  CB   sing N N 263 
LYS CA  HA   sing N N 264 
LYS C   O    doub N N 265 
LYS C   OXT  sing N N 266 
LYS CB  CG   sing N N 267 
LYS CB  HB2  sing N N 268 
LYS CB  HB3  sing N N 269 
LYS CG  CD   sing N N 270 
LYS CG  HG2  sing N N 271 
LYS CG  HG3  sing N N 272 
LYS CD  CE   sing N N 273 
LYS CD  HD2  sing N N 274 
LYS CD  HD3  sing N N 275 
LYS CE  NZ   sing N N 276 
LYS CE  HE2  sing N N 277 
LYS CE  HE3  sing N N 278 
LYS NZ  HZ1  sing N N 279 
LYS NZ  HZ2  sing N N 280 
LYS NZ  HZ3  sing N N 281 
LYS OXT HXT  sing N N 282 
MET N   CA   sing N N 283 
MET N   H    sing N N 284 
MET N   H2   sing N N 285 
MET CA  C    sing N N 286 
MET CA  CB   sing N N 287 
MET CA  HA   sing N N 288 
MET C   O    doub N N 289 
MET C   OXT  sing N N 290 
MET CB  CG   sing N N 291 
MET CB  HB2  sing N N 292 
MET CB  HB3  sing N N 293 
MET CG  SD   sing N N 294 
MET CG  HG2  sing N N 295 
MET CG  HG3  sing N N 296 
MET SD  CE   sing N N 297 
MET CE  HE1  sing N N 298 
MET CE  HE2  sing N N 299 
MET CE  HE3  sing N N 300 
MET OXT HXT  sing N N 301 
MUB C1  C2   sing N N 302 
MUB C2  C3   sing N N 303 
MUB C3  C4   sing N N 304 
MUB C4  C5   sing N N 305 
MUB C5  C6   sing N N 306 
MUB C7  C8   sing N N 307 
MUB C9  C10  sing N N 308 
MUB C9  C11  sing N N 309 
MUB C1  O1   sing N N 310 
MUB C3  O3   sing N N 311 
MUB C9  O3   sing N N 312 
MUB C4  O4   sing N N 313 
MUB C1  O5   sing N N 314 
MUB C5  O5   sing N N 315 
MUB C6  O6   sing N N 316 
MUB C7  O7   doub N N 317 
MUB C10 O11  sing N N 318 
MUB C10 O10  doub N N 319 
MUB C2  N2   sing N N 320 
MUB C7  N2   sing N N 321 
MUB C1  H1   sing N N 322 
MUB C2  H2   sing N N 323 
MUB N2  HN2  sing N N 324 
MUB C8  H81  sing N N 325 
MUB C8  H82  sing N N 326 
MUB C8  H83  sing N N 327 
MUB C3  H3   sing N N 328 
MUB C9  H9   sing N N 329 
MUB C11 H111 sing N N 330 
MUB C11 H112 sing N N 331 
MUB C11 H113 sing N N 332 
MUB C4  H4   sing N N 333 
MUB C5  H5   sing N N 334 
MUB C6  H61  sing N N 335 
MUB C6  H62  sing N N 336 
MUB O6  HO6  sing N N 337 
MUB O4  HO4  sing N N 338 
MUB O11 HO11 sing N N 339 
MUB O1  HO1  sing N N 340 
NAG C1  C2   sing N N 341 
NAG C1  O1   sing N N 342 
NAG C1  O5   sing N N 343 
NAG C1  H1   sing N N 344 
NAG C2  C3   sing N N 345 
NAG C2  N2   sing N N 346 
NAG C2  H2   sing N N 347 
NAG C3  C4   sing N N 348 
NAG C3  O3   sing N N 349 
NAG C3  H3   sing N N 350 
NAG C4  C5   sing N N 351 
NAG C4  O4   sing N N 352 
NAG C4  H4   sing N N 353 
NAG C5  C6   sing N N 354 
NAG C5  O5   sing N N 355 
NAG C5  H5   sing N N 356 
NAG C6  O6   sing N N 357 
NAG C6  H61  sing N N 358 
NAG C6  H62  sing N N 359 
NAG C7  C8   sing N N 360 
NAG C7  N2   sing N N 361 
NAG C7  O7   doub N N 362 
NAG C8  H81  sing N N 363 
NAG C8  H82  sing N N 364 
NAG C8  H83  sing N N 365 
NAG N2  HN2  sing N N 366 
NAG O1  HO1  sing N N 367 
NAG O3  HO3  sing N N 368 
NAG O4  HO4  sing N N 369 
NAG O6  HO6  sing N N 370 
PHE N   CA   sing N N 371 
PHE N   H    sing N N 372 
PHE N   H2   sing N N 373 
PHE CA  C    sing N N 374 
PHE CA  CB   sing N N 375 
PHE CA  HA   sing N N 376 
PHE C   O    doub N N 377 
PHE C   OXT  sing N N 378 
PHE CB  CG   sing N N 379 
PHE CB  HB2  sing N N 380 
PHE CB  HB3  sing N N 381 
PHE CG  CD1  doub Y N 382 
PHE CG  CD2  sing Y N 383 
PHE CD1 CE1  sing Y N 384 
PHE CD1 HD1  sing N N 385 
PHE CD2 CE2  doub Y N 386 
PHE CD2 HD2  sing N N 387 
PHE CE1 CZ   doub Y N 388 
PHE CE1 HE1  sing N N 389 
PHE CE2 CZ   sing Y N 390 
PHE CE2 HE2  sing N N 391 
PHE CZ  HZ   sing N N 392 
PHE OXT HXT  sing N N 393 
PRO N   CA   sing N N 394 
PRO N   CD   sing N N 395 
PRO N   H    sing N N 396 
PRO CA  C    sing N N 397 
PRO CA  CB   sing N N 398 
PRO CA  HA   sing N N 399 
PRO C   O    doub N N 400 
PRO C   OXT  sing N N 401 
PRO CB  CG   sing N N 402 
PRO CB  HB2  sing N N 403 
PRO CB  HB3  sing N N 404 
PRO CG  CD   sing N N 405 
PRO CG  HG2  sing N N 406 
PRO CG  HG3  sing N N 407 
PRO CD  HD2  sing N N 408 
PRO CD  HD3  sing N N 409 
PRO OXT HXT  sing N N 410 
SER N   CA   sing N N 411 
SER N   H    sing N N 412 
SER N   H2   sing N N 413 
SER CA  C    sing N N 414 
SER CA  CB   sing N N 415 
SER CA  HA   sing N N 416 
SER C   O    doub N N 417 
SER C   OXT  sing N N 418 
SER CB  OG   sing N N 419 
SER CB  HB2  sing N N 420 
SER CB  HB3  sing N N 421 
SER OG  HG   sing N N 422 
SER OXT HXT  sing N N 423 
THR N   CA   sing N N 424 
THR N   H    sing N N 425 
THR N   H2   sing N N 426 
THR CA  C    sing N N 427 
THR CA  CB   sing N N 428 
THR CA  HA   sing N N 429 
THR C   O    doub N N 430 
THR C   OXT  sing N N 431 
THR CB  OG1  sing N N 432 
THR CB  CG2  sing N N 433 
THR CB  HB   sing N N 434 
THR OG1 HG1  sing N N 435 
THR CG2 HG21 sing N N 436 
THR CG2 HG22 sing N N 437 
THR CG2 HG23 sing N N 438 
THR OXT HXT  sing N N 439 
TRP N   CA   sing N N 440 
TRP N   H    sing N N 441 
TRP N   H2   sing N N 442 
TRP CA  C    sing N N 443 
TRP CA  CB   sing N N 444 
TRP CA  HA   sing N N 445 
TRP C   O    doub N N 446 
TRP C   OXT  sing N N 447 
TRP CB  CG   sing N N 448 
TRP CB  HB2  sing N N 449 
TRP CB  HB3  sing N N 450 
TRP CG  CD1  doub Y N 451 
TRP CG  CD2  sing Y N 452 
TRP CD1 NE1  sing Y N 453 
TRP CD1 HD1  sing N N 454 
TRP CD2 CE2  doub Y N 455 
TRP CD2 CE3  sing Y N 456 
TRP NE1 CE2  sing Y N 457 
TRP NE1 HE1  sing N N 458 
TRP CE2 CZ2  sing Y N 459 
TRP CE3 CZ3  doub Y N 460 
TRP CE3 HE3  sing N N 461 
TRP CZ2 CH2  doub Y N 462 
TRP CZ2 HZ2  sing N N 463 
TRP CZ3 CH2  sing Y N 464 
TRP CZ3 HZ3  sing N N 465 
TRP CH2 HH2  sing N N 466 
TRP OXT HXT  sing N N 467 
TYR N   CA   sing N N 468 
TYR N   H    sing N N 469 
TYR N   H2   sing N N 470 
TYR CA  C    sing N N 471 
TYR CA  CB   sing N N 472 
TYR CA  HA   sing N N 473 
TYR C   O    doub N N 474 
TYR C   OXT  sing N N 475 
TYR CB  CG   sing N N 476 
TYR CB  HB2  sing N N 477 
TYR CB  HB3  sing N N 478 
TYR CG  CD1  doub Y N 479 
TYR CG  CD2  sing Y N 480 
TYR CD1 CE1  sing Y N 481 
TYR CD1 HD1  sing N N 482 
TYR CD2 CE2  doub Y N 483 
TYR CD2 HD2  sing N N 484 
TYR CE1 CZ   doub Y N 485 
TYR CE1 HE1  sing N N 486 
TYR CE2 CZ   sing Y N 487 
TYR CE2 HE2  sing N N 488 
TYR CZ  OH   sing N N 489 
TYR OH  HH   sing N N 490 
TYR OXT HXT  sing N N 491 
VAL N   CA   sing N N 492 
VAL N   H    sing N N 493 
VAL N   H2   sing N N 494 
VAL CA  C    sing N N 495 
VAL CA  CB   sing N N 496 
VAL CA  HA   sing N N 497 
VAL C   O    doub N N 498 
VAL C   OXT  sing N N 499 
VAL CB  CG1  sing N N 500 
VAL CB  CG2  sing N N 501 
VAL CB  HB   sing N N 502 
VAL CG1 HG11 sing N N 503 
VAL CG1 HG12 sing N N 504 
VAL CG1 HG13 sing N N 505 
VAL CG2 HG21 sing N N 506 
VAL CG2 HG22 sing N N 507 
VAL CG2 HG23 sing N N 508 
VAL OXT HXT  sing N N 509 
# 
loop_
_pdbx_branch_scheme.asym_id 
_pdbx_branch_scheme.entity_id 
_pdbx_branch_scheme.mon_id 
_pdbx_branch_scheme.num 
_pdbx_branch_scheme.pdb_asym_id 
_pdbx_branch_scheme.pdb_mon_id 
_pdbx_branch_scheme.pdb_seq_num 
_pdbx_branch_scheme.auth_asym_id 
_pdbx_branch_scheme.auth_mon_id 
_pdbx_branch_scheme.auth_seq_num 
_pdbx_branch_scheme.hetero 
C 3 MUB 1 A MUB 1 S MUB 165 n 
C 3 NAG 2 A NAG 2 S NAG 164 n 
# 
loop_
_pdbx_chem_comp_identifier.comp_id 
_pdbx_chem_comp_identifier.type 
_pdbx_chem_comp_identifier.program 
_pdbx_chem_comp_identifier.program_version 
_pdbx_chem_comp_identifier.identifier 
MUB 'IUPAC CARBOHYDRATE SYMBOL'           PDB-CARE 1.0 a-D-GlcpNAc3<C3O2>             
MUB 'SNFG CARBOHYDRATE SYMBOL'            GMML     1.0 MurNAc                         
NAG 'CONDENSED IUPAC CARBOHYDRATE SYMBOL' GMML     1.0 DGlcpNAcb                      
NAG 'COMMON NAME'                         GMML     1.0 N-acetyl-b-D-glucopyranosamine 
NAG 'IUPAC CARBOHYDRATE SYMBOL'           PDB-CARE 1.0 b-D-GlcpNAc                    
NAG 'SNFG CARBOHYDRATE SYMBOL'            GMML     1.0 GlcNAc                         
# 
_pdbx_entity_branch.entity_id   3 
_pdbx_entity_branch.type        oligosaccharide 
# 
loop_
_pdbx_entity_branch_descriptor.ordinal 
_pdbx_entity_branch_descriptor.entity_id 
_pdbx_entity_branch_descriptor.descriptor 
_pdbx_entity_branch_descriptor.type 
_pdbx_entity_branch_descriptor.program 
_pdbx_entity_branch_descriptor.program_version 
1 3 DGlcpNAcb1-4MurNAc1-ROH                                                                        'Glycam Condensed Sequence' 
GMML       1.0   
2 3 'WURCS=2.0/2,2,1/[a2122h-1a_1-5_2*NCC/3=O_3*OC^RCO/4=O/3C][a2122h-1b_1-5_2*NCC/3=O]/1-2/a4-b1' WURCS                       
PDB2Glycan 1.1.0 
3 3 '[][D-1-deoxy-GlcpNAc]{[(3+1)][&lt;C3O1&gt;]{}[(4+1)][b-D-GlcpNAc]{}}'                         LINUCS                      
PDB-CARE   ?     
# 
_pdbx_entity_branch_link.link_id                    1 
_pdbx_entity_branch_link.entity_id                  3 
_pdbx_entity_branch_link.entity_branch_list_num_1   2 
_pdbx_entity_branch_link.comp_id_1                  NAG 
_pdbx_entity_branch_link.atom_id_1                  C1 
_pdbx_entity_branch_link.leaving_atom_id_1          O1 
_pdbx_entity_branch_link.entity_branch_list_num_2   1 
_pdbx_entity_branch_link.comp_id_2                  MUB 
_pdbx_entity_branch_link.atom_id_2                  O4 
_pdbx_entity_branch_link.leaving_atom_id_2          HO4 
_pdbx_entity_branch_link.value_order                sing 
_pdbx_entity_branch_link.details                    ? 
# 
loop_
_pdbx_entity_branch_list.entity_id 
_pdbx_entity_branch_list.comp_id 
_pdbx_entity_branch_list.num 
_pdbx_entity_branch_list.hetero 
3 MUB 1 n 
3 NAG 2 n 
# 
loop_
_pdbx_entity_nonpoly.entity_id 
_pdbx_entity_nonpoly.name 
_pdbx_entity_nonpoly.comp_id 
4 BETA-MERCAPTOETHANOL BME 
5 water                HOH 
# 
